data_8E3T
#
_entry.id   8E3T
#
_cell.length_a   76.607
_cell.length_b   127.968
_cell.length_c   107.269
_cell.angle_alpha   90.00
_cell.angle_beta   108.85
_cell.angle_gamma   90.00
#
_symmetry.space_group_name_H-M   'P 1 21 1'
#
loop_
_entity.id
_entity.type
_entity.pdbx_description
1 polymer 'Nitrogenase molybdenum-iron protein alpha chain'
2 polymer 'Nitrogenase molybdenum-iron protein beta chain'
3 non-polymer '3-HYDROXY-3-CARBOXY-ADIPIC ACID'
4 non-polymer 'iron-sulfur-molybdenum cluster with interstitial carbon'
5 non-polymer 'FE(7)-S(7) CLUSTER'
6 non-polymer 'FE (III) ION'
7 non-polymer 'SODIUM ION'
8 water water
#
loop_
_entity_poly.entity_id
_entity_poly.type
_entity_poly.pdbx_seq_one_letter_code
_entity_poly.pdbx_strand_id
1 'polypeptide(L)'
;MTGMSREEVESLIQEVLEVYPEKARKDRNKHLAVNDPAVTQSKKCIISNKKSQPGLMTIRGCAYAGSKGVVWGPIKDMIH
ISHGPVGCGQYSRAGRRNYYIGTTGVNAFVTMNFTSDFQEKDIVFGGDKKLAKLIDEVETLFPLNKGISVQSECPIGLIG
DDIESVSKVKGAELSKTIVPVRCEGFRGVSQSLGHHIANDAVRDWVLGKRDEDTTFASTPYDVAIIGDYNIGGDAWSSRI
LLEEMGLRCVAQWSGDGSISEIELTPKVKLNLVHCYRSMNYISRHMEEKYGIPWMEYNFFGPTKTIESLRAIAAKFDESI
QKKCEEVIAKYKPEWEAVVAKYRPRLEGKRVMLYIGGLRPRHVIGAYEDLGMEVVGTGYEFAHNDDYDRTMKEMGDSTLL
YDDVTGYEFEEFVKRIKPDLIGSGIKEKFIFQKMGIPFREMHSWDYSGPYHGFDGFAIFARDMDMTLNNPCWKKLQAPWE
ASEGAEKVAASA
;
A,C
2 'polypeptide(L)'
;MSQQVDKIKASYPLFLDQDYKDMLAKKRDGFEEKYPQDKIDEVFQWTTTKEYQELNFQREALTVNPAKACQPLGAVLCAL
GFEKTMPYVHGSQGCVAYFRSYFNRHFREPVSCVSDSMTEDAAVFGGQQNMKDGLQNCKATYKPDMIAVSTTCMAEVIGD
DLNAFINNSKKEGFIPDEFPVPFAHTPAFVGSHVTGWDNMFEGIARYFTLKSMDDKVVGSNKKINIVPGFETYLGNFRVI
KRMLSEMGVGYSLLSDPEEVLDTPADGQFRMYAGGTTQEEMKDAPNALNTVLLQPWHLEKTKKFVEGTWKHEVPKLNIPM
GLDWTDEFLMKVSEISGQPIPASLTKERGRLVDMMTDSHTWLHGKRFALWGDPDFVMGLVKFLLELGCEPVHILCHNGNK
RWKKAVDAILAASPYGKNATVYIGKDLWHLRSLVFTDKPDFMIGNSYGKFIQRDTLHKGKEFEVPLIRIGFPIFDRHHLH
RSTTLGYEGAMQILTTLVNSILERLDEETRGMQATDYNHDLVR
;
B,D
#
loop_
_chem_comp.id
_chem_comp.type
_chem_comp.name
_chem_comp.formula
FE non-polymer 'FE (III) ION' 'Fe 3'
HCA non-polymer '3-HYDROXY-3-CARBOXY-ADIPIC ACID' 'C7 H10 O7'
ICS non-polymer 'iron-sulfur-molybdenum cluster with interstitial carbon' 'C Fe7 Mo S9'
NA non-polymer 'SODIUM ION' 'Na 1'
UFF non-polymer 'FE(7)-S(7) CLUSTER' 'Fe7 S7'
#
# COMPACT_ATOMS: atom_id res chain seq x y z
N SER A 5 -14.83 -19.74 44.66
CA SER A 5 -14.06 -18.73 45.44
C SER A 5 -13.47 -19.32 46.74
N ARG A 6 -12.50 -18.63 47.36
CA ARG A 6 -11.77 -19.06 48.58
C ARG A 6 -11.07 -20.40 48.35
N GLU A 7 -11.72 -21.49 48.70
CA GLU A 7 -11.11 -22.83 48.59
C GLU A 7 -10.92 -23.15 47.13
N GLU A 8 -11.78 -22.61 46.27
CA GLU A 8 -11.68 -22.87 44.82
C GLU A 8 -10.42 -22.20 44.27
N VAL A 9 -10.01 -21.04 44.78
CA VAL A 9 -8.76 -20.40 44.35
C VAL A 9 -7.55 -21.09 44.97
N GLU A 10 -7.68 -21.42 46.23
CA GLU A 10 -6.54 -21.99 46.99
C GLU A 10 -6.13 -23.30 46.37
N SER A 11 -7.09 -24.08 45.92
CA SER A 11 -6.83 -25.39 45.27
C SER A 11 -6.34 -25.17 43.84
N LEU A 12 -6.76 -24.10 43.18
CA LEU A 12 -6.22 -23.78 41.83
C LEU A 12 -4.74 -23.46 42.06
N ILE A 13 -4.42 -22.77 43.16
CA ILE A 13 -3.05 -22.32 43.39
C ILE A 13 -2.13 -23.53 43.56
N GLN A 14 -2.48 -24.49 44.39
CA GLN A 14 -1.67 -25.69 44.65
C GLN A 14 -1.66 -26.59 43.42
N GLU A 15 -2.79 -26.73 42.74
CA GLU A 15 -2.94 -27.57 41.53
C GLU A 15 -1.90 -27.18 40.47
N VAL A 16 -1.77 -25.90 40.17
CA VAL A 16 -0.80 -25.41 39.15
C VAL A 16 0.64 -25.54 39.67
N LEU A 17 0.88 -25.46 40.97
CA LEU A 17 2.24 -25.52 41.48
C LEU A 17 2.84 -26.92 41.44
N GLU A 18 2.01 -27.96 41.27
CA GLU A 18 2.55 -29.32 41.31
C GLU A 18 3.47 -29.63 40.15
N VAL A 19 3.54 -28.76 39.13
CA VAL A 19 4.43 -29.04 38.00
C VAL A 19 5.85 -28.60 38.30
N TYR A 20 6.06 -27.71 39.27
CA TYR A 20 7.39 -27.16 39.49
C TYR A 20 8.24 -28.16 40.28
N PRO A 21 9.57 -28.06 40.17
CA PRO A 21 10.42 -28.69 41.18
C PRO A 21 10.18 -28.02 42.53
N GLU A 22 10.58 -28.70 43.61
CA GLU A 22 10.11 -28.24 44.92
C GLU A 22 10.70 -26.89 45.32
N LYS A 23 11.94 -26.58 44.94
CA LYS A 23 12.49 -25.28 45.33
C LYS A 23 11.70 -24.15 44.68
N ALA A 24 11.35 -24.31 43.39
CA ALA A 24 10.51 -23.32 42.74
C ALA A 24 9.08 -23.39 43.25
N ARG A 25 8.58 -24.60 43.54
CA ARG A 25 7.23 -24.73 44.07
C ARG A 25 7.11 -24.06 45.43
N LYS A 26 8.15 -24.18 46.27
CA LYS A 26 8.09 -23.61 47.60
C LYS A 26 8.12 -22.09 47.54
N ASP A 27 8.96 -21.55 46.67
CA ASP A 27 9.11 -20.10 46.49
C ASP A 27 7.82 -19.52 45.93
N ARG A 28 7.32 -20.06 44.83
CA ARG A 28 6.14 -19.52 44.14
C ARG A 28 4.87 -19.68 44.96
N ASN A 29 4.84 -20.62 45.90
CA ASN A 29 3.73 -20.69 46.84
C ASN A 29 3.61 -19.40 47.64
N LYS A 30 4.74 -18.75 47.92
CA LYS A 30 4.75 -17.54 48.73
C LYS A 30 4.29 -16.31 47.95
N HIS A 31 4.25 -16.38 46.62
CA HIS A 31 3.90 -15.24 45.80
C HIS A 31 2.49 -15.34 45.22
N LEU A 32 1.72 -16.35 45.61
CA LEU A 32 0.35 -16.51 45.17
C LEU A 32 -0.57 -16.48 46.38
N ALA A 33 -1.52 -15.54 46.38
CA ALA A 33 -2.34 -15.29 47.54
C ALA A 33 -3.80 -15.10 47.16
N VAL A 34 -4.72 -15.33 48.08
CA VAL A 34 -6.17 -15.01 47.89
C VAL A 34 -6.47 -13.95 48.95
N ASN A 35 -7.27 -12.93 48.61
CA ASN A 35 -7.56 -11.78 49.51
C ASN A 35 -8.63 -12.16 50.54
N ALA A 38 -8.71 -9.56 57.82
CA ALA A 38 -7.45 -9.22 58.53
C ALA A 38 -6.28 -9.25 57.54
N VAL A 39 -6.48 -8.70 56.34
CA VAL A 39 -5.41 -8.64 55.32
C VAL A 39 -4.96 -7.19 55.22
N THR A 40 -5.02 -6.48 56.34
CA THR A 40 -4.53 -5.10 56.33
C THR A 40 -3.02 -5.19 56.09
N GLN A 41 -2.44 -6.36 56.30
CA GLN A 41 -0.96 -6.44 56.22
C GLN A 41 -0.46 -7.46 55.20
N SER A 42 0.04 -6.97 54.07
CA SER A 42 0.72 -7.76 53.03
C SER A 42 1.69 -8.69 53.75
N LYS A 43 2.68 -8.13 54.42
CA LYS A 43 3.52 -8.97 55.27
C LYS A 43 2.45 -9.75 55.98
N LYS A 44 2.40 -11.07 55.75
CA LYS A 44 1.29 -11.89 56.30
C LYS A 44 0.45 -12.64 55.27
N CYS A 45 0.54 -12.36 53.95
CA CYS A 45 -0.29 -13.30 53.13
C CYS A 45 0.38 -13.49 51.76
N ILE A 46 1.29 -12.59 51.38
CA ILE A 46 2.06 -12.68 50.10
C ILE A 46 3.41 -12.00 50.29
N ILE A 47 4.45 -12.54 49.68
CA ILE A 47 5.80 -11.88 49.70
C ILE A 47 5.99 -11.25 48.34
N SER A 48 6.77 -10.20 48.29
CA SER A 48 7.02 -9.50 47.05
C SER A 48 8.45 -8.97 47.02
N ASN A 49 8.83 -8.45 45.85
CA ASN A 49 10.13 -7.81 45.66
C ASN A 49 11.29 -8.75 45.95
N LYS A 50 11.20 -9.98 45.45
CA LYS A 50 12.27 -10.95 45.62
C LYS A 50 12.84 -11.34 44.26
N LYS A 51 13.91 -12.12 44.29
CA LYS A 51 14.48 -12.70 43.09
C LYS A 51 13.41 -13.49 42.33
N SER A 52 13.47 -13.41 41.00
CA SER A 52 12.69 -14.30 40.14
C SER A 52 13.34 -15.69 40.06
N GLN A 53 12.49 -16.71 39.97
CA GLN A 53 12.98 -18.07 39.81
C GLN A 53 13.55 -18.26 38.41
N PRO A 54 14.71 -18.90 38.28
CA PRO A 54 15.30 -19.08 36.95
C PRO A 54 14.48 -20.04 36.11
N GLY A 55 14.35 -19.71 34.83
CA GLY A 55 13.75 -20.62 33.87
C GLY A 55 12.24 -20.70 33.91
N LEU A 56 11.56 -19.76 34.55
CA LEU A 56 10.11 -19.79 34.66
C LEU A 56 9.41 -18.74 33.82
N MET A 57 10.15 -18.01 32.99
CA MET A 57 9.59 -17.01 32.06
C MET A 57 8.85 -15.91 32.82
N THR A 58 9.65 -15.14 33.55
CA THR A 58 9.14 -13.94 34.21
C THR A 58 8.81 -12.86 33.18
N ILE A 59 7.78 -12.06 33.50
CA ILE A 59 7.44 -10.89 32.68
C ILE A 59 8.27 -9.68 33.05
N ARG A 60 9.12 -9.79 34.06
CA ARG A 60 9.84 -8.65 34.60
C ARG A 60 10.84 -8.07 33.60
N GLY A 61 11.22 -6.82 33.85
CA GLY A 61 12.31 -6.18 33.15
C GLY A 61 13.53 -6.00 34.03
N CYS A 62 14.33 -4.97 33.75
CA CYS A 62 15.60 -4.77 34.43
C CYS A 62 15.65 -3.37 35.05
N ALA A 63 16.76 -3.10 35.75
CA ALA A 63 16.95 -1.79 36.37
C ALA A 63 17.25 -0.69 35.36
N TYR A 64 17.79 -1.05 34.19
CA TYR A 64 17.94 -0.08 33.11
C TYR A 64 16.58 0.36 32.58
N ALA A 65 15.69 -0.61 32.35
CA ALA A 65 14.32 -0.27 31.95
C ALA A 65 13.64 0.59 33.00
N GLY A 66 13.99 0.40 34.27
CA GLY A 66 13.40 1.20 35.34
C GLY A 66 13.94 2.61 35.44
N SER A 67 15.15 2.84 34.93
CA SER A 67 15.75 4.17 34.94
C SER A 67 15.61 4.86 33.60
N LYS A 68 16.22 4.28 32.55
CA LYS A 68 16.15 4.89 31.23
C LYS A 68 14.75 4.80 30.65
N GLY A 69 14.14 3.62 30.72
CA GLY A 69 12.83 3.43 30.13
C GLY A 69 11.74 4.31 30.70
N VAL A 70 11.55 4.27 32.01
CA VAL A 70 10.38 4.87 32.63
C VAL A 70 10.67 6.27 33.17
N VAL A 71 11.77 6.45 33.90
CA VAL A 71 11.98 7.72 34.61
C VAL A 71 12.76 8.72 33.78
N TRP A 72 13.93 8.35 33.25
CA TRP A 72 14.80 9.36 32.65
C TRP A 72 14.42 9.64 31.20
N GLY A 73 14.13 8.59 30.42
CA GLY A 73 13.81 8.74 29.02
C GLY A 73 12.84 9.84 28.69
N PRO A 74 11.71 9.91 29.42
CA PRO A 74 10.68 10.91 29.06
C PRO A 74 11.14 12.37 29.18
N ILE A 75 12.16 12.67 30.00
CA ILE A 75 12.66 14.04 30.12
C ILE A 75 13.10 14.50 28.75
N LYS A 76 12.42 15.50 28.20
CA LYS A 76 12.44 15.71 26.76
C LYS A 76 13.58 16.60 26.27
N ASP A 77 14.05 17.55 27.07
CA ASP A 77 15.10 18.51 26.61
C ASP A 77 16.49 18.00 27.00
N MET A 78 16.60 16.85 27.68
CA MET A 78 17.89 16.23 27.94
C MET A 78 18.10 15.10 26.95
N ILE A 79 19.37 14.77 26.69
CA ILE A 79 19.74 13.60 25.91
C ILE A 79 20.20 12.53 26.88
N HIS A 80 19.66 11.32 26.74
CA HIS A 80 19.93 10.22 27.64
C HIS A 80 20.77 9.19 26.90
N ILE A 81 21.95 8.89 27.42
CA ILE A 81 22.93 8.03 26.77
C ILE A 81 22.76 6.61 27.32
N SER A 82 22.42 5.67 26.44
CA SER A 82 22.45 4.26 26.77
C SER A 82 23.90 3.80 26.66
N HIS A 83 24.63 3.83 27.79
CA HIS A 83 26.08 3.54 27.84
C HIS A 83 26.30 2.03 27.91
N GLY A 84 26.81 1.44 26.84
CA GLY A 84 27.00 0.01 26.75
C GLY A 84 26.74 -0.47 25.34
N PRO A 85 26.48 -1.78 25.18
CA PRO A 85 26.25 -2.30 23.81
C PRO A 85 24.95 -1.81 23.21
N VAL A 86 24.66 -2.19 21.98
CA VAL A 86 23.50 -1.66 21.20
C VAL A 86 22.15 -2.23 21.64
N GLY A 87 22.08 -3.40 22.25
CA GLY A 87 20.77 -4.00 22.56
C GLY A 87 19.81 -3.12 23.34
N CYS A 88 20.21 -2.50 24.45
CA CYS A 88 19.25 -1.92 25.38
C CYS A 88 18.60 -0.66 24.80
N GLY A 89 19.41 0.23 24.23
CA GLY A 89 18.86 1.44 23.63
C GLY A 89 17.95 1.16 22.45
N GLN A 90 18.23 0.09 21.71
CA GLN A 90 17.45 -0.20 20.51
C GLN A 90 16.11 -0.85 20.87
N TYR A 91 16.12 -1.80 21.80
CA TYR A 91 14.89 -2.50 22.15
C TYR A 91 13.91 -1.59 22.87
N SER A 92 14.41 -0.56 23.54
CA SER A 92 13.56 0.40 24.24
C SER A 92 13.34 1.69 23.46
N ARG A 93 13.84 1.77 22.23
CA ARG A 93 13.63 2.97 21.42
C ARG A 93 12.15 3.16 21.15
N ALA A 94 11.56 4.21 21.70
CA ALA A 94 10.19 4.62 21.39
C ALA A 94 9.19 3.53 21.69
N GLY A 95 9.51 2.62 22.61
CA GLY A 95 8.59 1.56 22.97
C GLY A 95 7.56 2.00 24.00
N ARG A 96 7.91 3.00 24.80
CA ARG A 96 7.01 3.55 25.81
C ARG A 96 6.49 4.89 25.29
N ARG A 97 5.17 5.07 25.33
CA ARG A 97 4.56 6.25 24.73
C ARG A 97 4.47 7.39 25.74
N ASN A 98 5.64 7.80 26.21
CA ASN A 98 5.77 8.96 27.11
C ASN A 98 5.66 10.21 26.26
N TYR A 99 4.42 10.66 26.04
CA TYR A 99 4.15 11.72 25.08
C TYR A 99 4.74 13.05 25.53
N TYR A 100 5.08 13.89 24.55
CA TYR A 100 5.74 15.15 24.81
C TYR A 100 5.51 16.08 23.63
N ILE A 101 5.64 17.38 23.90
CA ILE A 101 5.66 18.41 22.87
C ILE A 101 7.11 18.83 22.66
N GLY A 102 7.59 18.75 21.42
CA GLY A 102 8.94 19.19 21.13
C GLY A 102 9.28 18.96 19.67
N THR A 103 10.43 19.51 19.28
CA THR A 103 10.97 19.36 17.93
C THR A 103 12.09 18.33 18.02
N THR A 104 11.78 17.08 17.65
CA THR A 104 12.69 15.98 17.91
C THR A 104 13.96 16.11 17.07
N GLY A 105 15.11 15.95 17.73
CA GLY A 105 16.39 16.11 17.10
C GLY A 105 17.00 17.49 17.25
N VAL A 106 16.19 18.48 17.62
CA VAL A 106 16.65 19.87 17.72
C VAL A 106 16.63 20.33 19.18
N ASN A 107 15.44 20.37 19.80
CA ASN A 107 15.32 20.72 21.20
C ASN A 107 14.70 19.62 22.06
N ALA A 108 14.21 18.54 21.45
CA ALA A 108 13.66 17.40 22.16
C ALA A 108 14.25 16.13 21.56
N PHE A 109 14.34 15.08 22.39
CA PHE A 109 15.09 13.90 21.97
C PHE A 109 14.52 12.58 22.50
N VAL A 110 13.24 12.54 22.87
CA VAL A 110 12.73 11.40 23.62
C VAL A 110 12.78 10.12 22.79
N THR A 111 12.33 10.18 21.55
CA THR A 111 12.19 8.98 20.74
C THR A 111 13.46 8.59 20.00
N MET A 112 14.55 9.34 20.17
CA MET A 112 15.82 8.98 19.55
C MET A 112 16.58 8.00 20.44
N ASN A 113 17.62 7.41 19.86
CA ASN A 113 18.46 6.43 20.55
C ASN A 113 19.92 6.88 20.51
N PHE A 114 20.39 7.45 21.62
CA PHE A 114 21.80 7.76 21.79
C PHE A 114 22.46 6.63 22.57
N THR A 115 23.59 6.14 22.06
CA THR A 115 24.28 5.03 22.69
C THR A 115 25.76 5.06 22.34
N SER A 116 26.58 4.51 23.23
CA SER A 116 28.01 4.38 23.00
C SER A 116 28.38 3.14 22.21
N ASP A 117 27.44 2.22 22.00
CA ASP A 117 27.63 1.05 21.14
C ASP A 117 28.94 0.32 21.48
N PHE A 118 28.94 -0.27 22.67
CA PHE A 118 30.12 -0.95 23.17
C PHE A 118 30.56 -2.07 22.22
N GLN A 119 31.83 -2.07 21.89
CA GLN A 119 32.45 -3.18 21.14
C GLN A 119 33.38 -3.84 22.16
N GLU A 120 34.06 -4.90 21.77
CA GLU A 120 34.94 -5.62 22.70
C GLU A 120 36.11 -4.76 23.13
N LYS A 121 36.61 -3.89 22.26
CA LYS A 121 37.69 -2.98 22.64
C LYS A 121 37.32 -2.19 23.89
N ASP A 122 36.07 -1.77 24.01
CA ASP A 122 35.63 -1.01 25.17
C ASP A 122 35.50 -1.88 26.41
N ILE A 123 35.12 -3.15 26.24
CA ILE A 123 35.16 -4.09 27.36
C ILE A 123 36.58 -4.27 27.86
N VAL A 124 37.53 -4.42 26.93
CA VAL A 124 38.92 -4.64 27.30
C VAL A 124 39.49 -3.41 28.01
N PHE A 125 39.49 -2.26 27.33
CA PHE A 125 40.17 -1.08 27.85
C PHE A 125 39.29 -0.16 28.67
N GLY A 126 37.98 -0.34 28.64
CA GLY A 126 37.11 0.55 29.38
C GLY A 126 36.49 1.61 28.49
N GLY A 127 35.28 2.02 28.84
CA GLY A 127 34.54 2.98 28.06
C GLY A 127 34.57 4.41 28.55
N ASP A 128 35.42 4.74 29.52
CA ASP A 128 35.40 6.07 30.11
C ASP A 128 35.91 7.12 29.13
N LYS A 129 36.93 6.78 28.33
CA LYS A 129 37.43 7.74 27.35
C LYS A 129 36.45 7.88 26.19
N LYS A 130 35.78 6.78 25.81
CA LYS A 130 34.79 6.84 24.74
C LYS A 130 33.60 7.72 25.14
N LEU A 131 33.22 7.66 26.42
CA LEU A 131 32.08 8.47 26.87
C LEU A 131 32.40 9.95 26.83
N ALA A 132 33.63 10.32 27.24
CA ALA A 132 34.01 11.73 27.19
C ALA A 132 34.04 12.25 25.77
N LYS A 133 34.56 11.45 24.83
CA LYS A 133 34.53 11.83 23.42
C LYS A 133 33.09 11.92 22.91
N LEU A 134 32.22 11.00 23.36
CA LEU A 134 30.84 11.02 22.93
C LEU A 134 30.13 12.28 23.44
N ILE A 135 30.40 12.66 24.69
CA ILE A 135 29.79 13.88 25.24
C ILE A 135 30.12 15.09 24.38
N ASP A 136 31.37 15.19 23.92
CA ASP A 136 31.74 16.31 23.05
C ASP A 136 30.99 16.25 21.73
N GLU A 137 30.85 15.05 21.15
CA GLU A 137 30.14 14.92 19.88
C GLU A 137 28.66 15.26 20.03
N VAL A 138 28.07 14.91 21.17
CA VAL A 138 26.69 15.33 21.43
C VAL A 138 26.58 16.85 21.43
N GLU A 139 27.56 17.53 22.03
CA GLU A 139 27.46 18.98 22.19
C GLU A 139 27.63 19.72 20.86
N THR A 140 28.39 19.15 19.93
CA THR A 140 28.55 19.80 18.63
C THR A 140 27.30 19.61 17.77
N LEU A 141 26.73 18.41 17.78
CA LEU A 141 25.64 18.06 16.89
C LEU A 141 24.25 18.36 17.45
N PHE A 142 24.10 18.44 18.77
CA PHE A 142 22.83 18.72 19.41
C PHE A 142 23.02 19.86 20.41
N PRO A 143 23.25 21.08 19.92
CA PRO A 143 23.62 22.19 20.82
C PRO A 143 22.52 22.61 21.77
N LEU A 144 21.26 22.30 21.49
CA LEU A 144 20.13 22.80 22.26
C LEU A 144 19.66 21.83 23.33
N ASN A 145 20.45 20.81 23.66
CA ASN A 145 20.13 19.96 24.79
C ASN A 145 20.53 20.69 26.07
N LYS A 146 19.71 20.53 27.11
CA LYS A 146 19.90 21.26 28.36
C LYS A 146 20.37 20.35 29.49
N GLY A 147 21.10 19.31 29.15
CA GLY A 147 21.55 18.33 30.12
C GLY A 147 21.72 16.98 29.47
N ILE A 148 22.57 16.17 30.10
CA ILE A 148 22.88 14.84 29.61
C ILE A 148 22.82 13.87 30.78
N SER A 149 22.26 12.69 30.54
CA SER A 149 22.30 11.61 31.51
C SER A 149 22.97 10.40 30.87
N VAL A 150 23.65 9.62 31.70
CA VAL A 150 24.35 8.42 31.28
C VAL A 150 23.67 7.25 31.98
N GLN A 151 22.93 6.46 31.21
CA GLN A 151 22.18 5.33 31.73
C GLN A 151 23.04 4.09 31.53
N SER A 152 23.68 3.64 32.61
CA SER A 152 24.61 2.52 32.52
C SER A 152 23.87 1.23 32.24
N GLU A 153 24.34 0.49 31.25
CA GLU A 153 23.89 -0.87 31.00
C GLU A 153 24.88 -1.86 31.63
N CYS A 154 24.49 -3.11 31.61
CA CYS A 154 25.14 -4.18 32.37
C CYS A 154 26.65 -4.04 32.51
N PRO A 155 27.41 -3.95 31.41
CA PRO A 155 28.87 -4.10 31.54
C PRO A 155 29.56 -2.99 32.30
N ILE A 156 28.94 -1.81 32.44
CA ILE A 156 29.66 -0.64 32.93
C ILE A 156 30.25 -0.89 34.31
N GLY A 157 29.44 -1.38 35.23
CA GLY A 157 29.91 -1.61 36.59
C GLY A 157 30.80 -2.83 36.66
N LEU A 158 30.47 -3.87 35.91
CA LEU A 158 31.23 -5.12 35.89
C LEU A 158 32.65 -4.87 35.36
N ILE A 159 32.86 -3.96 34.42
CA ILE A 159 34.21 -3.77 33.81
C ILE A 159 35.01 -2.77 34.67
N GLY A 160 34.36 -2.08 35.58
CA GLY A 160 35.06 -1.14 36.50
C GLY A 160 35.17 0.27 35.97
N ASP A 161 34.25 0.71 35.10
CA ASP A 161 34.28 2.09 34.68
C ASP A 161 33.92 3.02 35.83
N ASP A 162 34.16 4.32 35.61
CA ASP A 162 33.87 5.36 36.59
C ASP A 162 33.18 6.48 35.82
N ILE A 163 31.87 6.32 35.58
CA ILE A 163 31.14 7.33 34.83
C ILE A 163 30.88 8.56 35.69
N GLU A 164 31.00 8.45 37.01
CA GLU A 164 30.85 9.61 37.87
C GLU A 164 31.99 10.60 37.65
N SER A 165 33.21 10.09 37.46
CA SER A 165 34.35 10.96 37.19
C SER A 165 34.21 11.64 35.83
N VAL A 166 33.86 10.87 34.80
CA VAL A 166 33.59 11.47 33.50
C VAL A 166 32.55 12.58 33.64
N SER A 167 31.46 12.28 34.35
CA SER A 167 30.38 13.26 34.50
C SER A 167 30.86 14.50 35.26
N LYS A 168 31.67 14.31 36.30
CA LYS A 168 32.16 15.44 37.06
C LYS A 168 33.19 16.24 36.28
N VAL A 169 34.07 15.55 35.55
CA VAL A 169 35.09 16.25 34.77
C VAL A 169 34.45 16.97 33.60
N LYS A 170 33.64 16.26 32.81
CA LYS A 170 33.03 16.85 31.63
C LYS A 170 32.00 17.92 32.01
N GLY A 171 31.25 17.70 33.09
CA GLY A 171 30.27 18.68 33.51
C GLY A 171 30.89 20.05 33.77
N ALA A 172 32.08 20.09 34.36
CA ALA A 172 32.78 21.36 34.64
C ALA A 172 33.33 21.96 33.36
N GLU A 173 33.89 21.16 32.48
CA GLU A 173 34.54 21.70 31.27
C GLU A 173 33.49 22.37 30.42
N LEU A 174 32.30 21.81 30.40
CA LEU A 174 31.24 22.27 29.50
C LEU A 174 30.17 23.03 30.26
N SER A 175 30.31 23.21 31.57
CA SER A 175 29.27 23.88 32.34
C SER A 175 27.90 23.29 32.05
N LYS A 176 27.85 21.96 31.96
CA LYS A 176 26.64 21.24 31.61
C LYS A 176 26.26 20.27 32.72
N THR A 177 24.96 20.03 32.86
CA THR A 177 24.46 19.02 33.77
C THR A 177 24.69 17.65 33.14
N ILE A 178 25.52 16.83 33.76
CA ILE A 178 25.77 15.47 33.29
C ILE A 178 25.51 14.53 34.46
N VAL A 179 24.50 13.67 34.30
CA VAL A 179 23.98 12.86 35.39
C VAL A 179 24.46 11.42 35.19
N PRO A 180 25.36 10.91 36.03
CA PRO A 180 25.68 9.48 35.98
C PRO A 180 24.59 8.67 36.69
N VAL A 181 24.08 7.66 36.01
CA VAL A 181 23.05 6.78 36.57
C VAL A 181 23.57 5.35 36.50
N ARG A 182 23.76 4.74 37.66
CA ARG A 182 24.31 3.40 37.74
C ARG A 182 23.14 2.40 37.82
N CYS A 183 22.47 2.26 36.68
CA CYS A 183 21.27 1.44 36.58
C CYS A 183 21.52 0.13 35.82
N GLU A 184 22.71 -0.45 35.98
CA GLU A 184 23.05 -1.68 35.30
C GLU A 184 22.01 -2.76 35.58
N GLY A 185 21.69 -3.53 34.53
CA GLY A 185 20.56 -4.44 34.58
C GLY A 185 20.64 -5.53 35.64
N PHE A 186 21.85 -5.85 36.12
CA PHE A 186 21.99 -6.89 37.12
C PHE A 186 21.73 -6.41 38.55
N ARG A 187 21.69 -5.09 38.71
CA ARG A 187 21.38 -4.48 40.01
C ARG A 187 19.89 -4.69 40.25
N GLY A 188 19.53 -5.20 41.41
CA GLY A 188 18.13 -5.42 41.80
C GLY A 188 17.53 -6.70 41.30
N VAL A 189 16.22 -6.84 41.37
CA VAL A 189 15.50 -8.06 40.95
C VAL A 189 14.53 -7.66 39.85
N SER A 190 14.49 -6.37 39.48
CA SER A 190 13.48 -5.83 38.55
C SER A 190 13.72 -4.36 38.20
N GLN A 191 12.76 -3.75 37.49
CA GLN A 191 12.78 -2.32 37.16
C GLN A 191 12.63 -1.54 38.45
N SER A 192 12.22 -2.17 39.55
CA SER A 192 11.97 -1.40 40.76
C SER A 192 13.22 -0.66 41.20
N LEU A 193 14.35 -1.35 41.29
CA LEU A 193 15.57 -0.68 41.75
C LEU A 193 15.99 0.42 40.79
N GLY A 194 15.63 0.30 39.51
CA GLY A 194 15.91 1.36 38.56
C GLY A 194 15.16 2.64 38.89
N HIS A 195 13.91 2.50 39.36
CA HIS A 195 13.20 3.65 39.90
C HIS A 195 13.98 4.28 41.03
N HIS A 196 14.40 3.46 42.00
CA HIS A 196 15.12 3.95 43.17
C HIS A 196 16.44 4.60 42.76
N ILE A 197 17.21 3.91 41.91
CA ILE A 197 18.48 4.46 41.44
C ILE A 197 18.27 5.78 40.73
N ALA A 198 17.21 5.86 39.91
CA ALA A 198 16.97 7.09 39.14
C ALA A 198 16.52 8.23 40.04
N ASN A 199 15.70 7.94 41.06
CA ASN A 199 15.28 8.98 42.00
C ASN A 199 16.48 9.59 42.72
N ASP A 200 17.43 8.75 43.12
CA ASP A 200 18.62 9.26 43.82
C ASP A 200 19.51 10.05 42.87
N ALA A 201 19.62 9.63 41.61
CA ALA A 201 20.42 10.37 40.65
C ALA A 201 19.82 11.75 40.40
N VAL A 202 18.48 11.83 40.35
CA VAL A 202 17.81 13.13 40.28
C VAL A 202 18.19 13.97 41.50
N ARG A 203 18.00 13.40 42.69
CA ARG A 203 18.29 14.12 43.92
C ARG A 203 19.71 14.65 43.95
N ASP A 204 20.68 13.82 43.61
CA ASP A 204 22.09 14.18 43.81
C ASP A 204 22.60 15.16 42.78
N TRP A 205 22.10 15.09 41.54
CA TRP A 205 22.71 15.82 40.42
C TRP A 205 21.82 16.86 39.78
N VAL A 206 20.53 16.92 40.10
CA VAL A 206 19.64 17.84 39.40
C VAL A 206 18.84 18.65 40.40
N LEU A 207 18.15 17.99 41.33
CA LEU A 207 17.17 18.67 42.21
C LEU A 207 17.78 19.83 42.96
N GLY A 208 19.05 19.78 43.33
CA GLY A 208 19.56 20.83 44.18
C GLY A 208 20.16 22.03 43.47
N LYS A 209 19.97 22.17 42.15
CA LYS A 209 20.64 23.21 41.42
C LYS A 209 20.02 24.58 41.66
N ARG A 210 18.76 24.63 42.11
CA ARG A 210 18.08 25.90 42.37
C ARG A 210 17.53 25.95 43.79
N ASP A 211 18.27 25.43 44.75
CA ASP A 211 17.86 25.51 46.19
C ASP A 211 18.06 26.94 46.69
N GLU A 212 19.13 27.61 46.29
CA GLU A 212 19.45 28.97 46.77
C GLU A 212 18.88 29.98 45.79
N ASP A 213 18.38 29.51 44.64
CA ASP A 213 17.75 30.38 43.62
C ASP A 213 16.31 30.61 44.02
N THR A 214 16.00 31.77 44.59
CA THR A 214 14.63 32.18 44.98
C THR A 214 14.10 33.18 43.94
N THR A 215 14.28 32.95 42.64
CA THR A 215 13.79 33.83 41.55
C THR A 215 12.31 33.53 41.29
N PHE A 216 11.97 32.37 40.74
CA PHE A 216 10.58 31.91 40.50
C PHE A 216 9.59 32.59 41.44
N ALA A 217 8.58 33.26 40.91
CA ALA A 217 7.52 33.85 41.74
C ALA A 217 6.53 32.75 42.13
N SER A 218 6.47 32.39 43.40
CA SER A 218 5.61 31.33 43.87
C SER A 218 4.22 31.86 44.21
N THR A 219 3.23 31.00 44.07
CA THR A 219 1.86 31.28 44.47
C THR A 219 1.43 30.23 45.48
N PRO A 220 0.39 30.51 46.29
CA PRO A 220 -0.07 29.51 47.27
C PRO A 220 -0.62 28.24 46.64
N TYR A 221 -0.92 28.26 45.34
CA TYR A 221 -1.56 27.12 44.67
C TYR A 221 -0.59 26.36 43.77
N ASP A 222 0.71 26.58 43.94
CA ASP A 222 1.70 25.87 43.13
C ASP A 222 1.76 24.39 43.53
N VAL A 223 1.82 23.53 42.51
CA VAL A 223 1.72 22.09 42.71
C VAL A 223 2.58 21.40 41.66
N ALA A 224 2.87 20.12 41.88
CA ALA A 224 3.63 19.32 40.94
C ALA A 224 3.00 17.95 40.79
N ILE A 225 3.03 17.42 39.57
CA ILE A 225 2.52 16.08 39.27
C ILE A 225 3.72 15.14 39.31
N ILE A 226 3.73 14.22 40.28
CA ILE A 226 4.85 13.32 40.50
C ILE A 226 4.39 11.91 40.18
N GLY A 227 5.08 11.25 39.25
CA GLY A 227 4.75 9.90 38.89
C GLY A 227 3.68 9.76 37.83
N ASP A 228 3.63 10.69 36.87
CA ASP A 228 2.77 10.55 35.70
C ASP A 228 3.66 10.72 34.49
N TYR A 229 3.75 9.67 33.68
CA TYR A 229 4.66 9.62 32.54
C TYR A 229 3.95 9.86 31.22
N ASN A 230 2.70 10.34 31.27
CA ASN A 230 2.01 10.86 30.11
C ASN A 230 1.85 9.79 29.02
N ILE A 231 1.49 8.58 29.45
CA ILE A 231 1.19 7.51 28.51
C ILE A 231 -0.03 7.90 27.70
N GLY A 232 0.15 8.14 26.40
CA GLY A 232 -0.93 8.57 25.57
C GLY A 232 -1.50 9.93 25.95
N GLY A 233 -0.77 10.69 26.77
CA GLY A 233 -1.25 11.96 27.24
C GLY A 233 -1.91 11.91 28.60
N ASP A 234 -1.62 10.91 29.42
CA ASP A 234 -2.31 10.75 30.70
C ASP A 234 -2.12 11.98 31.59
N ALA A 235 -0.93 12.56 31.60
CA ALA A 235 -0.66 13.70 32.46
C ALA A 235 -1.30 14.98 31.92
N TRP A 236 -1.37 15.13 30.60
CA TRP A 236 -2.07 16.26 30.02
C TRP A 236 -3.54 16.23 30.39
N SER A 237 -4.15 15.04 30.37
CA SER A 237 -5.55 14.91 30.78
C SER A 237 -5.73 15.05 32.29
N SER A 238 -4.64 15.11 33.05
CA SER A 238 -4.72 15.32 34.49
C SER A 238 -4.43 16.76 34.90
N ARG A 239 -3.43 17.40 34.31
CA ARG A 239 -3.12 18.77 34.69
C ARG A 239 -4.26 19.71 34.32
N ILE A 240 -4.97 19.44 33.22
CA ILE A 240 -6.07 20.32 32.82
C ILE A 240 -7.10 20.40 33.93
N LEU A 241 -7.36 19.29 34.61
CA LEU A 241 -8.32 19.29 35.71
C LEU A 241 -7.79 20.06 36.91
N LEU A 242 -6.51 19.87 37.25
CA LEU A 242 -5.93 20.58 38.38
C LEU A 242 -5.93 22.09 38.16
N GLU A 243 -5.64 22.52 36.93
CA GLU A 243 -5.59 23.96 36.64
C GLU A 243 -6.99 24.55 36.48
N GLU A 244 -7.96 23.75 36.07
CA GLU A 244 -9.36 24.23 36.04
C GLU A 244 -9.80 24.38 37.49
N MET A 245 -9.27 23.58 38.40
CA MET A 245 -9.55 23.74 39.82
C MET A 245 -8.86 24.94 40.42
N GLY A 246 -7.96 25.59 39.68
CA GLY A 246 -7.29 26.79 40.15
C GLY A 246 -5.84 26.58 40.54
N LEU A 247 -5.32 25.37 40.47
CA LEU A 247 -3.93 25.11 40.83
C LEU A 247 -3.01 25.43 39.66
N ARG A 248 -1.73 25.62 39.97
CA ARG A 248 -0.70 25.83 38.97
C ARG A 248 0.27 24.65 39.04
N CYS A 249 0.26 23.82 38.00
CA CYS A 249 1.17 22.68 37.91
C CYS A 249 2.52 23.22 37.44
N VAL A 250 3.44 23.39 38.39
CA VAL A 250 4.77 23.90 38.05
C VAL A 250 5.52 22.89 37.20
N ALA A 251 5.37 21.59 37.51
CA ALA A 251 6.18 20.57 36.87
C ALA A 251 5.41 19.25 36.82
N GLN A 252 5.66 18.50 35.74
CA GLN A 252 5.28 17.10 35.65
C GLN A 252 6.56 16.29 35.55
N TRP A 253 6.64 15.22 36.34
CA TRP A 253 7.78 14.28 36.39
C TRP A 253 7.31 12.96 35.81
N SER A 254 7.98 12.35 34.85
CA SER A 254 8.88 12.82 33.78
C SER A 254 8.13 13.00 32.43
N GLY A 255 6.91 12.51 32.31
CA GLY A 255 5.98 12.70 31.21
C GLY A 255 5.88 14.13 30.71
N ASP A 256 6.45 14.38 29.52
CA ASP A 256 6.50 15.73 28.95
C ASP A 256 7.22 16.71 29.87
N GLY A 257 8.14 16.20 30.69
CA GLY A 257 8.82 17.02 31.67
C GLY A 257 10.13 17.58 31.13
N SER A 258 10.42 18.82 31.51
CA SER A 258 11.69 19.46 31.20
C SER A 258 12.58 19.49 32.44
N ILE A 259 13.88 19.66 32.21
CA ILE A 259 14.81 19.72 33.33
C ILE A 259 14.53 20.95 34.19
N SER A 260 14.18 22.08 33.56
CA SER A 260 13.81 23.27 34.31
C SER A 260 12.60 23.00 35.18
N GLU A 261 11.62 22.26 34.67
CA GLU A 261 10.45 21.90 35.47
C GLU A 261 10.86 21.13 36.72
N ILE A 262 11.73 20.13 36.56
CA ILE A 262 12.21 19.36 37.71
C ILE A 262 12.94 20.28 38.67
N GLU A 263 13.82 21.14 38.15
CA GLU A 263 14.63 21.99 39.00
C GLU A 263 13.78 22.99 39.80
N LEU A 264 12.57 23.28 39.35
CA LEU A 264 11.68 24.20 40.07
C LEU A 264 10.76 23.49 41.04
N THR A 265 10.77 22.16 41.08
CA THR A 265 9.85 21.44 41.96
C THR A 265 10.04 21.79 43.43
N PRO A 266 11.26 22.05 43.93
CA PRO A 266 11.38 22.46 45.35
C PRO A 266 10.59 23.70 45.70
N LYS A 267 10.06 24.44 44.72
CA LYS A 267 9.32 25.66 45.00
C LYS A 267 7.85 25.41 45.32
N VAL A 268 7.32 24.24 44.97
CA VAL A 268 5.87 24.03 45.03
C VAL A 268 5.39 23.86 46.46
N LYS A 269 4.07 23.95 46.66
CA LYS A 269 3.46 23.80 47.97
C LYS A 269 3.04 22.37 48.28
N LEU A 270 2.87 21.54 47.26
CA LEU A 270 2.31 20.21 47.43
C LEU A 270 2.71 19.34 46.25
N ASN A 271 3.16 18.12 46.54
CA ASN A 271 3.53 17.15 45.53
C ASN A 271 2.41 16.13 45.37
N LEU A 272 1.86 16.03 44.18
CA LEU A 272 0.78 15.10 43.86
C LEU A 272 1.38 13.85 43.26
N VAL A 273 1.38 12.76 44.03
CA VAL A 273 2.01 11.50 43.64
C VAL A 273 0.95 10.60 43.02
N HIS A 274 1.10 10.29 41.74
CA HIS A 274 0.23 9.29 41.10
C HIS A 274 0.85 7.91 41.28
N CYS A 275 1.98 7.66 40.63
CA CYS A 275 2.69 6.40 40.78
C CYS A 275 3.51 6.45 42.07
N TYR A 276 2.96 5.88 43.13
CA TYR A 276 3.69 5.79 44.39
C TYR A 276 4.97 4.98 44.24
N ARG A 277 4.90 3.85 43.53
CA ARG A 277 6.01 2.92 43.51
C ARG A 277 7.28 3.57 42.96
N SER A 278 7.19 4.19 41.79
CA SER A 278 8.39 4.70 41.13
C SER A 278 8.87 6.03 41.67
N MET A 279 8.05 6.75 42.45
CA MET A 279 8.37 8.13 42.80
C MET A 279 8.19 8.44 44.29
N ASN A 280 7.94 7.45 45.13
CA ASN A 280 7.82 7.74 46.55
C ASN A 280 9.16 8.13 47.16
N TYR A 281 10.27 7.70 46.56
CA TYR A 281 11.59 7.99 47.13
C TYR A 281 11.86 9.49 47.11
N ILE A 282 11.77 10.11 45.93
CA ILE A 282 12.05 11.54 45.82
C ILE A 282 10.98 12.36 46.54
N SER A 283 9.76 11.82 46.64
CA SER A 283 8.69 12.55 47.33
C SER A 283 8.98 12.68 48.82
N ARG A 284 9.44 11.59 49.45
CA ARG A 284 9.80 11.68 50.86
C ARG A 284 10.99 12.61 51.06
N HIS A 285 11.93 12.63 50.11
CA HIS A 285 13.12 13.44 50.26
C HIS A 285 12.79 14.93 50.19
N MET A 286 11.89 15.33 49.28
CA MET A 286 11.49 16.72 49.20
C MET A 286 10.70 17.15 50.43
N GLU A 287 10.12 16.19 51.13
CA GLU A 287 9.40 16.49 52.39
C GLU A 287 10.45 16.72 53.48
N GLU A 288 11.55 15.97 53.47
CA GLU A 288 12.55 16.12 54.53
C GLU A 288 13.36 17.39 54.34
N LYS A 289 13.82 17.67 53.13
CA LYS A 289 14.74 18.78 52.92
C LYS A 289 14.03 20.10 52.68
N TYR A 290 12.93 20.12 51.94
CA TYR A 290 12.26 21.37 51.60
C TYR A 290 10.94 21.56 52.32
N GLY A 291 10.46 20.57 53.07
CA GLY A 291 9.22 20.70 53.81
C GLY A 291 7.96 20.49 53.00
N ILE A 292 8.07 20.21 51.71
CA ILE A 292 6.91 20.08 50.84
C ILE A 292 6.16 18.79 51.17
N PRO A 293 4.89 18.86 51.54
CA PRO A 293 4.12 17.62 51.76
C PRO A 293 3.77 16.95 50.44
N TRP A 294 3.38 15.68 50.53
CA TRP A 294 3.00 14.91 49.36
C TRP A 294 1.82 14.00 49.70
N MET A 295 0.95 13.80 48.72
CA MET A 295 -0.22 12.94 48.86
C MET A 295 -0.40 12.11 47.61
N GLU A 296 -0.99 10.92 47.77
CA GLU A 296 -1.31 10.05 46.66
C GLU A 296 -2.71 10.35 46.15
N TYR A 297 -2.92 10.08 44.87
CA TYR A 297 -4.21 10.36 44.25
C TYR A 297 -4.45 9.40 43.09
N ASN A 298 -5.69 9.42 42.58
CA ASN A 298 -6.14 8.46 41.57
C ASN A 298 -7.04 9.18 40.59
N PHE A 299 -6.63 9.21 39.32
CA PHE A 299 -7.40 9.82 38.25
C PHE A 299 -7.92 8.79 37.25
N PHE A 300 -8.13 7.54 37.71
CA PHE A 300 -8.69 6.49 36.87
C PHE A 300 -10.18 6.39 37.16
N GLY A 301 -11.01 6.81 36.21
CA GLY A 301 -12.45 6.73 36.35
C GLY A 301 -13.03 7.91 37.09
N PRO A 302 -14.33 8.17 36.89
CA PRO A 302 -14.93 9.35 37.53
C PRO A 302 -14.95 9.26 39.06
N THR A 303 -15.23 8.08 39.61
CA THR A 303 -15.31 7.96 41.06
C THR A 303 -13.99 8.36 41.71
N LYS A 304 -12.88 7.78 41.25
CA LYS A 304 -11.58 8.07 41.85
C LYS A 304 -11.13 9.50 41.56
N THR A 305 -11.42 10.00 40.36
CA THR A 305 -11.01 11.36 40.02
C THR A 305 -11.70 12.37 40.93
N ILE A 306 -12.99 12.21 41.15
CA ILE A 306 -13.73 13.13 42.02
C ILE A 306 -13.19 13.05 43.43
N GLU A 307 -13.00 11.83 43.94
CA GLU A 307 -12.43 11.65 45.27
C GLU A 307 -11.07 12.32 45.36
N SER A 308 -10.28 12.29 44.28
CA SER A 308 -8.95 12.90 44.30
C SER A 308 -9.03 14.42 44.21
N LEU A 309 -9.88 14.95 43.32
CA LEU A 309 -10.00 16.39 43.20
C LEU A 309 -10.44 17.03 44.52
N ARG A 310 -11.38 16.39 45.23
CA ARG A 310 -11.87 16.96 46.48
C ARG A 310 -10.85 16.82 47.59
N ALA A 311 -10.03 15.76 47.55
CA ALA A 311 -8.99 15.60 48.56
C ALA A 311 -7.85 16.59 48.33
N ILE A 312 -7.46 16.78 47.07
CA ILE A 312 -6.43 17.77 46.75
C ILE A 312 -6.92 19.16 47.12
N ALA A 313 -8.16 19.48 46.75
CA ALA A 313 -8.71 20.80 47.04
C ALA A 313 -8.78 21.05 48.55
N ALA A 314 -9.07 20.02 49.34
CA ALA A 314 -9.15 20.19 50.78
C ALA A 314 -7.83 20.64 51.38
N LYS A 315 -6.73 20.47 50.66
CA LYS A 315 -5.42 20.92 51.13
C LYS A 315 -5.17 22.41 50.88
N PHE A 316 -6.15 23.13 50.33
CA PHE A 316 -6.00 24.56 50.08
C PHE A 316 -7.12 25.33 50.77
N ASP A 317 -7.61 26.39 50.13
CA ASP A 317 -8.59 27.28 50.73
C ASP A 317 -9.95 27.09 50.05
N GLU A 318 -10.92 27.90 50.48
CA GLU A 318 -12.30 27.73 50.02
C GLU A 318 -12.44 28.01 48.53
N SER A 319 -11.63 28.92 47.98
CA SER A 319 -11.71 29.20 46.56
C SER A 319 -11.36 27.97 45.73
N ILE A 320 -10.32 27.24 46.13
CA ILE A 320 -9.92 26.04 45.39
C ILE A 320 -10.96 24.94 45.57
N GLN A 321 -11.49 24.78 46.78
CA GLN A 321 -12.53 23.79 47.01
C GLN A 321 -13.78 24.12 46.20
N LYS A 322 -14.04 25.40 46.03
CA LYS A 322 -15.21 25.88 45.26
C LYS A 322 -15.02 25.57 43.78
N LYS A 323 -13.87 25.92 43.23
CA LYS A 323 -13.59 25.61 41.84
C LYS A 323 -13.56 24.10 41.61
N CYS A 324 -13.18 23.33 42.63
CA CYS A 324 -13.27 21.88 42.55
C CYS A 324 -14.69 21.44 42.21
N GLU A 325 -15.69 21.95 42.96
CA GLU A 325 -17.08 21.58 42.69
C GLU A 325 -17.54 22.13 41.35
N GLU A 326 -16.97 23.23 40.88
CA GLU A 326 -17.29 23.72 39.53
C GLU A 326 -16.77 22.76 38.47
N VAL A 327 -15.52 22.29 38.63
CA VAL A 327 -14.99 21.30 37.69
C VAL A 327 -15.84 20.04 37.71
N ILE A 328 -16.16 19.56 38.91
CA ILE A 328 -16.96 18.34 39.03
C ILE A 328 -18.31 18.51 38.34
N ALA A 329 -18.95 19.66 38.52
CA ALA A 329 -20.25 19.88 37.92
C ALA A 329 -20.16 20.02 36.41
N LYS A 330 -19.01 20.48 35.89
CA LYS A 330 -18.81 20.67 34.43
C LYS A 330 -18.74 19.32 33.73
N TYR A 331 -17.93 18.40 34.26
CA TYR A 331 -17.72 17.12 33.62
C TYR A 331 -18.75 16.07 34.03
N LYS A 332 -19.59 16.36 35.03
CA LYS A 332 -20.59 15.38 35.46
C LYS A 332 -21.43 14.84 34.32
N PRO A 333 -22.05 15.67 33.47
CA PRO A 333 -22.87 15.11 32.39
C PRO A 333 -22.05 14.35 31.36
N GLU A 334 -20.76 14.68 31.21
CA GLU A 334 -19.95 14.02 30.19
C GLU A 334 -19.67 12.57 30.57
N TRP A 335 -19.16 12.32 31.76
CA TRP A 335 -18.86 10.93 32.17
C TRP A 335 -20.15 10.18 32.51
N GLU A 336 -21.23 10.88 32.83
CA GLU A 336 -22.51 10.18 33.00
C GLU A 336 -23.02 9.65 31.68
N ALA A 337 -22.79 10.39 30.59
CA ALA A 337 -23.15 9.89 29.27
C ALA A 337 -22.30 8.67 28.89
N VAL A 338 -21.03 8.66 29.31
CA VAL A 338 -20.16 7.55 28.99
C VAL A 338 -20.60 6.27 29.71
N VAL A 339 -20.91 6.37 31.00
CA VAL A 339 -21.38 5.20 31.72
C VAL A 339 -22.75 4.77 31.19
N ALA A 340 -23.63 5.73 30.90
CA ALA A 340 -24.95 5.39 30.38
C ALA A 340 -24.84 4.64 29.05
N LYS A 341 -23.83 4.95 28.25
CA LYS A 341 -23.64 4.27 26.98
C LYS A 341 -22.95 2.92 27.15
N TYR A 342 -21.92 2.85 27.99
CA TYR A 342 -21.01 1.71 27.98
C TYR A 342 -21.22 0.74 29.13
N ARG A 343 -21.68 1.18 30.30
CA ARG A 343 -21.85 0.24 31.41
C ARG A 343 -22.84 -0.87 31.07
N PRO A 344 -23.98 -0.61 30.44
CA PRO A 344 -24.86 -1.72 30.03
C PRO A 344 -24.14 -2.77 29.19
N ARG A 345 -23.15 -2.37 28.41
CA ARG A 345 -22.41 -3.29 27.56
C ARG A 345 -21.25 -3.99 28.27
N LEU A 346 -20.90 -3.56 29.47
CA LEU A 346 -19.78 -4.15 30.20
C LEU A 346 -20.16 -4.65 31.59
N GLU A 347 -21.39 -4.40 32.05
CA GLU A 347 -21.77 -4.79 33.40
C GLU A 347 -21.71 -6.30 33.56
N GLY A 348 -21.26 -6.73 34.73
CA GLY A 348 -21.19 -8.14 35.04
C GLY A 348 -20.04 -8.88 34.42
N LYS A 349 -19.20 -8.21 33.63
CA LYS A 349 -18.07 -8.87 33.00
C LYS A 349 -16.87 -8.84 33.94
N ARG A 350 -16.11 -9.93 33.96
CA ARG A 350 -15.03 -10.15 34.91
C ARG A 350 -13.69 -10.02 34.21
N VAL A 351 -12.75 -9.36 34.88
CA VAL A 351 -11.47 -8.99 34.29
C VAL A 351 -10.33 -9.44 35.19
N MET A 352 -9.27 -9.96 34.57
CA MET A 352 -8.02 -10.24 35.27
C MET A 352 -6.93 -9.31 34.76
N LEU A 353 -6.14 -8.79 35.70
CA LEU A 353 -5.09 -7.82 35.41
C LEU A 353 -3.73 -8.35 35.83
N TYR A 354 -2.69 -7.82 35.19
CA TYR A 354 -1.28 -8.10 35.59
C TYR A 354 -0.47 -6.97 34.96
N ILE A 355 0.08 -6.06 35.76
CA ILE A 355 0.81 -4.88 35.21
C ILE A 355 2.08 -4.66 36.04
N GLY A 356 2.62 -3.44 36.11
CA GLY A 356 3.92 -3.20 36.75
C GLY A 356 3.93 -2.97 38.24
N GLY A 357 3.52 -1.79 38.73
CA GLY A 357 3.70 -1.44 40.13
C GLY A 357 2.62 -0.51 40.70
N LEU A 358 1.60 -0.09 39.92
CA LEU A 358 0.53 0.84 40.40
C LEU A 358 -0.78 0.50 39.73
N ARG A 359 -0.86 0.46 38.40
CA ARG A 359 -2.09 0.21 37.64
C ARG A 359 -2.82 -1.02 38.16
N PRO A 360 -2.14 -2.13 38.54
CA PRO A 360 -2.91 -3.30 38.99
C PRO A 360 -3.91 -2.99 40.09
N ARG A 361 -3.76 -1.90 40.83
CA ARG A 361 -4.74 -1.44 41.84
C ARG A 361 -5.40 -0.14 41.42
N HIS A 362 -4.71 0.69 40.66
CA HIS A 362 -5.17 2.05 40.31
C HIS A 362 -6.36 2.05 39.34
N VAL A 363 -6.52 1.04 38.50
CA VAL A 363 -7.59 1.07 37.51
C VAL A 363 -8.83 0.29 37.95
N ILE A 364 -8.80 -0.31 39.15
CA ILE A 364 -9.93 -1.13 39.58
C ILE A 364 -11.21 -0.30 39.64
N GLY A 365 -11.11 0.90 40.23
CA GLY A 365 -12.29 1.75 40.35
C GLY A 365 -12.89 2.10 39.01
N ALA A 366 -12.06 2.29 37.99
CA ALA A 366 -12.58 2.61 36.66
C ALA A 366 -13.39 1.45 36.09
N TYR A 367 -12.89 0.23 36.23
CA TYR A 367 -13.65 -0.94 35.78
C TYR A 367 -14.99 -1.02 36.51
N GLU A 368 -15.00 -0.78 37.82
CA GLU A 368 -16.23 -0.86 38.58
C GLU A 368 -17.19 0.26 38.21
N ASP A 369 -16.68 1.42 37.78
CA ASP A 369 -17.54 2.48 37.28
C ASP A 369 -18.30 2.04 36.04
N LEU A 370 -17.81 1.04 35.33
CA LEU A 370 -18.53 0.42 34.22
C LEU A 370 -19.16 -0.89 34.63
N GLY A 371 -19.25 -1.18 35.92
CA GLY A 371 -19.94 -2.36 36.39
C GLY A 371 -19.18 -3.65 36.22
N MET A 372 -17.87 -3.57 35.99
CA MET A 372 -17.05 -4.77 35.85
C MET A 372 -16.43 -5.16 37.19
N GLU A 373 -16.03 -6.42 37.27
CA GLU A 373 -15.50 -7.02 38.49
C GLU A 373 -14.10 -7.53 38.23
N VAL A 374 -13.13 -7.01 38.98
CA VAL A 374 -11.73 -7.42 38.85
C VAL A 374 -11.56 -8.69 39.69
N VAL A 375 -11.53 -9.85 39.04
CA VAL A 375 -11.42 -11.11 39.76
C VAL A 375 -9.97 -11.50 40.04
N GLY A 376 -9.00 -10.79 39.47
CA GLY A 376 -7.60 -11.09 39.69
C GLY A 376 -6.67 -10.00 39.23
N THR A 377 -5.71 -9.63 40.08
CA THR A 377 -4.71 -8.63 39.72
C THR A 377 -3.35 -9.11 40.20
N GLY A 378 -2.30 -8.42 39.77
CA GLY A 378 -0.95 -8.78 40.18
C GLY A 378 0.05 -7.79 39.62
N TYR A 379 1.24 -7.81 40.20
CA TYR A 379 2.31 -6.91 39.84
C TYR A 379 3.54 -7.69 39.39
N GLU A 380 4.38 -7.03 38.60
CA GLU A 380 5.70 -7.58 38.28
C GLU A 380 6.69 -7.34 39.42
N PHE A 381 6.71 -6.11 39.95
CA PHE A 381 7.80 -5.67 40.82
C PHE A 381 7.30 -4.84 42.00
N ALA A 382 6.08 -5.10 42.47
CA ALA A 382 5.55 -4.31 43.58
C ALA A 382 6.23 -4.68 44.88
N HIS A 383 5.94 -3.93 45.91
CA HIS A 383 6.44 -4.19 47.26
C HIS A 383 5.24 -4.43 48.16
N ASN A 384 5.49 -4.78 49.40
CA ASN A 384 4.42 -5.09 50.36
C ASN A 384 3.60 -3.82 50.61
N ASP A 385 4.16 -2.62 50.52
CA ASP A 385 3.30 -1.46 50.71
C ASP A 385 2.38 -1.25 49.51
N ASP A 386 2.78 -1.71 48.33
CA ASP A 386 1.86 -1.74 47.20
C ASP A 386 0.76 -2.77 47.41
N TYR A 387 1.09 -3.90 48.02
CA TYR A 387 0.09 -4.95 48.22
C TYR A 387 -0.84 -4.62 49.38
N ASP A 388 -0.34 -3.95 50.43
CA ASP A 388 -1.25 -3.44 51.46
C ASP A 388 -2.33 -2.57 50.83
N ARG A 389 -1.92 -1.64 49.96
CA ARG A 389 -2.87 -0.79 49.25
C ARG A 389 -3.77 -1.61 48.33
N THR A 390 -3.27 -2.72 47.79
CA THR A 390 -4.09 -3.54 46.92
C THR A 390 -5.20 -4.26 47.68
N MET A 391 -4.97 -4.59 48.95
CA MET A 391 -5.95 -5.36 49.70
C MET A 391 -7.28 -4.62 49.82
N LYS A 392 -7.22 -3.33 50.08
CA LYS A 392 -8.44 -2.51 50.24
C LYS A 392 -9.18 -2.41 48.91
N GLU A 393 -8.47 -2.39 47.79
CA GLU A 393 -9.11 -2.20 46.50
C GLU A 393 -9.73 -3.46 45.94
N MET A 394 -9.13 -4.62 46.24
CA MET A 394 -9.64 -5.87 45.71
C MET A 394 -10.76 -6.41 46.58
N GLY A 395 -11.60 -7.24 45.98
CA GLY A 395 -12.72 -7.84 46.68
C GLY A 395 -12.34 -9.10 47.41
N ASP A 396 -13.31 -9.63 48.16
CA ASP A 396 -13.12 -10.89 48.85
C ASP A 396 -12.92 -12.03 47.85
N SER A 397 -12.01 -12.93 48.19
CA SER A 397 -11.78 -14.18 47.47
C SER A 397 -11.13 -14.00 46.10
N THR A 398 -10.66 -12.80 45.77
CA THR A 398 -9.99 -12.60 44.50
C THR A 398 -8.57 -13.17 44.55
N LEU A 399 -7.99 -13.37 43.37
CA LEU A 399 -6.69 -14.01 43.26
C LEU A 399 -5.60 -12.94 43.15
N LEU A 400 -4.54 -13.12 43.94
CA LEU A 400 -3.38 -12.24 43.94
C LEU A 400 -2.15 -13.00 43.50
N TYR A 401 -1.33 -12.38 42.69
CA TYR A 401 -0.12 -13.06 42.17
C TYR A 401 1.01 -12.05 41.98
N ASP A 402 2.19 -12.38 42.50
CA ASP A 402 3.38 -11.55 42.42
C ASP A 402 4.41 -12.19 41.51
N ASP A 403 4.95 -11.40 40.58
CA ASP A 403 5.92 -11.87 39.58
C ASP A 403 5.51 -13.22 39.02
N VAL A 404 4.34 -13.24 38.38
CA VAL A 404 3.76 -14.49 37.90
C VAL A 404 4.57 -15.05 36.75
N THR A 405 4.57 -16.38 36.66
CA THR A 405 5.18 -17.08 35.54
C THR A 405 4.17 -17.19 34.42
N GLY A 406 4.67 -17.22 33.19
CA GLY A 406 3.78 -17.34 32.04
C GLY A 406 2.91 -18.58 32.12
N TYR A 407 3.48 -19.68 32.62
CA TYR A 407 2.72 -20.90 32.84
C TYR A 407 1.64 -20.68 33.90
N GLU A 408 2.01 -20.03 35.02
CA GLU A 408 1.02 -19.74 36.04
C GLU A 408 -0.12 -18.89 35.48
N PHE A 409 0.22 -17.84 34.72
CA PHE A 409 -0.79 -16.92 34.23
C PHE A 409 -1.72 -17.61 33.23
N GLU A 410 -1.17 -18.44 32.35
CA GLU A 410 -2.01 -19.21 31.45
C GLU A 410 -2.97 -20.08 32.23
N GLU A 411 -2.43 -20.94 33.09
CA GLU A 411 -3.23 -21.91 33.89
C GLU A 411 -4.32 -21.18 34.67
N PHE A 412 -4.00 -20.06 35.30
CA PHE A 412 -4.99 -19.31 36.06
C PHE A 412 -6.13 -18.85 35.15
N VAL A 413 -5.79 -18.35 33.96
CA VAL A 413 -6.83 -17.90 33.03
C VAL A 413 -7.72 -19.06 32.62
N LYS A 414 -7.14 -20.22 32.37
CA LYS A 414 -7.88 -21.41 31.89
C LYS A 414 -9.00 -21.76 32.86
N ARG A 415 -8.79 -21.66 34.17
CA ARG A 415 -9.80 -22.09 35.19
C ARG A 415 -10.77 -20.95 35.48
N ILE A 416 -10.27 -19.73 35.63
CA ILE A 416 -11.09 -18.55 36.00
C ILE A 416 -11.93 -18.14 34.78
N LYS A 417 -11.39 -18.16 33.57
CA LYS A 417 -12.13 -17.78 32.38
C LYS A 417 -12.71 -16.36 32.49
N PRO A 418 -11.85 -15.36 32.59
CA PRO A 418 -12.35 -13.97 32.61
C PRO A 418 -12.82 -13.56 31.22
N ASP A 419 -13.71 -12.57 31.19
CA ASP A 419 -14.17 -12.04 29.91
C ASP A 419 -13.18 -11.08 29.30
N LEU A 420 -12.22 -10.57 30.08
CA LEU A 420 -11.21 -9.64 29.58
C LEU A 420 -9.96 -9.77 30.43
N ILE A 421 -8.81 -9.61 29.79
CA ILE A 421 -7.51 -9.63 30.44
C ILE A 421 -6.83 -8.31 30.14
N GLY A 422 -6.28 -7.68 31.20
CA GLY A 422 -5.52 -6.44 31.13
C GLY A 422 -4.06 -6.68 31.47
N SER A 423 -3.14 -6.63 30.52
CA SER A 423 -1.73 -6.91 30.80
C SER A 423 -0.85 -6.26 29.74
N GLY A 424 0.29 -6.89 29.40
CA GLY A 424 1.28 -6.31 28.55
C GLY A 424 1.38 -6.95 27.18
N ILE A 425 2.37 -6.50 26.41
CA ILE A 425 2.52 -6.93 25.02
C ILE A 425 2.92 -8.39 24.93
N LYS A 426 3.70 -8.88 25.90
CA LYS A 426 4.16 -10.26 25.84
C LYS A 426 3.05 -11.25 26.16
N GLU A 427 1.96 -10.78 26.76
CA GLU A 427 0.81 -11.61 27.09
C GLU A 427 -0.33 -11.49 26.09
N LYS A 428 -0.36 -10.40 25.31
CA LYS A 428 -1.57 -10.09 24.54
C LYS A 428 -1.95 -11.22 23.60
N PHE A 429 -1.02 -11.67 22.77
CA PHE A 429 -1.35 -12.59 21.69
C PHE A 429 -1.51 -14.02 22.17
N ILE A 430 -1.04 -14.34 23.38
CA ILE A 430 -1.34 -15.63 23.97
C ILE A 430 -2.84 -15.79 24.17
N PHE A 431 -3.45 -14.82 24.86
CA PHE A 431 -4.85 -14.95 25.27
C PHE A 431 -5.81 -14.61 24.14
N GLN A 432 -5.41 -13.75 23.20
CA GLN A 432 -6.22 -13.55 22.00
C GLN A 432 -6.42 -14.87 21.27
N LYS A 433 -5.37 -15.68 21.19
CA LYS A 433 -5.51 -16.99 20.54
C LYS A 433 -6.38 -17.92 21.36
N MET A 434 -6.46 -17.71 22.67
CA MET A 434 -7.35 -18.49 23.52
C MET A 434 -8.79 -17.99 23.48
N GLY A 435 -9.07 -16.95 22.71
CA GLY A 435 -10.41 -16.43 22.57
C GLY A 435 -10.86 -15.48 23.65
N ILE A 436 -9.94 -15.00 24.48
CA ILE A 436 -10.27 -14.09 25.57
C ILE A 436 -9.92 -12.67 25.14
N PRO A 437 -10.85 -11.72 25.17
CA PRO A 437 -10.50 -10.33 24.85
C PRO A 437 -9.36 -9.83 25.73
N PHE A 438 -8.44 -9.10 25.10
CA PHE A 438 -7.25 -8.58 25.78
C PHE A 438 -7.09 -7.10 25.46
N ARG A 439 -6.82 -6.31 26.50
CA ARG A 439 -6.43 -4.91 26.35
C ARG A 439 -5.07 -4.71 27.01
N GLU A 440 -4.16 -4.06 26.30
CA GLU A 440 -2.88 -3.71 26.89
C GLU A 440 -3.08 -2.60 27.91
N MET A 441 -2.64 -2.84 29.14
CA MET A 441 -2.71 -1.83 30.20
C MET A 441 -1.35 -1.18 30.47
N HIS A 442 -0.40 -1.37 29.55
CA HIS A 442 0.84 -0.61 29.54
C HIS A 442 0.73 0.54 28.54
N SER A 443 0.77 0.21 27.25
CA SER A 443 0.71 1.19 26.18
C SER A 443 -0.71 1.63 25.84
N TRP A 444 -1.70 1.22 26.62
CA TRP A 444 -3.10 1.47 26.33
C TRP A 444 -3.49 0.95 24.95
N ASP A 445 -2.79 -0.03 24.42
CA ASP A 445 -3.06 -0.59 23.08
C ASP A 445 -3.00 0.55 22.04
N TYR A 446 -2.07 1.51 22.15
CA TYR A 446 -1.87 2.64 21.19
C TYR A 446 -3.09 3.57 21.23
N SER A 447 -3.91 3.48 22.25
CA SER A 447 -5.06 4.36 22.44
C SER A 447 -4.76 5.30 23.61
N GLY A 448 -5.79 5.73 24.33
CA GLY A 448 -5.62 6.63 25.44
C GLY A 448 -5.77 8.08 25.03
N PRO A 449 -5.62 9.01 25.98
CA PRO A 449 -5.31 8.77 27.40
C PRO A 449 -6.42 8.09 28.18
N TYR A 450 -6.07 7.53 29.35
CA TYR A 450 -7.05 6.95 30.25
C TYR A 450 -7.22 7.72 31.55
N HIS A 451 -6.42 8.74 31.80
CA HIS A 451 -6.53 9.52 33.03
C HIS A 451 -7.60 10.59 32.88
N GLY A 452 -8.23 10.93 34.01
CA GLY A 452 -9.18 12.02 34.04
C GLY A 452 -10.51 11.67 33.41
N PHE A 453 -11.34 12.70 33.27
CA PHE A 453 -12.64 12.53 32.64
C PHE A 453 -12.51 12.28 31.14
N ASP A 454 -11.65 13.04 30.47
CA ASP A 454 -11.42 12.81 29.05
C ASP A 454 -10.89 11.41 28.80
N GLY A 455 -10.09 10.88 29.72
CA GLY A 455 -9.55 9.54 29.55
C GLY A 455 -10.54 8.44 29.83
N PHE A 456 -11.48 8.68 30.75
CA PHE A 456 -12.48 7.65 31.04
C PHE A 456 -13.32 7.34 29.82
N ALA A 457 -13.61 8.36 29.00
CA ALA A 457 -14.37 8.13 27.78
C ALA A 457 -13.63 7.20 26.82
N ILE A 458 -12.31 7.39 26.70
CA ILE A 458 -11.50 6.55 25.82
C ILE A 458 -11.38 5.15 26.40
N PHE A 459 -11.09 5.06 27.70
CA PHE A 459 -10.99 3.77 28.37
C PHE A 459 -12.28 2.96 28.20
N ALA A 460 -13.43 3.59 28.44
CA ALA A 460 -14.69 2.87 28.29
C ALA A 460 -14.91 2.43 26.85
N ARG A 461 -14.64 3.31 25.89
CA ARG A 461 -14.78 2.93 24.49
C ARG A 461 -13.84 1.79 24.14
N ASP A 462 -12.62 1.82 24.69
CA ASP A 462 -11.65 0.77 24.36
C ASP A 462 -12.05 -0.57 24.96
N MET A 463 -12.49 -0.57 26.22
CA MET A 463 -12.93 -1.82 26.83
C MET A 463 -14.13 -2.39 26.09
N ASP A 464 -15.05 -1.53 25.68
CA ASP A 464 -16.24 -1.99 24.97
C ASP A 464 -15.89 -2.57 23.61
N MET A 465 -15.11 -1.83 22.82
CA MET A 465 -14.86 -2.24 21.43
C MET A 465 -14.21 -3.61 21.37
N THR A 466 -13.45 -3.97 22.38
CA THR A 466 -12.70 -5.23 22.38
C THR A 466 -13.52 -6.36 23.01
N LEU A 467 -14.17 -6.08 24.14
CA LEU A 467 -14.94 -7.11 24.82
C LEU A 467 -16.09 -7.60 23.95
N ASN A 468 -16.78 -6.68 23.29
CA ASN A 468 -17.99 -7.00 22.49
C ASN A 468 -17.66 -7.23 21.00
N ASN A 469 -16.39 -7.31 20.61
CA ASN A 469 -15.98 -7.39 19.18
C ASN A 469 -16.55 -8.66 18.54
N PRO A 470 -17.07 -8.60 17.30
CA PRO A 470 -17.59 -9.82 16.65
C PRO A 470 -16.53 -10.89 16.43
N CYS A 471 -15.24 -10.55 16.39
CA CYS A 471 -14.23 -11.54 16.07
C CYS A 471 -14.21 -12.68 17.09
N TRP A 472 -14.63 -12.42 18.33
CA TRP A 472 -14.50 -13.40 19.40
C TRP A 472 -15.47 -14.57 19.26
N LYS A 473 -16.49 -14.44 18.43
CA LYS A 473 -17.50 -15.51 18.23
C LYS A 473 -17.05 -16.42 17.09
N LYS A 474 -15.93 -16.13 16.44
CA LYS A 474 -15.45 -16.86 15.25
C LYS A 474 -14.22 -17.73 15.53
N LEU A 475 -13.86 -17.96 16.78
CA LEU A 475 -12.66 -18.72 17.09
C LEU A 475 -12.81 -20.20 16.73
N GLN A 476 -14.04 -20.70 16.63
CA GLN A 476 -14.30 -22.10 16.36
C GLN A 476 -14.89 -22.25 14.96
N ALA A 477 -14.23 -23.05 14.12
CA ALA A 477 -14.76 -23.35 12.81
C ALA A 477 -16.08 -24.09 12.95
N PRO A 478 -17.09 -23.76 12.13
CA PRO A 478 -18.40 -24.43 12.30
C PRO A 478 -18.34 -25.94 12.10
N TRP A 479 -17.28 -26.46 11.50
CA TRP A 479 -17.09 -27.90 11.36
C TRP A 479 -16.14 -28.47 12.40
N GLU A 480 -15.65 -27.63 13.32
CA GLU A 480 -14.72 -28.02 14.38
C GLU A 480 -13.29 -28.05 13.83
N SER B 2 -12.68 17.96 27.24
CA SER B 2 -14.08 17.56 27.07
C SER B 2 -14.21 16.48 26.01
N GLN B 3 -15.31 15.72 26.06
CA GLN B 3 -15.57 14.67 25.10
C GLN B 3 -17.03 14.69 24.66
N GLN B 4 -17.25 14.40 23.37
CA GLN B 4 -18.57 14.14 22.82
C GLN B 4 -18.76 12.62 22.79
N VAL B 5 -19.75 12.13 23.54
CA VAL B 5 -19.98 10.66 23.77
C VAL B 5 -20.02 9.89 22.45
N ASP B 6 -20.68 10.41 21.44
CA ASP B 6 -20.85 9.70 20.16
C ASP B 6 -19.61 9.91 19.28
N LYS B 7 -18.70 10.78 19.66
CA LYS B 7 -17.42 10.95 18.93
C LYS B 7 -16.27 11.16 19.92
N ILE B 8 -15.80 10.10 20.59
CA ILE B 8 -14.68 10.17 21.52
C ILE B 8 -13.42 10.52 20.76
N LYS B 9 -12.62 11.43 21.30
CA LYS B 9 -11.35 11.80 20.71
C LYS B 9 -10.21 11.11 21.46
N ALA B 10 -9.40 10.34 20.74
CA ALA B 10 -8.18 9.82 21.31
C ALA B 10 -7.15 10.95 21.43
N SER B 11 -5.97 10.61 21.95
CA SER B 11 -4.95 11.63 22.17
C SER B 11 -4.81 12.53 20.94
N TYR B 12 -4.84 11.94 19.74
CA TYR B 12 -5.09 12.72 18.54
C TYR B 12 -6.51 12.48 18.07
N PRO B 13 -7.34 13.51 17.85
CA PRO B 13 -7.00 14.94 17.93
C PRO B 13 -7.46 15.65 19.20
N LEU B 14 -7.67 14.91 20.29
CA LEU B 14 -8.18 15.54 21.50
C LEU B 14 -7.33 16.73 21.92
N PHE B 15 -6.01 16.55 21.96
CA PHE B 15 -5.13 17.57 22.49
C PHE B 15 -4.96 18.75 21.55
N LEU B 16 -5.61 18.74 20.39
CA LEU B 16 -5.67 19.93 19.55
C LEU B 16 -6.80 20.87 19.96
N ASP B 17 -7.69 20.45 20.85
CA ASP B 17 -8.75 21.31 21.34
C ASP B 17 -8.17 22.59 21.95
N GLN B 18 -8.96 23.66 21.89
CA GLN B 18 -8.48 24.98 22.28
C GLN B 18 -7.98 24.99 23.71
N ASP B 19 -8.72 24.35 24.63
CA ASP B 19 -8.32 24.41 26.03
C ASP B 19 -7.03 23.64 26.28
N TYR B 20 -6.82 22.53 25.57
CA TYR B 20 -5.55 21.81 25.70
C TYR B 20 -4.41 22.59 25.07
N LYS B 21 -4.67 23.27 23.95
CA LYS B 21 -3.63 24.04 23.28
C LYS B 21 -3.11 25.16 24.18
N ASP B 22 -4.02 25.88 24.83
CA ASP B 22 -3.61 26.96 25.73
C ASP B 22 -2.90 26.43 26.95
N MET B 23 -3.40 25.33 27.50
CA MET B 23 -2.73 24.71 28.64
C MET B 23 -1.30 24.35 28.31
N LEU B 24 -1.09 23.68 27.17
CA LEU B 24 0.26 23.32 26.75
C LEU B 24 1.09 24.56 26.47
N ALA B 25 0.47 25.64 25.99
CA ALA B 25 1.20 26.89 25.79
C ALA B 25 1.65 27.48 27.12
N LYS B 26 0.78 27.42 28.14
CA LYS B 26 1.13 28.00 29.43
C LYS B 26 2.16 27.14 30.15
N LYS B 27 2.08 25.81 30.00
CA LYS B 27 3.10 24.95 30.57
C LYS B 27 4.47 25.27 30.00
N ARG B 28 4.54 25.51 28.68
CA ARG B 28 5.82 25.81 28.07
C ARG B 28 6.34 27.17 28.51
N ASP B 29 5.49 28.21 28.43
CA ASP B 29 5.96 29.56 28.74
C ASP B 29 6.25 29.72 30.22
N GLY B 30 5.52 29.02 31.08
CA GLY B 30 5.68 29.18 32.51
C GLY B 30 6.90 28.49 33.09
N PHE B 31 7.16 27.25 32.65
CA PHE B 31 8.11 26.40 33.37
C PHE B 31 9.07 25.63 32.49
N GLU B 32 8.94 25.63 31.16
CA GLU B 32 9.84 24.82 30.35
C GLU B 32 11.17 25.51 30.07
N GLU B 33 11.24 26.84 30.19
CA GLU B 33 12.46 27.58 29.87
C GLU B 33 12.97 27.17 28.49
N LYS B 34 12.06 26.95 27.57
CA LYS B 34 12.35 26.45 26.22
C LYS B 34 13.00 27.49 25.33
N TYR B 35 13.89 27.04 24.48
CA TYR B 35 14.54 27.89 23.51
C TYR B 35 13.50 28.55 22.60
N PRO B 36 13.75 29.78 22.14
CA PRO B 36 12.77 30.45 21.29
C PRO B 36 12.55 29.68 20.00
N GLN B 37 11.34 29.82 19.45
CA GLN B 37 10.97 29.06 18.25
C GLN B 37 11.91 29.36 17.10
N ASP B 38 12.30 30.62 16.91
CA ASP B 38 13.17 30.95 15.79
C ASP B 38 14.57 30.38 15.97
N LYS B 39 15.01 30.20 17.22
CA LYS B 39 16.28 29.51 17.45
C LYS B 39 16.15 28.02 17.12
N ILE B 40 14.98 27.44 17.40
CA ILE B 40 14.74 26.05 17.04
C ILE B 40 14.76 25.90 15.52
N ASP B 41 14.10 26.81 14.80
CA ASP B 41 14.09 26.75 13.35
C ASP B 41 15.50 26.90 12.79
N GLU B 42 16.26 27.84 13.33
CA GLU B 42 17.65 28.08 12.89
C GLU B 42 18.47 26.80 13.03
N VAL B 43 18.35 26.12 14.18
CA VAL B 43 19.15 24.92 14.40
C VAL B 43 18.67 23.79 13.52
N PHE B 44 17.35 23.65 13.36
CA PHE B 44 16.85 22.61 12.47
C PHE B 44 17.38 22.79 11.05
N GLN B 45 17.29 24.01 10.51
CA GLN B 45 17.80 24.25 9.17
C GLN B 45 19.30 23.97 9.10
N TRP B 46 20.02 24.31 10.17
CA TRP B 46 21.45 23.99 10.23
C TRP B 46 21.69 22.49 10.15
N THR B 47 20.84 21.70 10.81
CA THR B 47 21.04 20.25 10.84
C THR B 47 20.78 19.59 9.50
N THR B 48 20.25 20.32 8.52
CA THR B 48 20.01 19.77 7.19
C THR B 48 21.13 20.08 6.21
N THR B 49 22.16 20.80 6.64
CA THR B 49 23.12 21.35 5.70
C THR B 49 24.30 20.40 5.48
N LYS B 50 25.03 20.66 4.39
CA LYS B 50 26.28 19.94 4.14
C LYS B 50 27.24 20.09 5.31
N GLU B 51 27.43 21.33 5.77
CA GLU B 51 28.24 21.61 6.94
C GLU B 51 27.96 20.60 8.04
N TYR B 52 26.70 20.55 8.49
CA TYR B 52 26.32 19.65 9.56
C TYR B 52 26.66 18.20 9.21
N GLN B 53 26.43 17.80 7.96
CA GLN B 53 26.69 16.43 7.56
C GLN B 53 28.16 16.08 7.78
N GLU B 54 29.05 16.98 7.39
CA GLU B 54 30.51 16.78 7.57
C GLU B 54 30.78 16.53 9.06
N LEU B 55 30.27 17.39 9.95
CA LEU B 55 30.41 17.17 11.39
C LEU B 55 29.75 15.87 11.82
N ASN B 56 28.58 15.55 11.24
CA ASN B 56 27.90 14.32 11.59
C ASN B 56 28.76 13.11 11.28
N PHE B 57 29.47 13.12 10.16
CA PHE B 57 30.28 11.98 9.75
C PHE B 57 31.66 11.95 10.43
N GLN B 58 32.02 12.96 11.22
CA GLN B 58 33.25 12.89 12.00
C GLN B 58 33.07 12.14 13.32
N ARG B 59 31.85 11.73 13.62
CA ARG B 59 31.54 10.99 14.86
C ARG B 59 32.44 9.76 15.00
N GLU B 60 33.03 9.54 16.16
CA GLU B 60 33.79 8.34 16.46
C GLU B 60 33.21 7.56 17.63
N ALA B 61 32.71 8.24 18.65
CA ALA B 61 32.18 7.60 19.85
C ALA B 61 30.67 7.51 19.87
N LEU B 62 29.98 8.56 19.42
CA LEU B 62 28.53 8.64 19.55
C LEU B 62 27.84 7.93 18.40
N THR B 63 26.91 7.04 18.74
CA THR B 63 25.98 6.44 17.79
C THR B 63 24.58 6.99 18.07
N VAL B 64 23.88 7.37 17.03
CA VAL B 64 22.54 7.95 17.14
C VAL B 64 21.61 7.21 16.20
N ASN B 65 20.55 6.61 16.75
CA ASN B 65 19.55 5.90 15.97
C ASN B 65 20.19 4.75 15.22
N PRO B 66 20.64 3.70 15.91
CA PRO B 66 21.29 2.59 15.22
C PRO B 66 20.33 1.81 14.35
N ALA B 67 20.90 1.11 13.36
CA ALA B 67 20.13 0.22 12.49
C ALA B 67 20.61 -1.21 12.68
N LYS B 68 20.58 -1.69 13.92
CA LYS B 68 21.01 -3.04 14.26
C LYS B 68 20.62 -3.31 15.71
N ALA B 69 20.56 -4.59 16.06
CA ALA B 69 20.34 -5.04 17.42
C ALA B 69 21.57 -5.83 17.90
N CYS B 70 21.44 -6.46 19.05
CA CYS B 70 22.55 -7.22 19.65
C CYS B 70 22.39 -8.72 19.38
N GLN B 71 23.47 -9.47 19.55
CA GLN B 71 23.57 -10.87 19.17
C GLN B 71 22.45 -11.75 19.70
N PRO B 72 22.22 -11.80 21.02
CA PRO B 72 21.27 -12.80 21.53
C PRO B 72 19.89 -12.69 20.93
N LEU B 73 19.51 -11.54 20.38
CA LEU B 73 18.23 -11.45 19.69
C LEU B 73 18.16 -12.45 18.55
N GLY B 74 19.20 -12.50 17.72
CA GLY B 74 19.23 -13.46 16.63
C GLY B 74 19.35 -14.90 17.10
N ALA B 75 20.07 -15.12 18.20
CA ALA B 75 20.17 -16.45 18.76
C ALA B 75 18.79 -16.96 19.19
N VAL B 76 17.95 -16.06 19.72
CA VAL B 76 16.60 -16.45 20.09
C VAL B 76 15.80 -16.84 18.86
N LEU B 77 15.79 -15.97 17.85
CA LEU B 77 15.05 -16.26 16.63
C LEU B 77 15.50 -17.57 16.00
N CYS B 78 16.82 -17.82 15.99
CA CYS B 78 17.32 -19.06 15.43
C CYS B 78 16.79 -20.27 16.19
N ALA B 79 16.72 -20.17 17.52
CA ALA B 79 16.29 -21.31 18.34
C ALA B 79 14.79 -21.58 18.18
N LEU B 80 13.99 -20.55 17.95
CA LEU B 80 12.55 -20.73 17.79
C LEU B 80 12.19 -21.51 16.53
N GLY B 81 13.14 -21.75 15.64
CA GLY B 81 12.90 -22.49 14.42
C GLY B 81 13.11 -23.98 14.53
N PHE B 82 13.25 -24.52 15.73
CA PHE B 82 13.44 -25.94 15.94
C PHE B 82 12.26 -26.50 16.74
N GLU B 83 11.99 -27.78 16.54
CA GLU B 83 10.77 -28.38 17.06
C GLU B 83 10.77 -28.38 18.59
N LYS B 84 9.68 -27.85 19.16
CA LYS B 84 9.47 -27.86 20.60
C LYS B 84 10.74 -27.44 21.35
N THR B 85 11.40 -26.42 20.84
CA THR B 85 12.63 -25.91 21.43
C THR B 85 12.33 -24.62 22.19
N MET B 86 12.84 -24.53 23.41
CA MET B 86 12.70 -23.30 24.20
C MET B 86 13.99 -22.50 24.14
N PRO B 87 14.01 -21.33 23.52
CA PRO B 87 15.19 -20.47 23.64
C PRO B 87 15.41 -20.03 25.09
N TYR B 88 16.67 -20.05 25.50
CA TYR B 88 17.08 -19.89 26.89
C TYR B 88 18.33 -19.01 26.86
N VAL B 89 18.24 -17.82 27.44
CA VAL B 89 19.36 -16.89 27.43
C VAL B 89 19.93 -16.82 28.83
N HIS B 90 21.12 -17.39 29.01
CA HIS B 90 21.81 -17.38 30.30
C HIS B 90 22.35 -15.99 30.57
N GLY B 91 21.83 -15.33 31.59
CA GLY B 91 22.23 -13.98 31.94
C GLY B 91 21.13 -13.29 32.70
N SER B 92 20.97 -12.00 32.46
CA SER B 92 19.99 -11.19 33.16
C SER B 92 18.64 -11.24 32.45
N GLN B 93 17.57 -11.03 33.22
CA GLN B 93 16.23 -11.26 32.71
C GLN B 93 15.72 -10.11 31.86
N GLY B 94 16.21 -8.88 32.09
CA GLY B 94 15.73 -7.74 31.34
C GLY B 94 15.92 -7.89 29.85
N CYS B 95 17.01 -8.55 29.43
CA CYS B 95 17.22 -8.77 28.01
C CYS B 95 16.07 -9.55 27.40
N VAL B 96 15.62 -10.60 28.08
CA VAL B 96 14.62 -11.50 27.50
C VAL B 96 13.28 -10.78 27.32
N ALA B 97 12.87 -9.98 28.30
CA ALA B 97 11.67 -9.18 28.13
C ALA B 97 11.78 -8.30 26.90
N TYR B 98 12.98 -7.77 26.64
CA TYR B 98 13.19 -6.92 25.47
C TYR B 98 13.14 -7.74 24.18
N PHE B 99 13.87 -8.86 24.15
CA PHE B 99 13.85 -9.71 22.96
C PHE B 99 12.42 -10.10 22.61
N ARG B 100 11.67 -10.61 23.60
CA ARG B 100 10.32 -11.07 23.32
C ARG B 100 9.43 -9.93 22.85
N SER B 101 9.49 -8.79 23.54
CA SER B 101 8.66 -7.66 23.14
C SER B 101 9.05 -7.16 21.75
N TYR B 102 10.35 -7.16 21.44
CA TYR B 102 10.80 -6.75 20.12
C TYR B 102 10.16 -7.61 19.04
N PHE B 103 10.17 -8.93 19.24
CA PHE B 103 9.57 -9.84 18.26
C PHE B 103 8.04 -9.89 18.40
N ASN B 104 7.51 -9.68 19.61
CA ASN B 104 6.06 -9.60 19.75
C ASN B 104 5.47 -8.56 18.81
N ARG B 105 6.07 -7.38 18.78
CA ARG B 105 5.48 -6.26 18.04
C ARG B 105 5.70 -6.34 16.55
N HIS B 106 6.74 -7.04 16.08
CA HIS B 106 6.92 -7.19 14.65
C HIS B 106 6.05 -8.29 14.08
N PHE B 107 5.91 -9.40 14.81
CA PHE B 107 5.13 -10.54 14.33
C PHE B 107 3.69 -10.52 14.81
N ARG B 108 3.35 -9.65 15.77
CA ARG B 108 1.99 -9.63 16.40
C ARG B 108 1.64 -11.07 16.82
N GLU B 109 2.53 -11.74 17.52
CA GLU B 109 2.38 -13.16 17.92
C GLU B 109 3.06 -13.41 19.25
N PRO B 110 2.75 -14.49 19.98
CA PRO B 110 3.50 -14.83 21.19
C PRO B 110 4.93 -15.21 20.81
N VAL B 111 5.85 -14.91 21.71
CA VAL B 111 7.26 -15.28 21.55
C VAL B 111 7.72 -15.90 22.86
N SER B 112 8.07 -17.19 22.81
CA SER B 112 8.47 -17.90 24.01
C SER B 112 9.98 -17.83 24.17
N CYS B 113 10.43 -17.38 25.34
CA CYS B 113 11.85 -17.28 25.65
C CYS B 113 12.02 -17.10 27.14
N VAL B 114 13.04 -17.75 27.70
CA VAL B 114 13.25 -17.74 29.13
C VAL B 114 14.65 -17.21 29.44
N SER B 115 14.84 -16.81 30.70
CA SER B 115 16.12 -16.41 31.25
C SER B 115 16.33 -17.15 32.56
N ASP B 116 17.56 -17.13 33.06
CA ASP B 116 17.88 -17.71 34.37
C ASP B 116 18.18 -16.64 35.42
N SER B 117 17.63 -15.46 35.23
CA SER B 117 17.71 -14.35 36.21
C SER B 117 19.03 -14.29 36.97
N MET B 118 20.14 -14.02 36.28
CA MET B 118 21.42 -13.84 36.96
C MET B 118 21.46 -12.47 37.62
N THR B 119 21.79 -12.41 38.89
CA THR B 119 21.69 -11.17 39.68
C THR B 119 23.04 -10.54 39.96
N GLU B 120 23.11 -9.50 40.77
CA GLU B 120 24.38 -8.87 41.17
C GLU B 120 25.31 -9.92 41.79
N ASP B 121 24.75 -10.92 42.46
CA ASP B 121 25.53 -11.95 43.20
C ASP B 121 26.29 -12.86 42.25
N ALA B 122 25.85 -13.04 41.01
CA ALA B 122 26.54 -13.84 39.96
C ALA B 122 27.82 -13.15 39.50
N ALA B 123 27.93 -11.86 39.74
CA ALA B 123 29.13 -11.09 39.39
C ALA B 123 30.29 -11.61 40.23
N VAL B 124 30.00 -12.04 41.45
CA VAL B 124 31.07 -12.45 42.40
C VAL B 124 31.31 -13.95 42.33
N PHE B 125 30.28 -14.77 42.13
CA PHE B 125 30.43 -16.25 42.17
C PHE B 125 29.88 -16.93 40.92
N GLY B 126 29.68 -16.24 39.78
CA GLY B 126 29.23 -16.92 38.59
C GLY B 126 27.77 -17.35 38.65
N GLY B 127 27.25 -17.70 37.49
CA GLY B 127 25.84 -18.04 37.37
C GLY B 127 25.60 -19.53 37.24
N GLN B 128 26.42 -20.39 37.83
CA GLN B 128 26.25 -21.85 37.66
C GLN B 128 24.97 -22.28 38.38
N GLN B 129 24.60 -21.75 39.53
CA GLN B 129 23.38 -22.25 40.18
C GLN B 129 22.19 -21.82 39.34
N ASN B 130 22.28 -20.69 38.64
CA ASN B 130 21.19 -20.17 37.76
C ASN B 130 21.01 -21.13 36.60
N MET B 131 22.08 -21.71 36.08
CA MET B 131 22.01 -22.70 34.97
C MET B 131 21.34 -23.97 35.46
N LYS B 132 21.74 -24.55 36.59
CA LYS B 132 21.16 -25.82 37.03
C LYS B 132 19.68 -25.68 37.33
N ASP B 133 19.31 -24.70 38.16
CA ASP B 133 17.90 -24.48 38.47
C ASP B 133 17.14 -23.99 37.24
N GLY B 134 17.78 -23.17 36.41
CA GLY B 134 17.11 -22.67 35.22
C GLY B 134 16.69 -23.79 34.28
N LEU B 135 17.63 -24.65 33.90
CA LEU B 135 17.31 -25.76 33.02
C LEU B 135 16.22 -26.65 33.61
N GLN B 136 16.36 -27.02 34.89
CA GLN B 136 15.41 -27.92 35.52
C GLN B 136 14.00 -27.33 35.52
N ASN B 137 13.88 -26.07 35.95
CA ASN B 137 12.55 -25.44 35.98
C ASN B 137 11.94 -25.37 34.58
N CYS B 138 12.69 -24.81 33.63
CA CYS B 138 12.18 -24.67 32.28
C CYS B 138 11.78 -26.03 31.70
N LYS B 139 12.64 -27.03 31.84
CA LYS B 139 12.34 -28.36 31.33
C LYS B 139 11.07 -28.91 31.97
N ALA B 140 10.90 -28.70 33.28
CA ALA B 140 9.76 -29.26 33.98
C ALA B 140 8.49 -28.45 33.74
N THR B 141 8.60 -27.13 33.67
CA THR B 141 7.41 -26.29 33.60
C THR B 141 6.84 -26.23 32.19
N TYR B 142 7.67 -25.89 31.21
CA TYR B 142 7.21 -25.65 29.86
C TYR B 142 7.41 -26.85 28.93
N LYS B 143 7.89 -27.96 29.46
CA LYS B 143 7.97 -29.24 28.69
C LYS B 143 8.56 -29.04 27.31
N PRO B 144 9.75 -28.44 27.20
CA PRO B 144 10.40 -28.36 25.92
C PRO B 144 11.03 -29.70 25.53
N ASP B 145 11.24 -29.98 24.26
CA ASP B 145 12.01 -31.17 23.82
C ASP B 145 13.48 -30.80 23.73
N MET B 146 13.79 -29.52 23.66
CA MET B 146 15.15 -29.01 23.54
C MET B 146 15.19 -27.60 24.13
N ILE B 147 16.33 -27.27 24.73
CA ILE B 147 16.57 -25.95 25.29
C ILE B 147 17.85 -25.42 24.66
N ALA B 148 17.73 -24.30 23.94
CA ALA B 148 18.83 -23.70 23.19
C ALA B 148 19.36 -22.48 23.95
N VAL B 149 20.62 -22.54 24.36
CA VAL B 149 21.17 -21.62 25.34
C VAL B 149 22.05 -20.60 24.64
N SER B 150 21.83 -19.31 24.97
CA SER B 150 22.72 -18.23 24.55
C SER B 150 23.09 -17.42 25.79
N THR B 151 23.68 -16.23 25.61
CA THR B 151 24.14 -15.46 26.75
C THR B 151 23.81 -13.98 26.57
N THR B 152 23.55 -13.32 27.70
CA THR B 152 23.50 -11.86 27.78
C THR B 152 24.91 -11.33 28.00
N CYS B 153 25.07 -10.01 27.87
CA CYS B 153 26.41 -9.44 27.94
C CYS B 153 26.98 -9.48 29.36
N MET B 154 26.12 -9.50 30.39
CA MET B 154 26.62 -9.64 31.75
C MET B 154 27.31 -11.00 31.93
N ALA B 155 26.66 -12.08 31.47
CA ALA B 155 27.26 -13.40 31.60
C ALA B 155 28.58 -13.46 30.86
N GLU B 156 28.67 -12.77 29.71
CA GLU B 156 29.89 -12.81 28.91
C GLU B 156 31.04 -12.13 29.64
N VAL B 157 30.78 -10.95 30.23
CA VAL B 157 31.88 -10.17 30.82
C VAL B 157 32.46 -10.88 32.02
N ILE B 158 31.63 -11.57 32.81
CA ILE B 158 32.14 -12.24 34.00
C ILE B 158 32.75 -13.60 33.71
N GLY B 159 32.56 -14.12 32.50
CA GLY B 159 33.29 -15.30 32.08
C GLY B 159 32.65 -16.63 32.39
N ASP B 160 31.34 -16.70 32.50
CA ASP B 160 30.65 -17.97 32.74
C ASP B 160 30.99 -18.96 31.64
N ASP B 161 31.41 -20.15 32.04
CA ASP B 161 31.72 -21.23 31.09
C ASP B 161 30.43 -21.96 30.78
N LEU B 162 29.80 -21.63 29.65
CA LEU B 162 28.55 -22.30 29.30
C LEU B 162 28.73 -23.81 29.22
N ASN B 163 29.83 -24.28 28.62
CA ASN B 163 30.03 -25.72 28.46
C ASN B 163 30.06 -26.43 29.81
N ALA B 164 30.89 -25.93 30.73
CA ALA B 164 31.01 -26.58 32.04
C ALA B 164 29.70 -26.51 32.80
N PHE B 165 28.99 -25.38 32.71
CA PHE B 165 27.77 -25.19 33.48
C PHE B 165 26.69 -26.18 33.05
N ILE B 166 26.51 -26.36 31.74
CA ILE B 166 25.51 -27.33 31.27
C ILE B 166 25.94 -28.75 31.61
N ASN B 167 27.24 -29.05 31.44
CA ASN B 167 27.71 -30.41 31.72
C ASN B 167 27.51 -30.77 33.19
N ASN B 168 27.81 -29.83 34.09
CA ASN B 168 27.60 -30.10 35.52
C ASN B 168 26.12 -30.15 35.87
N SER B 169 25.28 -29.41 35.12
CA SER B 169 23.85 -29.48 35.37
C SER B 169 23.31 -30.87 35.07
N LYS B 170 23.91 -31.54 34.10
CA LYS B 170 23.54 -32.93 33.75
C LYS B 170 24.17 -33.87 34.79
N LYS B 171 25.42 -33.63 35.21
CA LYS B 171 26.12 -34.50 36.14
C LYS B 171 25.35 -34.65 37.45
N GLU B 172 24.93 -33.52 38.03
CA GLU B 172 24.26 -33.52 39.32
C GLU B 172 22.75 -33.73 39.19
N GLY B 173 22.27 -34.09 38.01
CA GLY B 173 20.91 -34.56 37.85
C GLY B 173 19.82 -33.50 37.80
N PHE B 174 20.15 -32.27 37.43
CA PHE B 174 19.11 -31.26 37.25
C PHE B 174 18.33 -31.48 35.97
N ILE B 175 18.97 -31.95 34.91
CA ILE B 175 18.29 -32.35 33.68
C ILE B 175 18.81 -33.72 33.27
N PRO B 176 18.04 -34.48 32.47
CA PRO B 176 18.55 -35.74 31.95
C PRO B 176 19.78 -35.56 31.07
N ASP B 177 20.71 -36.52 31.08
CA ASP B 177 21.99 -36.50 30.34
C ASP B 177 21.78 -36.46 28.83
N GLU B 178 20.77 -37.14 28.34
CA GLU B 178 20.44 -37.23 26.91
C GLU B 178 19.56 -36.04 26.47
N PHE B 179 19.10 -35.20 27.40
CA PHE B 179 18.25 -34.03 27.04
C PHE B 179 19.10 -33.06 26.20
N PRO B 180 18.67 -32.70 24.97
CA PRO B 180 19.46 -31.83 24.10
C PRO B 180 19.61 -30.40 24.64
N VAL B 181 20.84 -29.97 24.96
CA VAL B 181 21.06 -28.59 25.40
C VAL B 181 22.19 -27.96 24.59
N PRO B 182 21.96 -27.59 23.34
CA PRO B 182 22.99 -26.84 22.60
C PRO B 182 23.16 -25.43 23.16
N PHE B 183 24.35 -24.88 22.97
CA PHE B 183 24.69 -23.58 23.54
C PHE B 183 25.55 -22.80 22.56
N ALA B 184 25.65 -21.50 22.81
CA ALA B 184 26.50 -20.62 22.00
C ALA B 184 26.72 -19.33 22.76
N HIS B 185 27.97 -18.90 22.86
CA HIS B 185 28.27 -17.59 23.42
C HIS B 185 27.89 -16.51 22.41
N THR B 186 27.13 -15.51 22.86
CA THR B 186 26.61 -14.46 21.99
C THR B 186 26.83 -13.11 22.65
N PRO B 187 28.07 -12.64 22.68
CA PRO B 187 28.35 -11.34 23.33
C PRO B 187 27.72 -10.20 22.56
N ALA B 188 26.95 -9.37 23.26
CA ALA B 188 26.29 -8.24 22.60
C ALA B 188 27.28 -7.20 22.12
N PHE B 189 28.51 -7.21 22.63
CA PHE B 189 29.54 -6.27 22.21
C PHE B 189 30.39 -6.79 21.05
N VAL B 190 29.90 -7.80 20.32
CA VAL B 190 30.57 -8.31 19.14
C VAL B 190 29.54 -8.43 18.03
N GLY B 191 29.87 -7.88 16.85
CA GLY B 191 28.96 -8.00 15.71
C GLY B 191 27.62 -7.39 16.02
N SER B 192 26.56 -8.12 15.67
CA SER B 192 25.20 -7.63 15.86
C SER B 192 24.26 -8.83 15.98
N HIS B 193 22.96 -8.55 15.89
CA HIS B 193 21.95 -9.59 16.04
C HIS B 193 22.13 -10.73 15.03
N VAL B 194 22.63 -10.43 13.84
CA VAL B 194 22.81 -11.48 12.85
C VAL B 194 23.94 -12.41 13.25
N THR B 195 24.96 -11.89 13.95
CA THR B 195 26.04 -12.74 14.42
C THR B 195 25.53 -13.74 15.46
N GLY B 196 24.59 -13.32 16.30
CA GLY B 196 24.01 -14.23 17.28
C GLY B 196 23.26 -15.38 16.62
N TRP B 197 22.59 -15.10 15.50
CA TRP B 197 21.94 -16.17 14.74
C TRP B 197 22.97 -17.17 14.25
N ASP B 198 24.07 -16.68 13.69
CA ASP B 198 25.14 -17.55 13.21
C ASP B 198 25.72 -18.36 14.34
N ASN B 199 26.05 -17.70 15.46
CA ASN B 199 26.64 -18.41 16.60
C ASN B 199 25.70 -19.49 17.12
N MET B 200 24.41 -19.19 17.22
CA MET B 200 23.46 -20.17 17.77
C MET B 200 23.32 -21.36 16.84
N PHE B 201 23.13 -21.11 15.54
CA PHE B 201 22.96 -22.22 14.61
C PHE B 201 24.19 -23.13 14.60
N GLU B 202 25.38 -22.54 14.62
CA GLU B 202 26.60 -23.35 14.64
C GLU B 202 26.67 -24.19 15.91
N GLY B 203 26.30 -23.60 17.04
CA GLY B 203 26.24 -24.38 18.27
C GLY B 203 25.29 -25.55 18.17
N ILE B 204 24.13 -25.34 17.54
CA ILE B 204 23.16 -26.43 17.44
C ILE B 204 23.64 -27.49 16.46
N ALA B 205 24.25 -27.06 15.34
CA ALA B 205 24.83 -28.03 14.42
C ALA B 205 25.96 -28.80 15.08
N ARG B 206 26.84 -28.08 15.79
CA ARG B 206 27.86 -28.72 16.62
C ARG B 206 27.26 -29.83 17.47
N TYR B 207 26.21 -29.51 18.23
CA TYR B 207 25.71 -30.42 19.25
C TYR B 207 25.33 -31.77 18.65
N PHE B 208 24.58 -31.78 17.56
CA PHE B 208 23.98 -33.00 17.05
C PHE B 208 24.85 -33.78 16.08
N THR B 209 26.01 -33.25 15.70
CA THR B 209 26.76 -33.88 14.61
C THR B 209 28.23 -34.17 14.96
N LEU B 210 28.92 -33.24 15.61
CA LEU B 210 30.38 -33.30 15.65
C LEU B 210 30.90 -34.64 16.16
N LYS B 211 30.28 -35.18 17.19
CA LYS B 211 30.74 -36.42 17.81
C LYS B 211 30.26 -37.65 17.06
N SER B 212 29.57 -37.48 15.93
CA SER B 212 28.95 -38.60 15.22
C SER B 212 29.31 -38.63 13.74
N MET B 213 30.42 -38.02 13.33
CA MET B 213 30.69 -37.88 11.90
C MET B 213 31.11 -39.20 11.25
N ASP B 214 31.57 -40.18 12.02
CA ASP B 214 32.15 -41.43 11.48
C ASP B 214 31.15 -42.16 10.58
N ASP B 215 29.88 -42.23 10.97
CA ASP B 215 28.83 -42.95 10.21
C ASP B 215 28.27 -42.12 9.05
N LYS B 216 28.79 -40.92 8.80
CA LYS B 216 28.21 -40.01 7.78
C LYS B 216 28.80 -40.16 6.38
N VAL B 217 27.94 -40.27 5.35
CA VAL B 217 28.36 -40.28 3.95
C VAL B 217 27.66 -39.11 3.27
N VAL B 218 28.45 -38.25 2.64
CA VAL B 218 27.91 -37.03 2.02
C VAL B 218 27.01 -37.44 0.86
N GLY B 219 25.77 -36.97 0.90
CA GLY B 219 24.82 -37.23 -0.18
C GLY B 219 23.98 -38.47 -0.02
N SER B 220 24.13 -39.20 1.10
CA SER B 220 23.42 -40.47 1.23
C SER B 220 21.92 -40.28 1.34
N ASN B 221 21.45 -39.18 1.94
CA ASN B 221 20.02 -38.91 2.02
C ASN B 221 19.53 -38.07 0.83
N LYS B 222 20.38 -37.83 -0.16
CA LYS B 222 20.03 -37.11 -1.38
C LYS B 222 19.18 -35.86 -1.14
N LYS B 223 19.45 -35.17 -0.03
CA LYS B 223 18.80 -33.91 0.29
C LYS B 223 19.78 -32.75 0.13
N ILE B 224 19.22 -31.54 0.10
CA ILE B 224 19.98 -30.30 0.16
C ILE B 224 19.61 -29.58 1.46
N ASN B 225 20.63 -29.17 2.22
CA ASN B 225 20.40 -28.40 3.43
C ASN B 225 20.28 -26.92 3.08
N ILE B 226 19.32 -26.25 3.73
CA ILE B 226 19.05 -24.83 3.49
C ILE B 226 19.09 -24.11 4.83
N VAL B 227 19.99 -23.13 4.95
CA VAL B 227 20.16 -22.33 6.15
C VAL B 227 19.63 -20.92 5.85
N PRO B 228 18.51 -20.50 6.45
CA PRO B 228 17.91 -19.22 6.04
C PRO B 228 18.58 -18.00 6.66
N GLY B 229 19.17 -18.16 7.83
CA GLY B 229 19.71 -17.03 8.55
C GLY B 229 18.62 -16.22 9.24
N PHE B 230 19.02 -15.05 9.75
CA PHE B 230 18.10 -14.14 10.41
C PHE B 230 17.04 -13.70 9.40
N GLU B 231 15.79 -14.14 9.59
CA GLU B 231 14.74 -13.95 8.61
C GLU B 231 13.43 -13.67 9.34
N THR B 232 12.78 -12.55 8.99
CA THR B 232 11.60 -12.09 9.71
C THR B 232 10.39 -11.91 8.79
N TYR B 233 10.44 -12.44 7.58
CA TYR B 233 9.29 -12.50 6.68
C TYR B 233 8.85 -13.95 6.58
N LEU B 234 7.61 -14.23 7.02
CA LEU B 234 7.10 -15.60 6.94
C LEU B 234 7.14 -16.12 5.50
N GLY B 235 6.80 -15.27 4.53
CA GLY B 235 6.77 -15.69 3.15
C GLY B 235 8.11 -16.11 2.59
N ASN B 236 9.21 -15.68 3.23
CA ASN B 236 10.53 -16.07 2.74
C ASN B 236 10.84 -17.51 3.09
N PHE B 237 10.48 -17.96 4.29
CA PHE B 237 10.55 -19.38 4.60
C PHE B 237 9.68 -20.19 3.65
N ARG B 238 8.47 -19.69 3.37
CA ARG B 238 7.49 -20.45 2.63
C ARG B 238 7.78 -20.49 1.13
N VAL B 239 8.37 -19.42 0.58
CA VAL B 239 8.65 -19.41 -0.85
C VAL B 239 9.81 -20.34 -1.18
N ILE B 240 10.76 -20.51 -0.27
CA ILE B 240 11.94 -21.39 -0.49
C ILE B 240 11.44 -22.83 -0.50
N LYS B 241 10.61 -23.18 0.46
CA LYS B 241 10.05 -24.53 0.58
C LYS B 241 9.12 -24.78 -0.61
N ARG B 242 8.40 -23.77 -1.09
CA ARG B 242 7.48 -23.94 -2.20
C ARG B 242 8.24 -24.21 -3.50
N MET B 243 9.31 -23.48 -3.75
CA MET B 243 10.04 -23.65 -5.00
C MET B 243 10.75 -25.00 -5.04
N LEU B 244 11.32 -25.44 -3.92
CA LEU B 244 11.99 -26.73 -3.89
C LEU B 244 11.00 -27.88 -4.05
N SER B 245 9.84 -27.78 -3.40
CA SER B 245 8.82 -28.81 -3.59
C SER B 245 8.34 -28.84 -5.04
N GLU B 246 8.15 -27.66 -5.65
CA GLU B 246 7.80 -27.62 -7.07
C GLU B 246 8.87 -28.29 -7.91
N MET B 247 10.14 -28.11 -7.54
CA MET B 247 11.24 -28.72 -8.28
C MET B 247 11.39 -30.21 -7.98
N GLY B 248 10.68 -30.73 -6.99
CA GLY B 248 10.88 -32.10 -6.57
C GLY B 248 12.25 -32.33 -5.97
N VAL B 249 12.76 -31.35 -5.23
CA VAL B 249 14.07 -31.42 -4.61
C VAL B 249 13.89 -31.77 -3.14
N GLY B 250 14.45 -32.91 -2.73
CA GLY B 250 14.50 -33.23 -1.31
C GLY B 250 15.36 -32.23 -0.57
N TYR B 251 14.81 -31.64 0.49
CA TYR B 251 15.49 -30.58 1.21
C TYR B 251 15.22 -30.71 2.70
N SER B 252 16.05 -30.01 3.48
CA SER B 252 15.85 -29.89 4.92
C SER B 252 16.06 -28.43 5.29
N LEU B 253 14.98 -27.74 5.67
CA LEU B 253 15.09 -26.37 6.15
C LEU B 253 15.55 -26.40 7.61
N LEU B 254 16.77 -25.92 7.84
CA LEU B 254 17.40 -25.99 9.16
C LEU B 254 17.16 -24.66 9.87
N SER B 255 16.35 -24.71 10.94
CA SER B 255 15.77 -23.53 11.58
C SER B 255 14.63 -23.01 10.73
N ASP B 256 13.40 -23.35 11.09
CA ASP B 256 12.18 -22.96 10.35
C ASP B 256 11.11 -22.56 11.36
N PRO B 257 10.98 -21.26 11.67
CA PRO B 257 10.01 -20.81 12.64
C PRO B 257 8.63 -20.43 12.07
N GLU B 258 8.35 -20.77 10.82
CA GLU B 258 7.10 -20.33 10.13
C GLU B 258 5.87 -20.77 10.93
N GLU B 259 5.85 -21.92 11.58
CA GLU B 259 4.64 -22.42 12.27
C GLU B 259 4.41 -21.69 13.59
N VAL B 260 5.43 -21.57 14.41
CA VAL B 260 5.29 -20.97 15.76
C VAL B 260 5.10 -19.47 15.63
N LEU B 261 5.53 -18.84 14.54
CA LEU B 261 5.30 -17.41 14.36
C LEU B 261 4.01 -17.13 13.59
N ASP B 262 3.11 -18.10 13.50
CA ASP B 262 1.87 -17.92 12.75
C ASP B 262 0.86 -18.98 13.15
N THR B 263 0.65 -19.18 14.45
CA THR B 263 -0.31 -20.18 14.89
C THR B 263 -1.73 -19.63 14.79
N PRO B 264 -2.71 -20.49 14.49
CA PRO B 264 -4.08 -20.00 14.35
C PRO B 264 -4.71 -19.68 15.70
N ALA B 265 -5.60 -18.68 15.69
CA ALA B 265 -6.43 -18.36 16.85
C ALA B 265 -7.67 -19.22 16.75
N ASP B 266 -7.62 -20.41 17.35
CA ASP B 266 -8.75 -21.34 17.31
C ASP B 266 -9.15 -21.78 18.72
N GLY B 267 -8.91 -20.93 19.71
CA GLY B 267 -9.34 -21.19 21.07
C GLY B 267 -8.28 -21.72 22.00
N GLN B 268 -7.09 -22.06 21.49
CA GLN B 268 -6.03 -22.56 22.35
C GLN B 268 -4.70 -21.93 21.94
N PHE B 269 -3.83 -21.78 22.93
CA PHE B 269 -2.50 -21.21 22.74
C PHE B 269 -1.49 -22.34 22.58
N ARG B 270 -0.78 -22.34 21.46
CA ARG B 270 0.27 -23.34 21.19
C ARG B 270 1.64 -22.70 21.42
N MET B 271 2.37 -23.16 22.43
CA MET B 271 3.70 -22.61 22.70
C MET B 271 4.69 -23.02 21.62
N TYR B 272 4.54 -24.24 21.11
CA TYR B 272 5.42 -24.77 20.05
C TYR B 272 4.58 -25.19 18.85
N ALA B 273 5.17 -25.16 17.67
CA ALA B 273 4.52 -25.50 16.39
C ALA B 273 5.56 -25.68 15.31
N GLY B 274 5.62 -26.85 14.68
CA GLY B 274 6.52 -27.11 13.54
C GLY B 274 7.98 -27.05 13.94
N GLY B 275 8.81 -26.52 13.07
CA GLY B 275 10.23 -26.36 13.39
C GLY B 275 11.10 -27.49 12.91
N THR B 276 12.39 -27.23 12.80
CA THR B 276 13.34 -28.26 12.41
C THR B 276 13.47 -29.29 13.54
N THR B 277 13.37 -30.56 13.19
CA THR B 277 13.49 -31.63 14.16
C THR B 277 14.96 -31.87 14.51
N GLN B 278 15.18 -32.44 15.69
CA GLN B 278 16.54 -32.79 16.09
C GLN B 278 17.17 -33.74 15.08
N GLU B 279 16.37 -34.61 14.47
CA GLU B 279 16.92 -35.55 13.48
C GLU B 279 17.44 -34.82 12.25
N GLU B 280 16.63 -33.92 11.69
CA GLU B 280 17.08 -33.17 10.52
C GLU B 280 18.45 -32.57 10.75
N MET B 281 18.76 -32.22 12.01
CA MET B 281 20.09 -31.75 12.36
C MET B 281 21.08 -32.91 12.44
N LYS B 282 20.66 -34.04 13.02
CA LYS B 282 21.57 -35.19 13.13
C LYS B 282 21.93 -35.71 11.74
N ASP B 283 20.95 -35.74 10.84
CA ASP B 283 21.11 -36.32 9.51
C ASP B 283 21.63 -35.32 8.49
N ALA B 284 21.76 -34.05 8.86
CA ALA B 284 22.19 -33.04 7.90
C ALA B 284 23.52 -33.34 7.24
N PRO B 285 24.51 -33.92 7.92
CA PRO B 285 25.78 -34.24 7.23
C PRO B 285 25.59 -35.18 6.05
N ASN B 286 24.52 -35.96 6.00
CA ASN B 286 24.27 -36.89 4.91
C ASN B 286 23.67 -36.22 3.68
N ALA B 287 23.56 -34.90 3.68
CA ALA B 287 22.98 -34.17 2.56
C ALA B 287 24.00 -34.02 1.43
N LEU B 288 23.48 -33.83 0.22
CA LEU B 288 24.36 -33.58 -0.92
C LEU B 288 25.20 -32.32 -0.72
N ASN B 289 24.59 -31.27 -0.18
CA ASN B 289 25.28 -30.01 0.02
C ASN B 289 24.44 -29.16 0.97
N THR B 290 24.96 -28.00 1.33
CA THR B 290 24.28 -27.04 2.20
C THR B 290 24.33 -25.68 1.54
N VAL B 291 23.17 -25.07 1.32
CA VAL B 291 23.07 -23.75 0.70
C VAL B 291 22.77 -22.76 1.81
N LEU B 292 23.60 -21.72 1.91
CA LEU B 292 23.39 -20.64 2.86
C LEU B 292 22.60 -19.53 2.17
N LEU B 293 21.39 -19.24 2.68
CA LEU B 293 20.54 -18.25 2.04
C LEU B 293 21.05 -16.83 2.26
N GLN B 294 21.69 -16.55 3.40
CA GLN B 294 22.23 -15.24 3.71
C GLN B 294 23.67 -15.45 4.17
N PRO B 295 24.59 -15.66 3.22
CA PRO B 295 25.95 -16.09 3.61
C PRO B 295 26.76 -15.03 4.30
N TRP B 296 26.45 -13.75 4.13
CA TRP B 296 27.29 -12.71 4.70
C TRP B 296 27.13 -12.56 6.20
N HIS B 297 26.21 -13.29 6.83
CA HIS B 297 26.19 -13.38 8.29
C HIS B 297 26.13 -14.84 8.75
N LEU B 298 26.57 -15.77 7.91
CA LEU B 298 26.63 -17.18 8.27
C LEU B 298 28.02 -17.77 8.05
N GLU B 299 29.07 -16.99 8.29
CA GLU B 299 30.42 -17.50 8.04
C GLU B 299 30.81 -18.59 9.02
N LYS B 300 30.55 -18.39 10.31
CA LYS B 300 30.89 -19.43 11.28
C LYS B 300 30.22 -20.75 10.90
N THR B 301 28.93 -20.71 10.60
CA THR B 301 28.23 -21.89 10.10
C THR B 301 28.93 -22.46 8.87
N LYS B 302 29.30 -21.59 7.93
CA LYS B 302 29.95 -22.05 6.70
C LYS B 302 31.17 -22.89 7.00
N LYS B 303 32.07 -22.38 7.85
CA LYS B 303 33.30 -23.10 8.17
C LYS B 303 33.00 -24.45 8.78
N PHE B 304 31.94 -24.55 9.58
CA PHE B 304 31.62 -25.83 10.23
C PHE B 304 31.04 -26.81 9.24
N VAL B 305 30.18 -26.35 8.33
CA VAL B 305 29.60 -27.23 7.33
C VAL B 305 30.68 -27.75 6.37
N GLU B 306 31.66 -26.91 6.07
CA GLU B 306 32.75 -27.35 5.19
C GLU B 306 33.82 -28.11 5.96
N GLY B 307 34.14 -27.64 7.16
CA GLY B 307 35.21 -28.27 7.92
C GLY B 307 34.81 -29.65 8.46
N THR B 308 33.59 -29.78 8.96
CA THR B 308 33.14 -31.01 9.60
C THR B 308 32.24 -31.85 8.69
N TRP B 309 31.21 -31.29 8.08
CA TRP B 309 30.27 -32.09 7.23
C TRP B 309 30.91 -32.37 5.87
N LYS B 310 32.03 -31.70 5.56
CA LYS B 310 32.77 -31.90 4.29
C LYS B 310 31.95 -31.48 3.08
N HIS B 311 30.93 -30.65 3.26
CA HIS B 311 30.07 -30.14 2.17
C HIS B 311 30.79 -29.03 1.40
N GLU B 312 30.59 -28.96 0.10
CA GLU B 312 31.15 -27.90 -0.74
C GLU B 312 30.07 -26.84 -0.95
N VAL B 313 30.02 -25.87 -0.04
CA VAL B 313 28.96 -24.87 -0.03
C VAL B 313 29.08 -24.00 -1.27
N PRO B 314 28.03 -23.89 -2.08
CA PRO B 314 28.14 -23.12 -3.33
C PRO B 314 28.28 -21.63 -3.06
N LYS B 315 28.93 -20.95 -4.01
CA LYS B 315 29.05 -19.49 -3.96
C LYS B 315 27.77 -18.90 -4.55
N LEU B 316 26.79 -18.65 -3.69
CA LEU B 316 25.51 -18.12 -4.12
C LEU B 316 25.17 -16.85 -3.35
N ASN B 317 24.69 -15.85 -4.08
CA ASN B 317 24.11 -14.68 -3.44
C ASN B 317 22.71 -15.02 -2.91
N ILE B 318 22.22 -14.18 -2.01
CA ILE B 318 20.86 -14.30 -1.49
C ILE B 318 19.91 -14.35 -2.68
N PRO B 319 18.93 -15.26 -2.70
CA PRO B 319 18.02 -15.33 -3.87
C PRO B 319 17.00 -14.20 -3.87
N MET B 320 17.47 -13.00 -4.22
CA MET B 320 16.62 -11.83 -4.37
C MET B 320 16.75 -11.30 -5.80
N GLY B 321 15.63 -10.88 -6.36
CA GLY B 321 15.66 -10.35 -7.71
C GLY B 321 15.69 -11.45 -8.76
N LEU B 322 15.96 -11.04 -10.00
CA LEU B 322 15.83 -11.94 -11.13
C LEU B 322 17.10 -12.79 -11.30
N ASP B 323 18.26 -12.15 -11.44
CA ASP B 323 19.49 -12.90 -11.72
C ASP B 323 19.81 -13.87 -10.58
N TRP B 324 19.68 -13.43 -9.34
CA TRP B 324 20.11 -14.27 -8.21
C TRP B 324 19.14 -15.39 -7.90
N THR B 325 17.85 -15.21 -8.22
CA THR B 325 16.93 -16.34 -8.14
C THR B 325 17.24 -17.34 -9.25
N ASP B 326 17.53 -16.86 -10.46
CA ASP B 326 18.00 -17.73 -11.53
C ASP B 326 19.20 -18.55 -11.07
N GLU B 327 20.22 -17.87 -10.53
CA GLU B 327 21.43 -18.57 -10.10
C GLU B 327 21.14 -19.53 -8.96
N PHE B 328 20.26 -19.14 -8.03
CA PHE B 328 19.88 -20.04 -6.95
C PHE B 328 19.22 -21.30 -7.51
N LEU B 329 18.28 -21.13 -8.44
CA LEU B 329 17.58 -22.29 -9.00
C LEU B 329 18.50 -23.14 -9.87
N MET B 330 19.40 -22.51 -10.63
CA MET B 330 20.31 -23.27 -11.47
C MET B 330 21.28 -24.09 -10.63
N LYS B 331 21.72 -23.54 -9.49
CA LYS B 331 22.63 -24.29 -8.64
C LYS B 331 21.92 -25.44 -7.93
N VAL B 332 20.68 -25.21 -7.49
CA VAL B 332 19.90 -26.29 -6.89
C VAL B 332 19.68 -27.41 -7.90
N SER B 333 19.37 -27.05 -9.14
CA SER B 333 19.17 -28.06 -10.18
C SER B 333 20.41 -28.91 -10.39
N GLU B 334 21.59 -28.27 -10.40
CA GLU B 334 22.83 -29.01 -10.61
C GLU B 334 23.12 -29.96 -9.46
N ILE B 335 22.93 -29.49 -8.22
CA ILE B 335 23.25 -30.32 -7.07
C ILE B 335 22.28 -31.50 -6.96
N SER B 336 20.99 -31.24 -7.20
CA SER B 336 19.96 -32.25 -7.00
C SER B 336 19.72 -33.11 -8.23
N GLY B 337 20.14 -32.67 -9.41
CA GLY B 337 19.83 -33.37 -10.63
C GLY B 337 18.42 -33.15 -11.15
N GLN B 338 17.59 -32.39 -10.43
CA GLN B 338 16.24 -32.07 -10.85
C GLN B 338 16.26 -30.92 -11.85
N PRO B 339 15.48 -31.00 -12.93
CA PRO B 339 15.35 -29.85 -13.83
C PRO B 339 14.40 -28.81 -13.27
N ILE B 340 14.61 -27.56 -13.70
CA ILE B 340 13.74 -26.45 -13.31
C ILE B 340 12.40 -26.63 -14.03
N PRO B 341 11.29 -26.73 -13.29
CA PRO B 341 10.02 -27.09 -13.92
C PRO B 341 9.39 -25.93 -14.67
N ALA B 342 8.42 -26.29 -15.52
CA ALA B 342 7.67 -25.28 -16.28
C ALA B 342 7.00 -24.26 -15.36
N SER B 343 6.57 -24.68 -14.18
CA SER B 343 5.88 -23.76 -13.28
C SER B 343 6.77 -22.61 -12.86
N LEU B 344 8.04 -22.91 -12.54
CA LEU B 344 8.97 -21.86 -12.13
C LEU B 344 9.48 -21.06 -13.33
N THR B 345 9.60 -21.70 -14.50
CA THR B 345 10.00 -20.95 -15.69
C THR B 345 8.90 -19.97 -16.09
N LYS B 346 7.64 -20.35 -15.91
CA LYS B 346 6.54 -19.43 -16.21
C LYS B 346 6.48 -18.30 -15.19
N GLU B 347 6.58 -18.63 -13.91
CA GLU B 347 6.58 -17.59 -12.88
C GLU B 347 7.68 -16.56 -13.14
N ARG B 348 8.84 -17.01 -13.63
CA ARG B 348 9.90 -16.07 -13.97
C ARG B 348 9.45 -15.13 -15.08
N GLY B 349 8.87 -15.67 -16.15
CA GLY B 349 8.38 -14.84 -17.23
C GLY B 349 7.31 -13.87 -16.78
N ARG B 350 6.54 -14.23 -15.75
CA ARG B 350 5.52 -13.32 -15.24
C ARG B 350 6.16 -12.16 -14.50
N LEU B 351 7.25 -12.42 -13.76
CA LEU B 351 7.98 -11.35 -13.11
C LEU B 351 8.61 -10.42 -14.14
N VAL B 352 9.22 -10.97 -15.19
CA VAL B 352 9.79 -10.14 -16.24
C VAL B 352 8.70 -9.31 -16.90
N ASP B 353 7.52 -9.90 -17.09
CA ASP B 353 6.42 -9.16 -17.68
C ASP B 353 6.06 -7.94 -16.84
N MET B 354 6.01 -8.12 -15.52
CA MET B 354 5.72 -6.99 -14.63
C MET B 354 6.83 -5.94 -14.70
N MET B 355 8.08 -6.37 -14.92
CA MET B 355 9.16 -5.40 -15.09
C MET B 355 8.96 -4.57 -16.35
N THR B 356 8.51 -5.20 -17.44
CA THR B 356 8.31 -4.47 -18.68
C THR B 356 7.13 -3.49 -18.57
N ASP B 357 6.11 -3.85 -17.80
CA ASP B 357 4.87 -3.04 -17.65
C ASP B 357 5.09 -1.84 -16.74
N SER B 358 6.09 -1.90 -15.86
CA SER B 358 6.27 -0.87 -14.85
C SER B 358 7.61 -0.14 -14.95
N HIS B 359 8.39 -0.40 -16.00
CA HIS B 359 9.74 0.16 -16.03
C HIS B 359 9.73 1.67 -16.28
N THR B 360 8.69 2.20 -16.93
CA THR B 360 8.67 3.62 -17.25
C THR B 360 8.49 4.47 -15.99
N TRP B 361 7.86 3.92 -14.96
CA TRP B 361 7.71 4.64 -13.70
C TRP B 361 8.84 4.37 -12.72
N LEU B 362 9.55 3.25 -12.87
CA LEU B 362 10.66 2.92 -12.00
C LEU B 362 11.98 3.54 -12.49
N HIS B 363 12.10 3.79 -13.79
CA HIS B 363 13.40 4.18 -14.35
C HIS B 363 13.91 5.46 -13.71
N GLY B 364 15.16 5.43 -13.26
CA GLY B 364 15.81 6.59 -12.70
C GLY B 364 15.41 6.96 -11.29
N LYS B 365 14.43 6.27 -10.71
CA LYS B 365 13.98 6.61 -9.37
C LYS B 365 15.10 6.35 -8.37
N ARG B 366 15.32 7.30 -7.47
CA ARG B 366 16.44 7.26 -6.54
C ARG B 366 15.96 6.84 -5.16
N PHE B 367 16.72 5.96 -4.53
CA PHE B 367 16.34 5.35 -3.27
C PHE B 367 17.48 5.43 -2.27
N ALA B 368 17.14 5.67 -1.01
CA ALA B 368 18.06 5.54 0.11
C ALA B 368 17.57 4.29 0.83
N LEU B 369 18.40 3.31 1.14
CA LEU B 369 17.94 2.05 1.75
C LEU B 369 18.88 1.58 2.86
N TRP B 370 18.37 0.77 3.78
CA TRP B 370 19.18 0.18 4.87
C TRP B 370 18.64 -1.20 5.29
N GLY B 371 19.42 -1.94 6.06
CA GLY B 371 19.02 -3.25 6.56
C GLY B 371 20.25 -4.10 6.82
N ASP B 372 20.01 -5.40 6.98
CA ASP B 372 21.09 -6.35 7.20
C ASP B 372 21.87 -6.57 5.90
N PRO B 373 23.09 -7.10 6.00
CA PRO B 373 23.96 -7.12 4.81
C PRO B 373 23.37 -7.85 3.61
N ASP B 374 22.84 -9.06 3.80
CA ASP B 374 22.35 -9.84 2.66
C ASP B 374 21.08 -9.23 2.09
N PHE B 375 20.16 -8.84 2.95
CA PHE B 375 18.93 -8.15 2.50
C PHE B 375 19.28 -6.91 1.69
N VAL B 376 20.29 -6.15 2.12
CA VAL B 376 20.59 -4.89 1.46
C VAL B 376 21.13 -5.14 0.05
N MET B 377 22.13 -6.02 -0.08
CA MET B 377 22.73 -6.23 -1.39
C MET B 377 21.75 -6.87 -2.36
N GLY B 378 20.83 -7.68 -1.86
CA GLY B 378 19.78 -8.21 -2.71
C GLY B 378 18.80 -7.14 -3.15
N LEU B 379 18.51 -6.19 -2.27
CA LEU B 379 17.68 -5.06 -2.65
C LEU B 379 18.40 -4.17 -3.66
N VAL B 380 19.71 -3.97 -3.46
CA VAL B 380 20.50 -3.21 -4.42
C VAL B 380 20.45 -3.89 -5.78
N LYS B 381 20.70 -5.20 -5.81
CA LYS B 381 20.74 -5.92 -7.08
C LYS B 381 19.42 -5.80 -7.82
N PHE B 382 18.30 -5.96 -7.10
CA PHE B 382 16.99 -5.91 -7.75
C PHE B 382 16.71 -4.51 -8.27
N LEU B 383 17.02 -3.49 -7.48
CA LEU B 383 16.79 -2.09 -7.88
C LEU B 383 17.56 -1.79 -9.18
N LEU B 384 18.78 -2.32 -9.35
CA LEU B 384 19.57 -2.14 -10.59
C LEU B 384 18.88 -2.86 -11.76
N GLU B 385 18.36 -4.07 -11.55
CA GLU B 385 17.61 -4.78 -12.59
C GLU B 385 16.36 -4.01 -12.99
N LEU B 386 15.86 -3.12 -12.13
CA LEU B 386 14.60 -2.35 -12.40
C LEU B 386 14.87 -0.98 -13.03
N GLY B 387 16.11 -0.56 -13.23
CA GLY B 387 16.51 0.74 -13.80
C GLY B 387 16.52 1.89 -12.79
N CYS B 388 16.45 1.63 -11.51
CA CYS B 388 16.42 2.56 -10.37
C CYS B 388 17.84 2.73 -9.87
N GLU B 389 18.10 3.76 -9.11
CA GLU B 389 19.45 4.07 -8.62
C GLU B 389 19.44 3.99 -7.11
N PRO B 390 20.11 2.99 -6.52
CA PRO B 390 20.24 2.94 -5.05
C PRO B 390 21.32 3.90 -4.55
N VAL B 391 20.94 5.18 -4.45
CA VAL B 391 21.92 6.24 -4.22
C VAL B 391 22.57 6.08 -2.85
N HIS B 392 21.77 5.90 -1.80
CA HIS B 392 22.27 5.76 -0.44
C HIS B 392 22.05 4.32 0.01
N ILE B 393 23.16 3.58 0.16
CA ILE B 393 23.13 2.19 0.61
C ILE B 393 23.85 2.16 1.95
N LEU B 394 23.09 1.99 3.03
CA LEU B 394 23.63 2.01 4.38
C LEU B 394 23.44 0.66 5.04
N CYS B 395 24.51 0.12 5.62
CA CYS B 395 24.46 -1.13 6.37
C CYS B 395 25.26 -0.94 7.64
N HIS B 396 24.57 -0.72 8.76
CA HIS B 396 25.24 -0.39 10.01
C HIS B 396 26.09 -1.55 10.51
N ASN B 397 25.67 -2.79 10.25
CA ASN B 397 26.39 -3.97 10.72
C ASN B 397 27.13 -4.69 9.59
N GLY B 398 27.41 -3.98 8.49
CA GLY B 398 28.19 -4.56 7.41
C GLY B 398 29.69 -4.43 7.66
N ASN B 399 30.47 -5.11 6.83
CA ASN B 399 31.92 -5.07 6.94
C ASN B 399 32.54 -4.60 5.62
N LYS B 400 33.89 -4.63 5.56
CA LYS B 400 34.62 -4.08 4.43
C LYS B 400 34.56 -4.97 3.20
N ARG B 401 34.78 -6.29 3.38
CA ARG B 401 34.63 -7.21 2.25
C ARG B 401 33.22 -7.13 1.66
N TRP B 402 32.19 -7.11 2.52
CA TRP B 402 30.83 -6.98 2.02
C TRP B 402 30.67 -5.72 1.20
N LYS B 403 31.14 -4.58 1.73
CA LYS B 403 31.05 -3.33 0.97
C LYS B 403 31.73 -3.46 -0.38
N LYS B 404 32.82 -4.20 -0.45
CA LYS B 404 33.58 -4.37 -1.71
C LYS B 404 32.74 -5.20 -2.69
N ALA B 405 32.07 -6.25 -2.23
CA ALA B 405 31.20 -7.03 -3.11
C ALA B 405 30.07 -6.19 -3.66
N VAL B 406 29.47 -5.34 -2.81
CA VAL B 406 28.38 -4.49 -3.25
C VAL B 406 28.88 -3.41 -4.20
N ASP B 407 30.07 -2.86 -3.91
CA ASP B 407 30.65 -1.85 -4.80
C ASP B 407 30.92 -2.45 -6.18
N ALA B 408 31.39 -3.70 -6.23
CA ALA B 408 31.59 -4.36 -7.52
C ALA B 408 30.27 -4.51 -8.27
N ILE B 409 29.19 -4.79 -7.53
CA ILE B 409 27.88 -4.91 -8.17
C ILE B 409 27.46 -3.58 -8.76
N LEU B 410 27.62 -2.49 -8.00
CA LEU B 410 27.25 -1.17 -8.50
C LEU B 410 28.06 -0.79 -9.73
N ALA B 411 29.32 -1.25 -9.81
CA ALA B 411 30.19 -0.86 -10.92
C ALA B 411 29.82 -1.56 -12.22
N ALA B 412 29.18 -2.73 -12.14
CA ALA B 412 28.83 -3.49 -13.33
C ALA B 412 27.50 -3.09 -13.95
N SER B 413 26.93 -1.97 -13.50
CA SER B 413 25.64 -1.50 -14.00
C SER B 413 25.66 0.02 -14.02
N PRO B 414 25.15 0.64 -15.09
CA PRO B 414 25.12 2.11 -15.14
C PRO B 414 24.22 2.75 -14.11
N TYR B 415 23.37 1.98 -13.43
CA TYR B 415 22.47 2.53 -12.43
C TYR B 415 23.06 2.57 -11.02
N GLY B 416 24.25 2.03 -10.83
CA GLY B 416 24.98 2.20 -9.59
C GLY B 416 25.98 3.34 -9.60
N LYS B 417 25.89 4.23 -10.59
CA LYS B 417 26.92 5.23 -10.80
C LYS B 417 26.91 6.29 -9.71
N ASN B 418 25.73 6.69 -9.25
CA ASN B 418 25.61 7.73 -8.23
C ASN B 418 25.38 7.15 -6.84
N ALA B 419 25.82 5.92 -6.63
CA ALA B 419 25.55 5.18 -5.40
C ALA B 419 26.80 5.13 -4.52
N THR B 420 26.59 5.18 -3.22
CA THR B 420 27.65 5.03 -2.23
C THR B 420 27.18 4.06 -1.17
N VAL B 421 28.09 3.16 -0.76
CA VAL B 421 27.80 2.16 0.26
C VAL B 421 28.42 2.62 1.56
N TYR B 422 27.63 2.66 2.63
CA TYR B 422 28.08 3.09 3.94
C TYR B 422 27.94 1.92 4.92
N ILE B 423 29.03 1.62 5.63
CA ILE B 423 29.01 0.63 6.69
C ILE B 423 29.40 1.32 8.00
N GLY B 424 28.93 0.76 9.11
CA GLY B 424 29.18 1.34 10.40
C GLY B 424 28.50 2.66 10.66
N LYS B 425 27.71 3.16 9.71
CA LYS B 425 26.95 4.39 9.89
C LYS B 425 25.52 4.06 10.31
N ASP B 426 24.87 5.00 10.97
CA ASP B 426 23.54 4.78 11.54
C ASP B 426 22.51 5.67 10.86
N LEU B 427 21.30 5.71 11.39
CA LEU B 427 20.20 6.42 10.77
C LEU B 427 20.28 7.93 10.96
N TRP B 428 21.11 8.43 11.88
CA TRP B 428 21.39 9.89 12.01
C TRP B 428 22.29 10.29 10.84
N HIS B 429 23.27 9.44 10.47
CA HIS B 429 24.02 9.67 9.25
C HIS B 429 23.09 9.70 8.03
N LEU B 430 22.19 8.73 7.94
CA LEU B 430 21.31 8.64 6.77
C LEU B 430 20.40 9.86 6.67
N ARG B 431 19.93 10.36 7.79
CA ARG B 431 19.09 11.57 7.81
C ARG B 431 19.83 12.67 7.04
N SER B 432 21.12 12.88 7.30
CA SER B 432 21.87 13.92 6.60
C SER B 432 21.89 13.67 5.10
N LEU B 433 22.06 12.41 4.69
CA LEU B 433 22.22 12.11 3.27
C LEU B 433 20.96 12.44 2.49
N VAL B 434 19.79 12.11 3.03
CA VAL B 434 18.54 12.39 2.32
C VAL B 434 18.19 13.86 2.30
N PHE B 435 18.90 14.69 3.08
CA PHE B 435 18.77 16.14 2.99
C PHE B 435 19.73 16.73 1.96
N THR B 436 21.02 16.44 2.09
CA THR B 436 22.02 17.01 1.19
C THR B 436 21.92 16.43 -0.21
N ASP B 437 21.60 15.15 -0.32
CA ASP B 437 21.55 14.43 -1.60
C ASP B 437 20.20 13.72 -1.68
N LYS B 438 19.14 14.50 -1.82
CA LYS B 438 17.80 13.98 -1.59
C LYS B 438 17.45 12.89 -2.59
N PRO B 439 17.02 11.71 -2.13
CA PRO B 439 16.47 10.72 -3.06
C PRO B 439 14.97 10.89 -3.19
N ASP B 440 14.30 9.96 -3.88
CA ASP B 440 12.85 10.03 -4.02
C ASP B 440 12.12 9.25 -2.94
N PHE B 441 12.70 8.16 -2.45
CA PHE B 441 12.05 7.34 -1.44
C PHE B 441 13.10 6.68 -0.56
N MET B 442 12.66 6.24 0.62
CA MET B 442 13.45 5.38 1.49
C MET B 442 12.85 3.99 1.52
N ILE B 443 13.70 2.97 1.49
CA ILE B 443 13.29 1.59 1.73
C ILE B 443 13.96 1.17 3.03
N GLY B 444 13.18 1.02 4.09
CA GLY B 444 13.75 0.70 5.38
C GLY B 444 12.68 0.29 6.36
N ASN B 445 13.10 0.10 7.62
CA ASN B 445 12.22 -0.37 8.67
C ASN B 445 11.47 0.81 9.28
N SER B 446 10.77 0.56 10.39
CA SER B 446 9.87 1.56 10.95
C SER B 446 10.61 2.76 11.53
N TYR B 447 11.88 2.61 11.90
CA TYR B 447 12.64 3.75 12.40
C TYR B 447 12.76 4.83 11.33
N GLY B 448 12.71 4.45 10.06
CA GLY B 448 12.78 5.42 8.99
C GLY B 448 11.63 6.40 8.95
N LYS B 449 10.57 6.15 9.71
CA LYS B 449 9.44 7.08 9.70
C LYS B 449 9.82 8.43 10.30
N PHE B 450 10.76 8.44 11.25
CA PHE B 450 11.19 9.69 11.86
C PHE B 450 12.10 10.50 10.93
N ILE B 451 12.68 9.85 9.92
CA ILE B 451 13.44 10.60 8.92
C ILE B 451 12.49 11.33 7.96
N GLN B 452 11.45 10.64 7.49
CA GLN B 452 10.45 11.32 6.67
C GLN B 452 9.82 12.48 7.43
N ARG B 453 9.49 12.26 8.70
CA ARG B 453 9.05 13.36 9.57
C ARG B 453 9.99 14.56 9.47
N ASP B 454 11.29 14.33 9.65
CA ASP B 454 12.24 15.43 9.60
C ASP B 454 12.24 16.10 8.23
N THR B 455 12.21 15.30 7.15
CA THR B 455 12.27 15.88 5.81
C THR B 455 11.03 16.72 5.51
N LEU B 456 9.85 16.26 5.92
CA LEU B 456 8.64 17.04 5.67
C LEU B 456 8.69 18.39 6.38
N HIS B 457 9.34 18.45 7.55
CA HIS B 457 9.38 19.69 8.31
C HIS B 457 10.15 20.78 7.57
N LYS B 458 11.19 20.41 6.83
CA LYS B 458 11.89 21.39 6.00
C LYS B 458 10.97 21.90 4.90
N GLY B 459 10.16 21.02 4.32
CA GLY B 459 9.24 21.40 3.28
C GLY B 459 8.65 20.21 2.56
N LYS B 460 7.42 20.34 2.05
CA LYS B 460 6.83 19.25 1.28
C LYS B 460 7.70 18.88 0.10
N GLU B 461 8.34 19.86 -0.53
CA GLU B 461 9.25 19.58 -1.63
C GLU B 461 10.35 18.62 -1.23
N PHE B 462 10.74 18.64 0.05
CA PHE B 462 11.89 17.88 0.53
C PHE B 462 11.52 16.58 1.22
N GLU B 463 10.23 16.28 1.34
CA GLU B 463 9.80 15.07 2.04
C GLU B 463 10.26 13.84 1.28
N VAL B 464 10.79 12.87 2.02
CA VAL B 464 11.23 11.61 1.44
C VAL B 464 10.36 10.50 2.00
N PRO B 465 9.38 9.99 1.25
CA PRO B 465 8.46 9.00 1.80
C PRO B 465 9.15 7.66 2.08
N LEU B 466 8.72 7.01 3.15
CA LEU B 466 9.28 5.72 3.56
C LEU B 466 8.51 4.58 2.91
N ILE B 467 9.25 3.61 2.37
CA ILE B 467 8.70 2.34 1.92
C ILE B 467 9.17 1.28 2.90
N ARG B 468 8.23 0.67 3.61
CA ARG B 468 8.57 -0.21 4.73
C ARG B 468 8.89 -1.62 4.22
N ILE B 469 10.18 -1.91 4.13
CA ILE B 469 10.68 -3.26 3.89
C ILE B 469 11.89 -3.46 4.79
N GLY B 470 11.88 -4.55 5.57
CA GLY B 470 12.97 -4.82 6.48
C GLY B 470 12.50 -5.26 7.86
N PHE B 471 13.31 -4.98 8.88
CA PHE B 471 13.02 -5.36 10.25
C PHE B 471 13.57 -4.31 11.21
N PRO B 472 12.79 -3.84 12.19
CA PRO B 472 11.39 -4.23 12.46
C PRO B 472 10.36 -3.29 11.85
N ILE B 473 9.19 -3.83 11.54
CA ILE B 473 8.07 -3.04 11.02
C ILE B 473 7.01 -3.05 12.12
N PHE B 474 6.93 -1.95 12.87
CA PHE B 474 6.06 -1.88 14.03
C PHE B 474 4.78 -1.07 13.80
N ASP B 475 4.76 -0.16 12.83
CA ASP B 475 3.65 0.77 12.66
C ASP B 475 2.72 0.38 11.52
N ARG B 476 2.85 -0.84 10.99
CA ARG B 476 1.87 -1.40 10.07
C ARG B 476 1.59 -2.83 10.52
N HIS B 477 0.41 -3.33 10.14
CA HIS B 477 -0.04 -4.64 10.58
C HIS B 477 0.15 -5.69 9.49
N HIS B 478 0.78 -6.79 9.86
CA HIS B 478 0.83 -8.02 9.08
C HIS B 478 1.71 -7.93 7.84
N LEU B 479 2.61 -6.95 7.76
CA LEU B 479 3.58 -6.94 6.67
C LEU B 479 4.60 -8.08 6.82
N HIS B 480 4.74 -8.64 8.03
CA HIS B 480 5.60 -9.79 8.22
C HIS B 480 5.14 -11.01 7.43
N ARG B 481 3.91 -11.00 6.91
CA ARG B 481 3.44 -12.09 6.09
C ARG B 481 4.00 -12.04 4.66
N SER B 482 4.69 -10.96 4.31
CA SER B 482 5.11 -10.74 2.94
C SER B 482 6.28 -11.65 2.57
N THR B 483 6.69 -11.56 1.30
CA THR B 483 7.81 -12.31 0.75
C THR B 483 8.76 -11.35 0.06
N THR B 484 10.06 -11.53 0.26
CA THR B 484 11.05 -10.73 -0.43
C THR B 484 12.03 -11.54 -1.27
N LEU B 485 12.05 -12.87 -1.11
CA LEU B 485 12.97 -13.71 -1.85
C LEU B 485 12.29 -14.29 -3.09
N GLY B 486 13.10 -14.82 -4.00
CA GLY B 486 12.60 -15.48 -5.18
C GLY B 486 11.88 -14.53 -6.14
N TYR B 487 11.27 -15.15 -7.15
CA TYR B 487 10.45 -14.38 -8.08
C TYR B 487 9.22 -13.80 -7.39
N GLU B 488 8.58 -14.58 -6.53
CA GLU B 488 7.40 -14.09 -5.82
C GLU B 488 7.72 -12.85 -5.00
N GLY B 489 8.83 -12.88 -4.26
CA GLY B 489 9.20 -11.72 -3.48
C GLY B 489 9.58 -10.54 -4.35
N ALA B 490 10.24 -10.80 -5.49
CA ALA B 490 10.54 -9.74 -6.43
C ALA B 490 9.28 -9.14 -7.01
N MET B 491 8.23 -9.95 -7.20
CA MET B 491 6.97 -9.44 -7.70
C MET B 491 6.31 -8.52 -6.67
N GLN B 492 6.37 -8.89 -5.39
CA GLN B 492 5.80 -8.04 -4.35
C GLN B 492 6.57 -6.73 -4.22
N ILE B 493 7.91 -6.80 -4.27
CA ILE B 493 8.71 -5.59 -4.14
C ILE B 493 8.44 -4.65 -5.32
N LEU B 494 8.42 -5.20 -6.53
CA LEU B 494 8.14 -4.38 -7.71
C LEU B 494 6.82 -3.64 -7.54
N THR B 495 5.76 -4.36 -7.18
CA THR B 495 4.45 -3.75 -7.04
C THR B 495 4.45 -2.68 -5.95
N THR B 496 5.05 -2.99 -4.80
CA THR B 496 5.13 -2.01 -3.73
C THR B 496 5.84 -0.74 -4.18
N LEU B 497 6.96 -0.90 -4.88
CA LEU B 497 7.75 0.26 -5.29
C LEU B 497 6.99 1.13 -6.29
N VAL B 498 6.48 0.51 -7.37
CA VAL B 498 5.83 1.31 -8.42
C VAL B 498 4.58 1.99 -7.89
N ASN B 499 3.86 1.34 -6.96
CA ASN B 499 2.63 1.95 -6.45
C ASN B 499 2.93 3.01 -5.40
N SER B 500 4.05 2.90 -4.68
CA SER B 500 4.49 4.00 -3.82
C SER B 500 4.83 5.23 -4.66
N ILE B 501 5.48 5.03 -5.81
CA ILE B 501 5.80 6.13 -6.70
C ILE B 501 4.52 6.79 -7.21
N LEU B 502 3.56 5.98 -7.64
CA LEU B 502 2.32 6.50 -8.22
C LEU B 502 1.39 7.09 -7.19
N GLU B 503 1.35 6.55 -5.97
CA GLU B 503 0.57 7.15 -4.88
C GLU B 503 1.14 8.54 -4.56
N ARG B 504 2.47 8.71 -4.57
CA ARG B 504 3.06 10.02 -4.33
C ARG B 504 2.75 10.97 -5.47
N LEU B 505 2.77 10.48 -6.71
CA LEU B 505 2.38 11.30 -7.84
C LEU B 505 0.95 11.78 -7.72
N ASP B 506 0.04 10.87 -7.32
CA ASP B 506 -1.35 11.27 -7.15
C ASP B 506 -1.49 12.33 -6.05
N GLU B 507 -0.75 12.19 -4.95
CA GLU B 507 -0.81 13.19 -3.90
C GLU B 507 -0.38 14.54 -4.44
N GLU B 508 0.73 14.58 -5.19
CA GLU B 508 1.29 15.83 -5.68
C GLU B 508 0.48 16.43 -6.83
N THR B 509 -0.45 15.67 -7.42
CA THR B 509 -1.30 16.17 -8.50
C THR B 509 -2.78 16.16 -8.11
N ARG B 510 -3.08 16.20 -6.82
CA ARG B 510 -4.45 16.20 -6.34
C ARG B 510 -5.04 17.60 -6.18
N GLY B 511 -4.22 18.64 -6.19
CA GLY B 511 -4.72 19.99 -5.97
C GLY B 511 -5.54 20.45 -7.16
N MET B 512 -6.83 20.70 -6.95
CA MET B 512 -7.71 21.06 -8.04
C MET B 512 -7.33 22.42 -8.62
N GLN B 513 -7.25 22.48 -9.94
CA GLN B 513 -6.88 23.66 -10.71
C GLN B 513 -5.42 24.06 -10.57
N ALA B 514 -4.71 23.49 -9.60
CA ALA B 514 -3.29 23.78 -9.43
C ALA B 514 -2.42 22.74 -10.11
N THR B 515 -2.61 21.47 -9.79
CA THR B 515 -1.78 20.40 -10.32
C THR B 515 -2.55 19.22 -10.87
N ASP B 516 -3.88 19.22 -10.79
CA ASP B 516 -4.64 18.04 -11.18
C ASP B 516 -4.80 17.89 -12.69
N TYR B 517 -4.13 18.72 -13.49
CA TYR B 517 -4.06 18.45 -14.93
C TYR B 517 -3.32 17.14 -15.19
N ASN B 518 -2.42 16.76 -14.29
CA ASN B 518 -1.67 15.51 -14.38
C ASN B 518 -2.25 14.43 -13.46
N HIS B 519 -3.51 14.58 -13.04
CA HIS B 519 -4.16 13.61 -12.15
C HIS B 519 -4.88 12.56 -12.99
N ASP B 520 -4.07 11.79 -13.72
CA ASP B 520 -4.60 10.90 -14.74
C ASP B 520 -5.35 9.73 -14.11
N LEU B 521 -6.47 9.36 -14.75
CA LEU B 521 -7.18 8.15 -14.33
C LEU B 521 -6.35 6.90 -14.62
N VAL B 522 -5.61 6.90 -15.73
CA VAL B 522 -4.87 5.73 -16.19
C VAL B 522 -3.38 6.05 -16.09
N ARG B 523 -2.64 5.20 -15.40
CA ARG B 523 -1.21 5.41 -15.23
C ARG B 523 -0.44 4.12 -15.54
N SER C 5 15.45 -3.63 -48.04
CA SER C 5 15.38 -4.63 -49.14
C SER C 5 13.99 -4.64 -49.78
N ARG C 6 13.71 -3.81 -50.80
CA ARG C 6 12.36 -3.67 -51.43
C ARG C 6 11.79 -5.01 -51.88
N GLU C 7 12.61 -5.86 -52.47
CA GLU C 7 12.18 -7.21 -52.90
C GLU C 7 11.69 -8.00 -51.69
N GLU C 8 12.45 -8.06 -50.61
CA GLU C 8 12.13 -8.80 -49.39
C GLU C 8 10.93 -8.21 -48.66
N VAL C 9 10.73 -6.90 -48.72
CA VAL C 9 9.50 -6.36 -48.13
C VAL C 9 8.29 -6.78 -48.94
N GLU C 10 8.43 -6.85 -50.27
CA GLU C 10 7.30 -7.22 -51.10
C GLU C 10 7.00 -8.71 -51.02
N SER C 11 8.02 -9.55 -50.86
CA SER C 11 7.77 -10.96 -50.61
C SER C 11 7.25 -11.19 -49.20
N LEU C 12 7.72 -10.40 -48.23
CA LEU C 12 7.13 -10.42 -46.91
C LEU C 12 5.65 -10.07 -46.96
N ILE C 13 5.28 -9.12 -47.83
CA ILE C 13 3.88 -8.72 -47.92
C ILE C 13 3.03 -9.87 -48.46
N GLN C 14 3.45 -10.47 -49.58
CA GLN C 14 2.69 -11.58 -50.13
C GLN C 14 2.63 -12.74 -49.13
N GLU C 15 3.75 -13.05 -48.49
CA GLU C 15 3.79 -14.18 -47.56
C GLU C 15 2.72 -14.07 -46.49
N VAL C 16 2.56 -12.87 -45.91
CA VAL C 16 1.62 -12.68 -44.82
C VAL C 16 0.18 -12.73 -45.35
N LEU C 17 -0.02 -12.43 -46.62
CA LEU C 17 -1.36 -12.45 -47.21
C LEU C 17 -1.85 -13.87 -47.47
N GLU C 18 -0.95 -14.84 -47.45
CA GLU C 18 -1.30 -16.22 -47.84
C GLU C 18 -2.25 -16.88 -46.82
N VAL C 19 -2.47 -16.24 -45.68
CA VAL C 19 -3.30 -16.79 -44.59
C VAL C 19 -4.75 -16.42 -44.87
N TYR C 20 -4.99 -15.29 -45.53
CA TYR C 20 -6.35 -14.75 -45.67
C TYR C 20 -7.27 -15.49 -46.63
N PRO C 21 -8.60 -15.43 -46.38
CA PRO C 21 -9.55 -15.91 -47.37
C PRO C 21 -9.41 -14.95 -48.56
N GLU C 22 -9.75 -15.32 -49.80
CA GLU C 22 -9.49 -14.49 -51.02
C GLU C 22 -10.06 -13.07 -51.02
N LYS C 23 -11.28 -12.81 -50.59
CA LYS C 23 -11.80 -11.44 -50.50
C LYS C 23 -10.94 -10.58 -49.59
N ALA C 24 -10.54 -11.12 -48.43
CA ALA C 24 -9.64 -10.38 -47.55
C ALA C 24 -8.26 -10.28 -48.17
N ARG C 25 -7.82 -11.30 -48.90
CA ARG C 25 -6.53 -11.25 -49.56
C ARG C 25 -6.49 -10.17 -50.63
N LYS C 26 -7.57 -9.96 -51.38
CA LYS C 26 -7.55 -8.97 -52.49
C LYS C 26 -7.57 -7.54 -51.91
N ASP C 27 -8.31 -7.32 -50.83
CA ASP C 27 -8.41 -5.98 -50.18
C ASP C 27 -7.10 -5.60 -49.49
N ARG C 28 -6.61 -6.44 -48.57
CA ARG C 28 -5.38 -6.15 -47.77
C ARG C 28 -4.18 -5.94 -48.67
N ASN C 29 -4.17 -6.56 -49.84
CA ASN C 29 -3.07 -6.34 -50.76
C ASN C 29 -2.98 -4.87 -51.17
N LYS C 30 -4.13 -4.20 -51.27
CA LYS C 30 -4.15 -2.80 -51.70
C LYS C 30 -3.75 -1.84 -50.59
N HIS C 31 -3.75 -2.23 -49.32
CA HIS C 31 -3.40 -1.34 -48.17
C HIS C 31 -1.98 -1.58 -47.66
N LEU C 32 -1.21 -2.45 -48.27
CA LEU C 32 0.16 -2.70 -47.84
C LEU C 32 1.07 -2.34 -48.99
N ALA C 33 1.98 -1.38 -48.82
CA ALA C 33 2.84 -0.84 -49.90
C ALA C 33 4.30 -0.68 -49.48
N VAL C 34 5.23 -0.55 -50.42
CA VAL C 34 6.66 -0.26 -50.11
C VAL C 34 6.95 1.10 -50.78
N ASN C 35 7.37 2.11 -50.03
CA ASN C 35 7.53 3.49 -50.51
C ASN C 35 8.61 3.53 -51.58
N ASP C 36 8.47 4.44 -52.53
CA ASP C 36 9.40 4.53 -53.68
C ASP C 36 9.59 6.01 -54.05
N PRO C 37 10.80 6.60 -53.95
CA PRO C 37 10.98 8.04 -54.18
C PRO C 37 10.52 8.50 -55.57
N ALA C 38 10.53 7.60 -56.54
CA ALA C 38 10.08 7.92 -57.92
C ALA C 38 8.55 8.07 -57.96
N VAL C 39 7.90 8.23 -56.81
CA VAL C 39 6.41 8.23 -56.82
C VAL C 39 5.80 8.82 -55.54
N THR C 40 5.08 9.91 -55.67
CA THR C 40 4.39 10.54 -54.52
C THR C 40 2.90 10.63 -54.86
N GLN C 41 2.44 9.78 -55.79
CA GLN C 41 1.01 9.75 -56.20
C GLN C 41 0.08 9.22 -55.07
N SER C 42 0.48 8.22 -54.31
CA SER C 42 -0.38 7.59 -53.27
C SER C 42 -1.52 6.87 -53.98
N LYS C 43 -2.20 7.59 -54.86
CA LYS C 43 -3.25 6.95 -55.67
C LYS C 43 -2.61 5.86 -56.59
N LYS C 44 -1.37 5.40 -56.34
CA LYS C 44 -0.77 4.29 -57.15
C LYS C 44 0.10 3.38 -56.30
N CYS C 45 0.36 3.71 -55.03
CA CYS C 45 1.10 2.77 -54.12
C CYS C 45 0.13 2.16 -53.12
N ILE C 46 -0.86 2.92 -52.65
CA ILE C 46 -1.76 2.46 -51.56
C ILE C 46 -3.15 3.07 -51.58
N ILE C 47 -4.12 2.32 -51.13
CA ILE C 47 -5.49 2.79 -50.92
C ILE C 47 -5.72 2.95 -49.43
N SER C 48 -6.59 3.90 -49.08
CA SER C 48 -6.89 4.18 -47.68
C SER C 48 -8.34 4.63 -47.54
N ASN C 49 -8.76 4.78 -46.28
CA ASN C 49 -10.10 5.28 -45.95
C ASN C 49 -11.18 4.36 -46.55
N LYS C 50 -10.98 3.06 -46.40
CA LYS C 50 -11.89 2.03 -46.89
C LYS C 50 -12.46 1.23 -45.72
N LYS C 51 -13.31 0.27 -46.08
CA LYS C 51 -13.82 -0.70 -45.12
C LYS C 51 -12.66 -1.39 -44.40
N SER C 52 -12.95 -1.81 -43.19
CA SER C 52 -12.07 -2.69 -42.41
C SER C 52 -12.67 -4.07 -42.72
N GLN C 53 -11.86 -5.04 -43.14
CA GLN C 53 -12.36 -6.37 -43.52
C GLN C 53 -12.88 -7.05 -42.26
N PRO C 54 -14.05 -7.71 -42.26
CA PRO C 54 -14.60 -8.26 -41.02
C PRO C 54 -13.74 -9.39 -40.46
N GLY C 55 -13.65 -9.41 -39.14
CA GLY C 55 -13.02 -10.52 -38.44
C GLY C 55 -11.51 -10.54 -38.44
N LEU C 56 -10.87 -9.43 -38.80
CA LEU C 56 -9.42 -9.38 -38.89
C LEU C 56 -8.77 -8.58 -37.78
N MET C 57 -9.54 -8.18 -36.77
CA MET C 57 -9.03 -7.48 -35.59
C MET C 57 -8.36 -6.16 -35.99
N THR C 58 -9.20 -5.22 -36.42
CA THR C 58 -8.76 -3.84 -36.74
C THR C 58 -8.41 -3.11 -35.45
N ILE C 59 -7.45 -2.18 -35.49
CA ILE C 59 -7.06 -1.34 -34.34
C ILE C 59 -7.96 -0.10 -34.39
N ARG C 60 -8.87 0.00 -35.36
CA ARG C 60 -9.64 1.21 -35.56
C ARG C 60 -10.67 1.43 -34.45
N GLY C 61 -11.12 2.69 -34.36
CA GLY C 61 -12.26 3.05 -33.53
C GLY C 61 -13.47 3.42 -34.35
N CYS C 62 -14.33 4.28 -33.80
CA CYS C 62 -15.61 4.62 -34.41
C CYS C 62 -15.73 6.13 -34.58
N ALA C 63 -16.85 6.57 -35.17
CA ALA C 63 -17.09 7.99 -35.37
C ALA C 63 -17.43 8.71 -34.06
N TYR C 64 -17.93 7.99 -33.06
CA TYR C 64 -18.13 8.59 -31.74
C TYR C 64 -16.78 8.93 -31.11
N ALA C 65 -15.83 8.01 -31.15
CA ALA C 65 -14.49 8.30 -30.65
C ALA C 65 -13.87 9.47 -31.40
N GLY C 66 -14.21 9.65 -32.68
CA GLY C 66 -13.67 10.76 -33.44
C GLY C 66 -14.30 12.10 -33.14
N SER C 67 -15.54 12.10 -32.62
CA SER C 67 -16.22 13.34 -32.26
C SER C 67 -16.15 13.61 -30.77
N LYS C 68 -16.73 12.72 -29.95
CA LYS C 68 -16.69 12.92 -28.51
C LYS C 68 -15.27 12.73 -27.98
N GLY C 69 -14.62 11.64 -28.38
CA GLY C 69 -13.28 11.35 -27.90
C GLY C 69 -12.28 12.42 -28.25
N VAL C 70 -12.23 12.79 -29.53
CA VAL C 70 -11.09 13.54 -30.06
C VAL C 70 -11.34 15.04 -30.02
N VAL C 71 -12.42 15.52 -30.62
CA VAL C 71 -12.61 16.95 -30.86
C VAL C 71 -13.45 17.61 -29.77
N TRP C 72 -14.60 17.02 -29.44
CA TRP C 72 -15.56 17.70 -28.56
C TRP C 72 -15.20 17.53 -27.09
N GLY C 73 -14.82 16.32 -26.69
CA GLY C 73 -14.50 16.04 -25.31
C GLY C 73 -13.59 17.07 -24.64
N PRO C 74 -12.49 17.42 -25.31
CA PRO C 74 -11.52 18.33 -24.66
C PRO C 74 -12.06 19.71 -24.33
N ILE C 75 -13.09 20.18 -25.02
CA ILE C 75 -13.67 21.50 -24.75
C ILE C 75 -14.13 21.52 -23.30
N LYS C 76 -13.48 22.35 -22.49
CA LYS C 76 -13.49 22.12 -21.04
C LYS C 76 -14.66 22.76 -20.30
N ASP C 77 -15.20 23.88 -20.77
CA ASP C 77 -16.28 24.55 -20.08
C ASP C 77 -17.66 24.20 -20.64
N MET C 78 -17.73 23.24 -21.57
CA MET C 78 -18.99 22.65 -21.99
C MET C 78 -19.14 21.27 -21.36
N ILE C 79 -20.40 20.84 -21.22
CA ILE C 79 -20.73 19.49 -20.83
C ILE C 79 -21.13 18.72 -22.07
N HIS C 80 -20.53 17.56 -22.28
CA HIS C 80 -20.75 16.76 -23.49
C HIS C 80 -21.53 15.51 -23.09
N ILE C 81 -22.68 15.32 -23.70
CA ILE C 81 -23.60 14.23 -23.35
C ILE C 81 -23.33 13.07 -24.30
N SER C 82 -22.90 11.94 -23.73
CA SER C 82 -22.82 10.68 -24.49
C SER C 82 -24.23 10.12 -24.55
N HIS C 83 -24.91 10.35 -25.66
CA HIS C 83 -26.35 10.08 -25.78
C HIS C 83 -26.53 8.66 -26.30
N GLY C 84 -27.02 7.77 -25.44
CA GLY C 84 -27.14 6.37 -25.76
C GLY C 84 -26.86 5.47 -24.59
N PRO C 85 -26.55 4.20 -24.86
CA PRO C 85 -26.32 3.24 -23.77
C PRO C 85 -25.06 3.53 -22.97
N VAL C 86 -24.81 2.71 -21.95
CA VAL C 86 -23.81 3.04 -20.92
C VAL C 86 -22.40 2.96 -21.48
N GLY C 87 -22.14 2.06 -22.42
CA GLY C 87 -20.80 1.76 -22.86
C GLY C 87 -19.90 2.92 -23.25
N CYS C 88 -20.31 3.66 -24.28
CA CYS C 88 -19.38 4.57 -24.94
C CYS C 88 -18.80 5.60 -23.99
N GLY C 89 -19.66 6.24 -23.19
CA GLY C 89 -19.18 7.23 -22.25
C GLY C 89 -18.25 6.65 -21.20
N GLN C 90 -18.46 5.39 -20.83
CA GLN C 90 -17.64 4.79 -19.78
C GLN C 90 -16.27 4.36 -20.31
N TYR C 91 -16.23 3.74 -21.48
CA TYR C 91 -14.96 3.22 -22.05
C TYR C 91 -14.08 4.41 -22.45
N SER C 92 -14.67 5.56 -22.72
CA SER C 92 -13.97 6.80 -23.14
C SER C 92 -13.66 7.68 -21.95
N ARG C 93 -14.21 7.38 -20.78
CA ARG C 93 -14.05 8.25 -19.59
C ARG C 93 -12.57 8.48 -19.26
N ALA C 94 -12.08 9.69 -19.45
CA ALA C 94 -10.71 10.11 -19.08
C ALA C 94 -9.64 9.19 -19.68
N GLY C 95 -9.87 8.62 -20.85
CA GLY C 95 -8.91 7.75 -21.55
C GLY C 95 -7.86 8.53 -22.31
N ARG C 96 -8.19 9.71 -22.82
CA ARG C 96 -7.25 10.52 -23.57
C ARG C 96 -6.82 11.71 -22.71
N ARG C 97 -5.52 11.97 -22.68
CA ARG C 97 -4.93 12.95 -21.77
C ARG C 97 -4.95 14.36 -22.39
N ASN C 98 -6.15 14.81 -22.76
CA ASN C 98 -6.33 16.16 -23.28
C ASN C 98 -6.31 17.13 -22.10
N TYR C 99 -5.10 17.56 -21.72
CA TYR C 99 -4.91 18.31 -20.50
C TYR C 99 -5.60 19.68 -20.55
N TYR C 100 -5.99 20.17 -19.38
CA TYR C 100 -6.73 21.42 -19.29
C TYR C 100 -6.56 21.99 -17.89
N ILE C 101 -6.77 23.30 -17.78
CA ILE C 101 -6.82 23.99 -16.50
C ILE C 101 -8.29 24.25 -16.19
N GLY C 102 -8.77 23.79 -15.04
CA GLY C 102 -10.15 24.05 -14.65
C GLY C 102 -10.48 23.36 -13.34
N THR C 103 -11.65 23.72 -12.82
CA THR C 103 -12.18 23.14 -11.58
C THR C 103 -13.22 22.10 -12.00
N THR C 104 -12.82 20.83 -12.01
CA THR C 104 -13.66 19.79 -12.58
C THR C 104 -14.91 19.58 -11.72
N GLY C 105 -16.06 19.54 -12.38
CA GLY C 105 -17.33 19.44 -11.71
C GLY C 105 -18.02 20.75 -11.44
N VAL C 106 -17.29 21.86 -11.50
CA VAL C 106 -17.83 23.18 -11.20
C VAL C 106 -17.89 24.05 -12.45
N ASN C 107 -16.73 24.35 -13.05
CA ASN C 107 -16.66 25.09 -14.30
C ASN C 107 -15.98 24.32 -15.42
N ALA C 108 -15.41 23.14 -15.13
CA ALA C 108 -14.79 22.29 -16.14
C ALA C 108 -15.30 20.87 -15.96
N PHE C 109 -15.34 20.11 -17.06
CA PHE C 109 -16.03 18.82 -17.02
C PHE C 109 -15.40 17.76 -17.93
N VAL C 110 -14.13 17.89 -18.31
CA VAL C 110 -13.58 17.02 -19.35
C VAL C 110 -13.57 15.56 -18.90
N THR C 111 -13.00 15.31 -17.72
CA THR C 111 -12.78 13.95 -17.17
C THR C 111 -14.04 13.25 -16.68
N MET C 112 -15.20 13.90 -16.67
CA MET C 112 -16.48 13.31 -16.20
C MET C 112 -17.19 12.56 -17.33
N ASN C 113 -18.21 11.78 -17.00
CA ASN C 113 -18.99 11.01 -17.99
C ASN C 113 -20.48 11.31 -17.86
N PHE C 114 -20.99 12.27 -18.60
CA PHE C 114 -22.41 12.57 -18.68
C PHE C 114 -23.04 11.70 -19.75
N THR C 115 -24.14 11.04 -19.41
CA THR C 115 -24.77 10.11 -20.35
C THR C 115 -26.25 9.99 -20.04
N SER C 116 -27.03 9.68 -21.08
CA SER C 116 -28.46 9.43 -20.93
C SER C 116 -28.74 7.99 -20.52
N ASP C 117 -27.74 7.11 -20.57
CA ASP C 117 -27.85 5.74 -20.08
C ASP C 117 -29.12 5.07 -20.62
N PHE C 118 -29.10 4.85 -21.93
CA PHE C 118 -30.27 4.30 -22.60
C PHE C 118 -30.66 2.96 -22.01
N GLN C 119 -31.92 2.85 -21.63
CA GLN C 119 -32.52 1.57 -21.28
C GLN C 119 -33.37 1.12 -22.46
N GLU C 120 -33.96 -0.08 -22.36
CA GLU C 120 -34.74 -0.57 -23.49
C GLU C 120 -35.91 0.36 -23.77
N LYS C 121 -36.48 0.93 -22.72
CA LYS C 121 -37.61 1.87 -22.86
C LYS C 121 -37.23 3.07 -23.72
N ASP C 122 -35.98 3.47 -23.83
CA ASP C 122 -35.59 4.60 -24.71
C ASP C 122 -35.45 4.09 -26.14
N ILE C 123 -35.22 2.80 -26.33
CA ILE C 123 -35.18 2.20 -27.69
C ILE C 123 -36.63 2.19 -28.19
N VAL C 124 -37.57 1.69 -27.40
CA VAL C 124 -39.02 1.56 -27.78
C VAL C 124 -39.65 2.90 -28.15
N PHE C 125 -39.67 3.86 -27.23
CA PHE C 125 -40.39 5.13 -27.42
C PHE C 125 -39.49 6.24 -27.97
N GLY C 126 -38.17 6.11 -27.86
CA GLY C 126 -37.28 7.18 -28.29
C GLY C 126 -36.76 7.98 -27.12
N GLY C 127 -35.54 8.50 -27.28
CA GLY C 127 -34.86 9.22 -26.23
C GLY C 127 -34.95 10.73 -26.28
N ASP C 128 -35.84 11.29 -27.12
CA ASP C 128 -35.89 12.73 -27.25
C ASP C 128 -36.47 13.40 -26.01
N LYS C 129 -37.48 12.76 -25.39
CA LYS C 129 -38.04 13.33 -24.17
C LYS C 129 -37.07 13.21 -23.00
N LYS C 130 -36.32 12.10 -22.95
CA LYS C 130 -35.33 11.94 -21.90
C LYS C 130 -34.21 12.96 -22.04
N LEU C 131 -33.85 13.31 -23.28
CA LEU C 131 -32.76 14.26 -23.51
C LEU C 131 -33.13 15.65 -23.00
N ALA C 132 -34.37 16.09 -23.24
CA ALA C 132 -34.80 17.40 -22.75
C ALA C 132 -34.80 17.43 -21.23
N LYS C 133 -35.23 16.33 -20.59
CA LYS C 133 -35.18 16.25 -19.14
C LYS C 133 -33.75 16.36 -18.63
N LEU C 134 -32.84 15.66 -19.30
CA LEU C 134 -31.43 15.64 -18.90
C LEU C 134 -30.79 17.00 -19.04
N ILE C 135 -31.11 17.73 -20.12
CA ILE C 135 -30.59 19.08 -20.28
C ILE C 135 -30.97 19.94 -19.09
N ASP C 136 -32.21 19.82 -18.62
CA ASP C 136 -32.65 20.59 -17.47
C ASP C 136 -31.89 20.18 -16.21
N GLU C 137 -31.70 18.87 -16.02
CA GLU C 137 -30.99 18.40 -14.82
C GLU C 137 -29.52 18.81 -14.87
N VAL C 138 -28.92 18.82 -16.06
CA VAL C 138 -27.57 19.37 -16.20
C VAL C 138 -27.56 20.83 -15.76
N GLU C 139 -28.61 21.57 -16.14
CA GLU C 139 -28.67 22.99 -15.83
C GLU C 139 -28.88 23.23 -14.35
N THR C 140 -29.52 22.30 -13.66
CA THR C 140 -29.75 22.46 -12.23
C THR C 140 -28.49 22.16 -11.41
N LEU C 141 -27.78 21.09 -11.77
CA LEU C 141 -26.67 20.62 -10.95
C LEU C 141 -25.33 21.22 -11.36
N PHE C 142 -25.19 21.68 -12.60
CA PHE C 142 -23.95 22.25 -13.10
C PHE C 142 -24.28 23.60 -13.74
N PRO C 143 -24.62 24.60 -12.93
CA PRO C 143 -25.08 25.88 -13.50
C PRO C 143 -24.02 26.62 -14.27
N LEU C 144 -22.73 26.32 -14.08
CA LEU C 144 -21.68 27.16 -14.65
C LEU C 144 -21.16 26.64 -15.99
N ASN C 145 -21.87 25.69 -16.61
CA ASN C 145 -21.46 25.23 -17.93
C ASN C 145 -21.84 26.26 -18.97
N LYS C 146 -20.98 26.45 -19.95
CA LYS C 146 -21.14 27.50 -20.98
C LYS C 146 -21.51 26.84 -22.30
N GLY C 147 -22.35 25.82 -22.25
CA GLY C 147 -22.72 25.09 -23.47
C GLY C 147 -22.83 23.61 -23.27
N ILE C 148 -23.57 22.95 -24.13
CA ILE C 148 -23.82 21.52 -24.04
C ILE C 148 -23.75 20.93 -25.44
N SER C 149 -23.11 19.77 -25.57
CA SER C 149 -23.12 19.03 -26.82
C SER C 149 -23.70 17.64 -26.57
N VAL C 150 -24.38 17.11 -27.58
CA VAL C 150 -25.01 15.80 -27.49
C VAL C 150 -24.31 14.91 -28.51
N GLN C 151 -23.52 13.96 -28.02
CA GLN C 151 -22.72 13.07 -28.86
C GLN C 151 -23.52 11.79 -29.10
N SER C 152 -24.12 11.72 -30.28
CA SER C 152 -25.01 10.61 -30.66
C SER C 152 -24.22 9.30 -30.77
N GLU C 153 -24.62 8.29 -30.02
CA GLU C 153 -24.06 6.94 -30.11
C GLU C 153 -24.93 6.11 -31.05
N CYS C 154 -24.46 4.94 -31.45
CA CYS C 154 -25.15 4.02 -32.37
C CYS C 154 -26.68 4.10 -32.43
N PRO C 155 -27.43 3.71 -31.40
CA PRO C 155 -28.89 3.61 -31.53
C PRO C 155 -29.64 4.91 -31.83
N ILE C 156 -29.09 6.09 -31.57
CA ILE C 156 -29.85 7.36 -31.72
C ILE C 156 -30.48 7.44 -33.12
N GLY C 157 -29.70 7.35 -34.20
CA GLY C 157 -30.24 7.43 -35.54
C GLY C 157 -31.03 6.19 -35.91
N LEU C 158 -30.49 5.02 -35.53
CA LEU C 158 -31.19 3.73 -35.70
C LEU C 158 -32.68 3.82 -35.36
N ILE C 159 -33.02 4.32 -34.17
CA ILE C 159 -34.42 4.33 -33.75
C ILE C 159 -35.19 5.52 -34.29
N GLY C 160 -34.51 6.51 -34.86
CA GLY C 160 -35.19 7.61 -35.51
C GLY C 160 -35.44 8.83 -34.65
N ASP C 161 -34.64 9.07 -33.62
CA ASP C 161 -34.75 10.28 -32.76
C ASP C 161 -34.35 11.56 -33.51
N ASP C 162 -34.66 12.73 -32.97
CA ASP C 162 -34.35 14.05 -33.57
C ASP C 162 -33.68 14.94 -32.54
N ILE C 163 -32.38 14.76 -32.38
CA ILE C 163 -31.62 15.49 -31.33
C ILE C 163 -31.56 16.94 -31.76
N GLU C 164 -31.63 17.22 -33.03
CA GLU C 164 -31.57 18.59 -33.60
C GLU C 164 -32.79 19.40 -33.17
N SER C 165 -33.98 18.84 -33.13
CA SER C 165 -35.14 19.58 -32.64
C SER C 165 -35.00 19.84 -31.14
N VAL C 166 -34.62 18.83 -30.37
CA VAL C 166 -34.36 19.02 -28.94
C VAL C 166 -33.36 20.15 -28.75
N SER C 167 -32.26 20.12 -29.50
CA SER C 167 -31.21 21.12 -29.33
C SER C 167 -31.71 22.52 -29.62
N LYS C 168 -32.49 22.70 -30.68
CA LYS C 168 -32.98 24.03 -31.02
C LYS C 168 -34.05 24.48 -30.03
N VAL C 169 -34.93 23.57 -29.61
CA VAL C 169 -35.98 23.94 -28.67
C VAL C 169 -35.38 24.24 -27.30
N LYS C 170 -34.57 23.32 -26.78
CA LYS C 170 -33.95 23.57 -25.47
C LYS C 170 -32.95 24.72 -25.53
N GLY C 171 -32.21 24.83 -26.63
CA GLY C 171 -31.29 25.96 -26.76
C GLY C 171 -32.00 27.28 -26.67
N ALA C 172 -33.14 27.41 -27.36
CA ALA C 172 -33.91 28.65 -27.30
C ALA C 172 -34.56 28.81 -25.94
N GLU C 173 -35.13 27.74 -25.40
CA GLU C 173 -35.75 27.81 -24.07
C GLU C 173 -34.78 28.38 -23.04
N LEU C 174 -33.53 27.94 -23.08
CA LEU C 174 -32.55 28.33 -22.08
C LEU C 174 -31.55 29.36 -22.58
N SER C 175 -31.70 29.81 -23.82
CA SER C 175 -30.74 30.74 -24.44
C SER C 175 -29.32 30.23 -24.29
N LYS C 176 -29.14 28.93 -24.48
CA LYS C 176 -27.85 28.27 -24.33
C LYS C 176 -27.46 27.56 -25.62
N THR C 177 -26.16 27.48 -25.84
CA THR C 177 -25.64 26.72 -26.98
C THR C 177 -25.74 25.22 -26.69
N ILE C 178 -26.55 24.52 -27.49
CA ILE C 178 -26.69 23.07 -27.40
C ILE C 178 -26.40 22.51 -28.79
N VAL C 179 -25.36 21.69 -28.89
CA VAL C 179 -24.81 21.27 -30.17
C VAL C 179 -25.23 19.81 -30.41
N PRO C 180 -26.11 19.55 -31.37
CA PRO C 180 -26.36 18.15 -31.78
C PRO C 180 -25.25 17.66 -32.70
N VAL C 181 -24.68 16.51 -32.37
CA VAL C 181 -23.60 15.92 -33.17
C VAL C 181 -24.01 14.51 -33.58
N ARG C 182 -24.09 14.28 -34.88
CA ARG C 182 -24.51 12.98 -35.43
C ARG C 182 -23.29 12.12 -35.74
N CYS C 183 -22.67 11.63 -34.66
CA CYS C 183 -21.44 10.86 -34.75
C CYS C 183 -21.65 9.39 -34.41
N GLU C 184 -22.81 8.83 -34.77
CA GLU C 184 -23.10 7.44 -34.45
C GLU C 184 -21.99 6.52 -34.99
N GLY C 185 -21.63 5.53 -34.19
CA GLY C 185 -20.46 4.70 -34.48
C GLY C 185 -20.55 3.93 -35.77
N PHE C 186 -21.76 3.72 -36.30
CA PHE C 186 -21.89 2.99 -37.54
C PHE C 186 -21.66 3.86 -38.76
N ARG C 187 -21.66 5.18 -38.62
CA ARG C 187 -21.40 6.10 -39.74
C ARG C 187 -19.90 6.05 -40.06
N GLY C 188 -19.53 5.99 -41.35
CA GLY C 188 -18.16 5.99 -41.80
C GLY C 188 -17.49 4.64 -41.63
N VAL C 189 -16.17 4.69 -41.51
CA VAL C 189 -15.33 3.49 -41.48
C VAL C 189 -14.39 3.53 -40.29
N SER C 190 -14.37 4.66 -39.58
CA SER C 190 -13.35 4.90 -38.57
C SER C 190 -13.61 6.19 -37.82
N GLN C 191 -12.71 6.54 -36.89
CA GLN C 191 -12.81 7.83 -36.21
C GLN C 191 -12.85 8.99 -37.19
N SER C 192 -12.34 8.80 -38.41
CA SER C 192 -12.16 9.92 -39.32
C SER C 192 -13.47 10.67 -39.56
N LEU C 193 -14.55 9.95 -39.87
CA LEU C 193 -15.81 10.62 -40.15
C LEU C 193 -16.30 11.37 -38.93
N GLY C 194 -15.94 10.91 -37.72
CA GLY C 194 -16.29 11.66 -36.52
C GLY C 194 -15.61 13.02 -36.48
N HIS C 195 -14.37 13.10 -36.94
CA HIS C 195 -13.72 14.39 -37.11
C HIS C 195 -14.53 15.29 -38.02
N HIS C 196 -14.89 14.78 -39.21
CA HIS C 196 -15.64 15.58 -40.18
C HIS C 196 -17.00 15.97 -39.64
N ILE C 197 -17.73 15.02 -39.07
CA ILE C 197 -19.05 15.32 -38.51
C ILE C 197 -18.91 16.37 -37.41
N ALA C 198 -17.87 16.25 -36.57
CA ALA C 198 -17.71 17.19 -35.47
C ALA C 198 -17.31 18.56 -35.98
N ASN C 199 -16.45 18.61 -37.00
CA ASN C 199 -16.08 19.90 -37.58
C ASN C 199 -17.30 20.63 -38.14
N ASP C 200 -18.22 19.89 -38.79
CA ASP C 200 -19.42 20.51 -39.32
C ASP C 200 -20.35 20.96 -38.19
N ALA C 201 -20.41 20.20 -37.10
CA ALA C 201 -21.24 20.61 -35.97
C ALA C 201 -20.70 21.87 -35.33
N VAL C 202 -19.37 21.99 -35.23
CA VAL C 202 -18.76 23.24 -34.75
C VAL C 202 -19.16 24.39 -35.67
N ARG C 203 -18.93 24.23 -36.97
CA ARG C 203 -19.25 25.27 -37.93
C ARG C 203 -20.70 25.72 -37.80
N ASP C 204 -21.63 24.76 -37.74
CA ASP C 204 -23.04 25.09 -37.84
C ASP C 204 -23.60 25.69 -36.56
N TRP C 205 -23.08 25.30 -35.40
CA TRP C 205 -23.74 25.63 -34.13
C TRP C 205 -22.91 26.49 -33.19
N VAL C 206 -21.64 26.71 -33.47
CA VAL C 206 -20.78 27.45 -32.53
C VAL C 206 -20.01 28.55 -33.25
N LEU C 207 -19.38 28.20 -34.37
CA LEU C 207 -18.35 29.06 -34.93
C LEU C 207 -18.92 30.42 -35.31
N GLY C 208 -20.17 30.47 -35.74
CA GLY C 208 -20.77 31.68 -36.23
C GLY C 208 -21.44 32.53 -35.17
N LYS C 209 -21.21 32.24 -33.90
CA LYS C 209 -21.98 32.93 -32.87
C LYS C 209 -21.57 34.40 -32.72
N ARG C 210 -20.38 34.79 -33.18
CA ARG C 210 -19.91 36.16 -33.00
C ARG C 210 -19.59 36.80 -34.34
N ASP C 211 -20.31 36.41 -35.40
CA ASP C 211 -20.09 36.97 -36.71
C ASP C 211 -20.32 38.47 -36.75
N GLU C 212 -21.23 38.98 -35.91
CA GLU C 212 -21.55 40.42 -35.83
C GLU C 212 -20.72 41.06 -34.72
N ASP C 213 -19.78 40.33 -34.12
CA ASP C 213 -18.92 40.84 -33.02
C ASP C 213 -18.01 41.93 -33.57
N THR C 214 -17.85 43.05 -32.85
CA THR C 214 -16.97 44.17 -33.25
C THR C 214 -16.21 44.68 -32.03
N THR C 215 -16.20 43.92 -30.92
CA THR C 215 -15.54 44.33 -29.66
C THR C 215 -14.13 43.75 -29.59
N PHE C 216 -13.93 42.50 -30.02
CA PHE C 216 -12.62 41.81 -29.96
C PHE C 216 -11.53 42.76 -30.44
N ALA C 217 -10.62 43.19 -29.54
CA ALA C 217 -9.48 44.01 -29.94
C ALA C 217 -8.49 43.14 -30.70
N SER C 218 -8.29 43.43 -31.97
CA SER C 218 -7.43 42.63 -32.82
C SER C 218 -6.01 43.19 -32.84
N THR C 219 -5.06 42.29 -33.04
CA THR C 219 -3.63 42.64 -33.19
C THR C 219 -3.20 42.03 -34.52
N PRO C 220 -2.09 42.48 -35.10
CA PRO C 220 -1.60 41.86 -36.35
C PRO C 220 -1.07 40.44 -36.15
N TYR C 221 -0.79 40.04 -34.91
CA TYR C 221 -0.13 38.77 -34.64
C TYR C 221 -1.07 37.73 -34.04
N ASP C 222 -2.37 37.93 -34.16
CA ASP C 222 -3.32 36.98 -33.61
C ASP C 222 -3.30 35.68 -34.40
N VAL C 223 -3.31 34.56 -33.68
CA VAL C 223 -3.18 33.24 -34.28
C VAL C 223 -4.00 32.26 -33.47
N ALA C 224 -4.25 31.09 -34.06
CA ALA C 224 -4.97 30.02 -33.39
C ALA C 224 -4.25 28.71 -33.66
N ILE C 225 -4.23 27.84 -32.65
CA ILE C 225 -3.63 26.52 -32.78
C ILE C 225 -4.79 25.56 -33.09
N ILE C 226 -4.76 25.01 -34.30
CA ILE C 226 -5.85 24.17 -34.81
C ILE C 226 -5.33 22.75 -34.92
N GLY C 227 -5.99 21.82 -34.24
CA GLY C 227 -5.58 20.44 -34.29
C GLY C 227 -4.50 20.06 -33.30
N ASP C 228 -4.51 20.67 -32.11
CA ASP C 228 -3.64 20.26 -31.01
C ASP C 228 -4.53 20.01 -29.82
N TYR C 229 -4.57 18.76 -29.36
CA TYR C 229 -5.45 18.35 -28.29
C TYR C 229 -4.74 18.22 -26.96
N ASN C 230 -3.51 18.74 -26.86
CA ASN C 230 -2.85 18.94 -25.58
C ASN C 230 -2.64 17.61 -24.83
N ILE C 231 -2.24 16.59 -25.57
CA ILE C 231 -1.91 15.31 -24.95
C ILE C 231 -0.71 15.52 -24.05
N GLY C 232 -0.90 15.39 -22.74
CA GLY C 232 0.17 15.63 -21.79
C GLY C 232 0.69 17.04 -21.77
N GLY C 233 -0.06 17.98 -22.35
CA GLY C 233 0.37 19.35 -22.44
C GLY C 233 1.02 19.73 -23.74
N ASP C 234 0.76 18.98 -24.83
CA ASP C 234 1.45 19.24 -26.09
C ASP C 234 1.21 20.65 -26.58
N ALA C 235 -0.01 21.17 -26.43
CA ALA C 235 -0.32 22.50 -26.93
C ALA C 235 0.25 23.60 -26.05
N TRP C 236 0.30 23.38 -24.73
CA TRP C 236 0.93 24.36 -23.85
C TRP C 236 2.41 24.51 -24.18
N SER C 237 3.11 23.40 -24.44
CA SER C 237 4.51 23.47 -24.82
C SER C 237 4.70 24.00 -26.23
N SER C 238 3.65 24.23 -27.00
CA SER C 238 3.70 24.78 -28.37
C SER C 238 3.35 26.28 -28.31
N ARG C 239 2.44 26.63 -27.44
CA ARG C 239 1.97 28.01 -27.25
C ARG C 239 3.08 28.87 -26.66
N ILE C 240 3.88 28.34 -25.73
CA ILE C 240 5.00 29.07 -25.09
C ILE C 240 5.92 29.59 -26.20
N LEU C 241 6.19 28.78 -27.20
CA LEU C 241 7.13 29.12 -28.29
C LEU C 241 6.49 30.17 -29.23
N LEU C 242 5.23 30.02 -29.63
CA LEU C 242 4.61 31.00 -30.51
C LEU C 242 4.51 32.37 -29.85
N GLU C 243 4.21 32.40 -28.55
CA GLU C 243 4.07 33.69 -27.87
C GLU C 243 5.43 34.29 -27.53
N GLU C 244 6.44 33.45 -27.27
CA GLU C 244 7.80 33.97 -27.19
C GLU C 244 8.23 34.58 -28.51
N MET C 245 7.74 34.04 -29.63
CA MET C 245 8.02 34.60 -30.95
C MET C 245 7.30 35.91 -31.19
N GLY C 246 6.39 36.31 -30.30
CA GLY C 246 5.66 37.56 -30.43
C GLY C 246 4.23 37.42 -30.86
N LEU C 247 3.76 36.21 -31.11
CA LEU C 247 2.38 36.00 -31.51
C LEU C 247 1.46 35.93 -30.30
N ARG C 248 0.18 36.17 -30.55
CA ARG C 248 -0.86 36.06 -29.53
C ARG C 248 -1.80 34.93 -29.94
N CYS C 249 -1.80 33.84 -29.18
CA CYS C 249 -2.68 32.71 -29.46
C CYS C 249 -4.07 33.03 -28.90
N VAL C 250 -4.99 33.40 -29.79
CA VAL C 250 -6.36 33.68 -29.35
C VAL C 250 -7.02 32.40 -28.86
N ALA C 251 -6.76 31.28 -29.53
CA ALA C 251 -7.49 30.06 -29.24
C ALA C 251 -6.63 28.83 -29.50
N GLN C 252 -7.01 27.74 -28.82
CA GLN C 252 -6.44 26.40 -29.02
C GLN C 252 -7.64 25.45 -29.20
N TRP C 253 -7.65 24.63 -30.26
CA TRP C 253 -8.72 23.64 -30.56
C TRP C 253 -8.18 22.23 -30.48
N SER C 254 -8.73 21.34 -29.67
CA SER C 254 -9.69 21.46 -28.55
C SER C 254 -8.96 21.37 -27.21
N GLY C 255 -7.67 21.06 -27.23
CA GLY C 255 -6.85 20.92 -26.02
C GLY C 255 -6.87 22.16 -25.15
N ASP C 256 -7.39 22.06 -23.94
CA ASP C 256 -7.52 23.17 -22.99
C ASP C 256 -8.30 24.34 -23.59
N GLY C 257 -9.20 24.03 -24.52
CA GLY C 257 -9.95 25.05 -25.22
C GLY C 257 -11.28 25.36 -24.56
N SER C 258 -11.64 26.63 -24.57
CA SER C 258 -12.95 27.09 -24.12
C SER C 258 -13.82 27.42 -25.32
N ILE C 259 -15.14 27.43 -25.09
CA ILE C 259 -16.06 27.74 -26.17
C ILE C 259 -15.85 29.17 -26.66
N SER C 260 -15.58 30.10 -25.74
CA SER C 260 -15.30 31.47 -26.14
C SER C 260 -14.09 31.55 -27.06
N GLU C 261 -13.04 30.77 -26.74
CA GLU C 261 -11.88 30.73 -27.63
C GLU C 261 -12.28 30.28 -29.03
N ILE C 262 -13.10 29.23 -29.12
CA ILE C 262 -13.57 28.77 -30.42
C ILE C 262 -14.33 29.88 -31.12
N GLU C 263 -15.21 30.56 -30.40
CA GLU C 263 -16.03 31.62 -30.97
C GLU C 263 -15.21 32.82 -31.42
N LEU C 264 -14.02 33.00 -30.87
CA LEU C 264 -13.15 34.12 -31.26
C LEU C 264 -12.18 33.74 -32.37
N THR C 265 -12.15 32.48 -32.79
CA THR C 265 -11.21 32.07 -33.82
C THR C 265 -11.41 32.81 -35.14
N PRO C 266 -12.63 33.16 -35.55
CA PRO C 266 -12.77 33.98 -36.78
C PRO C 266 -12.06 35.31 -36.72
N LYS C 267 -11.60 35.75 -35.55
CA LYS C 267 -10.97 37.05 -35.41
C LYS C 267 -9.48 37.02 -35.72
N VAL C 268 -8.87 35.83 -35.75
CA VAL C 268 -7.42 35.71 -35.82
C VAL C 268 -6.91 36.04 -37.21
N LYS C 269 -5.59 36.21 -37.33
CA LYS C 269 -4.97 36.49 -38.62
C LYS C 269 -4.49 35.24 -39.35
N LEU C 270 -4.29 34.13 -38.63
CA LEU C 270 -3.67 32.94 -39.21
C LEU C 270 -4.04 31.73 -38.38
N ASN C 271 -4.43 30.65 -39.05
CA ASN C 271 -4.77 29.41 -38.37
C ASN C 271 -3.61 28.43 -38.52
N LEU C 272 -3.04 28.01 -37.38
CA LEU C 272 -1.91 27.10 -37.34
C LEU C 272 -2.43 25.69 -37.14
N VAL C 273 -2.37 24.89 -38.19
CA VAL C 273 -2.95 23.55 -38.21
C VAL C 273 -1.84 22.55 -37.89
N HIS C 274 -1.95 21.86 -36.77
CA HIS C 274 -1.03 20.76 -36.45
C HIS C 274 -1.59 19.47 -37.04
N CYS C 275 -2.71 18.99 -36.49
CA CYS C 275 -3.36 17.80 -37.01
C CYS C 275 -4.18 18.19 -38.24
N TYR C 276 -3.61 17.98 -39.42
CA TYR C 276 -4.34 18.24 -40.66
C TYR C 276 -5.58 17.38 -40.77
N ARG C 277 -5.47 16.09 -40.44
CA ARG C 277 -6.53 15.14 -40.72
C ARG C 277 -7.84 15.54 -40.03
N SER C 278 -7.79 15.78 -38.73
CA SER C 278 -9.02 16.02 -37.98
C SER C 278 -9.53 17.46 -38.10
N MET C 279 -8.72 18.39 -38.61
CA MET C 279 -9.08 19.80 -38.54
C MET C 279 -8.90 20.55 -39.86
N ASN C 280 -8.58 19.87 -40.95
CA ASN C 280 -8.50 20.57 -42.23
C ASN C 280 -9.86 21.03 -42.71
N TYR C 281 -10.94 20.37 -42.27
CA TYR C 281 -12.28 20.72 -42.75
C TYR C 281 -12.67 22.13 -42.30
N ILE C 282 -12.61 22.39 -40.99
CA ILE C 282 -13.01 23.68 -40.47
C ILE C 282 -12.04 24.76 -40.89
N SER C 283 -10.77 24.39 -41.14
CA SER C 283 -9.78 25.38 -41.57
C SER C 283 -10.13 25.92 -42.96
N ARG C 284 -10.56 25.03 -43.87
CA ARG C 284 -10.98 25.48 -45.19
C ARG C 284 -12.20 26.38 -45.11
N HIS C 285 -13.11 26.09 -44.19
CA HIS C 285 -14.32 26.89 -44.08
C HIS C 285 -14.02 28.29 -43.58
N MET C 286 -13.11 28.41 -42.61
CA MET C 286 -12.73 29.73 -42.11
C MET C 286 -11.96 30.53 -43.13
N GLU C 287 -11.26 29.87 -44.06
CA GLU C 287 -10.62 30.59 -45.15
C GLU C 287 -11.65 31.05 -46.17
N GLU C 288 -12.67 30.21 -46.44
CA GLU C 288 -13.69 30.59 -47.40
C GLU C 288 -14.64 31.64 -46.82
N LYS C 289 -15.04 31.55 -45.55
CA LYS C 289 -16.05 32.45 -44.95
C LYS C 289 -15.41 33.70 -44.39
N TYR C 290 -14.28 33.60 -43.72
CA TYR C 290 -13.68 34.76 -43.07
C TYR C 290 -12.38 35.20 -43.72
N GLY C 291 -11.88 34.47 -44.70
CA GLY C 291 -10.67 34.85 -45.40
C GLY C 291 -9.39 34.49 -44.68
N ILE C 292 -9.47 33.88 -43.49
CA ILE C 292 -8.29 33.58 -42.70
C ILE C 292 -7.49 32.47 -43.36
N PRO C 293 -6.23 32.71 -43.70
CA PRO C 293 -5.40 31.62 -44.26
C PRO C 293 -5.01 30.63 -43.18
N TRP C 294 -4.57 29.45 -43.62
CA TRP C 294 -4.12 28.41 -42.71
C TRP C 294 -2.93 27.68 -43.32
N MET C 295 -2.02 27.26 -42.45
CA MET C 295 -0.82 26.54 -42.85
C MET C 295 -0.59 25.39 -41.87
N GLU C 296 0.03 24.32 -42.36
CA GLU C 296 0.40 23.20 -41.52
C GLU C 296 1.79 23.43 -40.93
N TYR C 297 2.03 22.82 -39.78
CA TYR C 297 3.32 22.98 -39.11
C TYR C 297 3.61 21.73 -38.29
N ASN C 298 4.85 21.66 -37.79
CA ASN C 298 5.34 20.47 -37.11
C ASN C 298 6.21 20.89 -35.95
N PHE C 299 5.81 20.55 -34.73
CA PHE C 299 6.58 20.86 -33.52
C PHE C 299 7.15 19.60 -32.87
N PHE C 300 7.41 18.56 -33.68
CA PHE C 300 8.02 17.33 -33.20
C PHE C 300 9.53 17.38 -33.50
N GLY C 301 10.33 17.52 -32.45
CA GLY C 301 11.77 17.54 -32.59
C GLY C 301 12.29 18.92 -32.92
N PRO C 302 13.58 19.16 -32.65
CA PRO C 302 14.12 20.50 -32.90
C PRO C 302 14.13 20.90 -34.37
N THR C 303 14.45 19.96 -35.27
CA THR C 303 14.51 20.30 -36.69
C THR C 303 13.18 20.81 -37.20
N LYS C 304 12.10 20.05 -36.97
CA LYS C 304 10.79 20.46 -37.48
C LYS C 304 10.28 21.71 -36.77
N THR C 305 10.53 21.83 -35.46
CA THR C 305 10.07 23.00 -34.74
C THR C 305 10.72 24.27 -35.28
N ILE C 306 12.03 24.23 -35.50
CA ILE C 306 12.73 25.39 -36.03
C ILE C 306 12.22 25.72 -37.43
N GLU C 307 12.09 24.70 -38.28
CA GLU C 307 11.52 24.91 -39.61
C GLU C 307 10.13 25.52 -39.51
N SER C 308 9.35 25.10 -38.51
CA SER C 308 7.99 25.61 -38.35
C SER C 308 8.01 27.04 -37.83
N LEU C 309 8.84 27.32 -36.82
CA LEU C 309 8.91 28.66 -36.27
C LEU C 309 9.28 29.68 -37.34
N ARG C 310 10.20 29.32 -38.24
CA ARG C 310 10.63 30.25 -39.27
C ARG C 310 9.59 30.42 -40.38
N ALA C 311 8.82 29.37 -40.66
CA ALA C 311 7.78 29.48 -41.67
C ALA C 311 6.59 30.29 -41.15
N ILE C 312 6.20 30.07 -39.89
CA ILE C 312 5.13 30.86 -39.29
C ILE C 312 5.53 32.33 -39.22
N ALA C 313 6.76 32.59 -38.78
CA ALA C 313 7.23 33.97 -38.64
C ALA C 313 7.27 34.68 -39.98
N ALA C 314 7.64 33.96 -41.05
CA ALA C 314 7.72 34.57 -42.37
C ALA C 314 6.37 35.08 -42.86
N LYS C 315 5.28 34.61 -42.26
CA LYS C 315 3.95 35.09 -42.62
C LYS C 315 3.60 36.42 -41.97
N PHE C 316 4.53 37.01 -41.21
CA PHE C 316 4.28 38.29 -40.55
C PHE C 316 5.36 39.29 -40.96
N ASP C 317 5.79 40.14 -40.03
CA ASP C 317 6.72 41.22 -40.35
C ASP C 317 8.10 40.95 -39.74
N GLU C 318 9.01 41.91 -39.95
CA GLU C 318 10.40 41.71 -39.56
C GLU C 318 10.57 41.57 -38.05
N SER C 319 9.72 42.25 -37.27
CA SER C 319 9.83 42.17 -35.81
C SER C 319 9.58 40.74 -35.33
N ILE C 320 8.57 40.08 -35.89
CA ILE C 320 8.28 38.70 -35.49
C ILE C 320 9.40 37.77 -35.96
N GLN C 321 9.93 38.00 -37.16
CA GLN C 321 11.04 37.18 -37.64
C GLN C 321 12.28 37.36 -36.76
N LYS C 322 12.49 38.57 -36.26
CA LYS C 322 13.62 38.81 -35.37
C LYS C 322 13.44 38.02 -34.08
N LYS C 323 12.27 38.11 -33.46
CA LYS C 323 11.98 37.34 -32.25
C LYS C 323 12.03 35.85 -32.52
N CYS C 324 11.67 35.42 -33.73
CA CYS C 324 11.79 34.01 -34.10
C CYS C 324 13.22 33.53 -33.89
N GLU C 325 14.20 34.28 -34.42
CA GLU C 325 15.59 33.89 -34.24
C GLU C 325 16.04 33.99 -32.79
N GLU C 326 15.41 34.89 -32.02
CA GLU C 326 15.72 34.97 -30.60
C GLU C 326 15.27 33.72 -29.86
N VAL C 327 14.05 33.26 -30.15
CA VAL C 327 13.58 32.00 -29.57
C VAL C 327 14.50 30.86 -29.96
N ILE C 328 14.83 30.76 -31.25
CA ILE C 328 15.67 29.67 -31.73
C ILE C 328 17.02 29.69 -31.01
N ALA C 329 17.62 30.87 -30.88
CA ALA C 329 18.92 30.96 -30.23
C ALA C 329 18.83 30.68 -28.73
N LYS C 330 17.66 30.92 -28.12
CA LYS C 330 17.52 30.72 -26.69
C LYS C 330 17.46 29.24 -26.33
N TYR C 331 16.70 28.46 -27.10
CA TYR C 331 16.56 27.04 -26.84
C TYR C 331 17.65 26.19 -27.49
N LYS C 332 18.48 26.80 -28.35
CA LYS C 332 19.54 26.06 -29.05
C LYS C 332 20.41 25.23 -28.11
N PRO C 333 21.00 25.79 -27.03
CA PRO C 333 21.83 24.94 -26.18
C PRO C 333 21.05 23.86 -25.44
N GLU C 334 19.76 24.10 -25.17
CA GLU C 334 18.97 23.13 -24.41
C GLU C 334 18.72 21.86 -25.22
N TRP C 335 18.19 21.99 -26.44
CA TRP C 335 17.96 20.80 -27.25
C TRP C 335 19.25 20.20 -27.78
N GLU C 336 20.33 20.99 -27.85
CA GLU C 336 21.63 20.44 -28.18
C GLU C 336 22.15 19.57 -27.05
N ALA C 337 21.90 19.97 -25.80
CA ALA C 337 22.27 19.14 -24.66
C ALA C 337 21.49 17.83 -24.68
N VAL C 338 20.23 17.88 -25.12
CA VAL C 338 19.40 16.68 -25.17
C VAL C 338 19.94 15.72 -26.22
N VAL C 339 20.30 16.24 -27.40
CA VAL C 339 20.84 15.39 -28.46
C VAL C 339 22.21 14.84 -28.05
N ALA C 340 23.06 15.66 -27.46
CA ALA C 340 24.38 15.20 -27.07
C ALA C 340 24.31 14.07 -26.06
N LYS C 341 23.29 14.07 -25.20
CA LYS C 341 23.17 13.01 -24.21
C LYS C 341 22.53 11.76 -24.78
N TYR C 342 21.44 11.91 -25.52
CA TYR C 342 20.60 10.76 -25.92
C TYR C 342 20.87 10.22 -27.32
N ARG C 343 21.27 11.05 -28.29
CA ARG C 343 21.46 10.51 -29.63
C ARG C 343 22.52 9.41 -29.66
N PRO C 344 23.67 9.56 -28.99
CA PRO C 344 24.59 8.41 -28.91
C PRO C 344 23.91 7.16 -28.37
N ARG C 345 22.90 7.33 -27.50
CA ARG C 345 22.21 6.21 -26.91
C ARG C 345 21.10 5.66 -27.80
N LEU C 346 20.77 6.33 -28.90
CA LEU C 346 19.71 5.86 -29.80
C LEU C 346 20.08 5.79 -31.27
N GLU C 347 21.25 6.29 -31.67
CA GLU C 347 21.61 6.35 -33.09
C GLU C 347 21.66 4.95 -33.70
N GLY C 348 21.19 4.83 -34.94
CA GLY C 348 21.22 3.59 -35.66
C GLY C 348 20.14 2.58 -35.31
N LYS C 349 19.26 2.90 -34.37
CA LYS C 349 18.18 1.98 -34.01
C LYS C 349 16.96 2.26 -34.87
N ARG C 350 16.25 1.18 -35.19
CA ARG C 350 15.14 1.19 -36.14
C ARG C 350 13.81 1.15 -35.41
N VAL C 351 12.85 1.93 -35.91
CA VAL C 351 11.58 2.13 -35.25
C VAL C 351 10.47 1.79 -36.24
N MET C 352 9.45 1.10 -35.75
CA MET C 352 8.23 0.82 -36.50
C MET C 352 7.09 1.56 -35.81
N LEU C 353 6.26 2.24 -36.58
CA LEU C 353 5.18 3.04 -36.03
C LEU C 353 3.84 2.59 -36.59
N TYR C 354 2.80 2.75 -35.77
CA TYR C 354 1.43 2.61 -36.25
C TYR C 354 0.52 3.39 -35.30
N ILE C 355 -0.01 4.53 -35.77
CA ILE C 355 -0.84 5.39 -34.96
C ILE C 355 -2.07 5.76 -35.78
N GLY C 356 -2.54 7.00 -35.65
CA GLY C 356 -3.87 7.34 -36.12
C GLY C 356 -3.98 8.03 -37.46
N GLY C 357 -3.74 9.34 -37.49
CA GLY C 357 -3.97 10.11 -38.69
C GLY C 357 -2.98 11.23 -38.96
N LEU C 358 -2.06 11.47 -38.03
CA LEU C 358 -1.05 12.51 -38.22
C LEU C 358 0.31 12.03 -37.76
N ARG C 359 0.40 11.59 -36.51
CA ARG C 359 1.66 11.26 -35.87
C ARG C 359 2.49 10.24 -36.63
N PRO C 360 1.87 9.27 -37.32
CA PRO C 360 2.70 8.30 -38.07
C PRO C 360 3.71 8.94 -39.01
N ARG C 361 3.45 10.17 -39.50
CA ARG C 361 4.42 10.90 -40.29
C ARG C 361 5.06 12.06 -39.54
N HIS C 362 4.37 12.60 -38.55
CA HIS C 362 4.76 13.87 -37.95
C HIS C 362 5.95 13.73 -37.00
N VAL C 363 6.13 12.55 -36.40
CA VAL C 363 7.18 12.38 -35.41
C VAL C 363 8.46 11.81 -36.02
N ILE C 364 8.50 11.57 -37.32
CA ILE C 364 9.66 10.94 -37.94
C ILE C 364 10.89 11.81 -37.75
N GLY C 365 10.75 13.12 -38.00
CA GLY C 365 11.90 14.01 -37.88
C GLY C 365 12.50 14.02 -36.48
N ALA C 366 11.66 13.87 -35.46
CA ALA C 366 12.17 13.82 -34.10
C ALA C 366 13.01 12.58 -33.87
N TYR C 367 12.55 11.41 -34.35
CA TYR C 367 13.35 10.20 -34.26
C TYR C 367 14.69 10.39 -34.96
N GLU C 368 14.68 11.02 -36.13
CA GLU C 368 15.92 11.27 -36.87
C GLU C 368 16.79 12.30 -36.16
N ASP C 369 16.17 13.26 -35.45
CA ASP C 369 16.96 14.19 -34.64
C ASP C 369 17.71 13.48 -33.53
N LEU C 370 17.25 12.31 -33.11
CA LEU C 370 18.00 11.43 -32.25
C LEU C 370 18.66 10.30 -33.04
N GLY C 371 18.64 10.40 -34.36
CA GLY C 371 19.37 9.47 -35.20
C GLY C 371 18.77 8.10 -35.36
N MET C 372 17.52 7.94 -35.00
CA MET C 372 16.81 6.67 -35.21
C MET C 372 16.26 6.65 -36.64
N GLU C 373 15.88 5.49 -37.16
CA GLU C 373 15.39 5.30 -38.53
C GLU C 373 14.01 4.66 -38.50
N VAL C 374 13.01 5.33 -39.01
CA VAL C 374 11.63 4.78 -39.10
C VAL C 374 11.58 3.83 -40.30
N VAL C 375 11.68 2.52 -40.06
CA VAL C 375 11.62 1.54 -41.13
C VAL C 375 10.19 1.18 -41.52
N GLY C 376 9.19 1.63 -40.76
CA GLY C 376 7.81 1.32 -41.07
C GLY C 376 6.83 2.18 -40.30
N THR C 377 5.89 2.78 -41.00
CA THR C 377 4.83 3.54 -40.33
C THR C 377 3.51 3.18 -40.98
N GLY C 378 2.44 3.64 -40.39
CA GLY C 378 1.10 3.34 -40.87
C GLY C 378 0.07 4.09 -40.07
N TYR C 379 -1.10 4.23 -40.64
CA TYR C 379 -2.22 4.95 -40.01
C TYR C 379 -3.40 4.01 -39.87
N GLU C 380 -4.29 4.30 -38.94
CA GLU C 380 -5.55 3.56 -38.77
C GLU C 380 -6.61 4.10 -39.71
N PHE C 381 -6.68 5.40 -39.97
CA PHE C 381 -7.80 6.00 -40.68
C PHE C 381 -7.37 7.16 -41.57
N ALA C 382 -6.15 7.13 -42.09
CA ALA C 382 -5.68 8.23 -42.92
C ALA C 382 -6.32 8.20 -44.31
N HIS C 383 -6.22 9.32 -45.00
CA HIS C 383 -6.65 9.46 -46.38
C HIS C 383 -5.42 9.57 -47.27
N ASN C 384 -5.63 9.55 -48.57
CA ASN C 384 -4.52 9.53 -49.53
C ASN C 384 -3.73 10.86 -49.47
N ASP C 385 -4.28 11.99 -49.04
CA ASP C 385 -3.50 13.21 -48.85
C ASP C 385 -2.62 13.12 -47.61
N ASP C 386 -3.02 12.32 -46.62
CA ASP C 386 -2.12 12.03 -45.51
C ASP C 386 -0.97 11.14 -45.97
N TYR C 387 -1.24 10.21 -46.89
CA TYR C 387 -0.21 9.32 -47.39
C TYR C 387 0.69 10.01 -48.40
N ASP C 388 0.15 10.95 -49.19
CA ASP C 388 1.02 11.78 -50.01
C ASP C 388 2.07 12.48 -49.17
N ARG C 389 1.66 13.11 -48.07
CA ARG C 389 2.62 13.76 -47.19
C ARG C 389 3.56 12.74 -46.55
N THR C 390 3.13 11.52 -46.29
CA THR C 390 3.98 10.54 -45.57
C THR C 390 5.11 10.12 -46.50
N MET C 391 4.89 10.21 -47.80
CA MET C 391 5.88 9.72 -48.79
C MET C 391 7.09 10.67 -48.84
N LYS C 392 6.93 11.93 -48.51
CA LYS C 392 8.06 12.86 -48.51
C LYS C 392 8.80 12.73 -47.15
N GLU C 393 8.16 12.20 -46.12
CA GLU C 393 8.77 12.05 -44.79
C GLU C 393 9.47 10.70 -44.66
N MET C 394 8.94 9.64 -45.28
CA MET C 394 9.48 8.29 -45.12
C MET C 394 10.64 8.06 -46.09
N GLY C 395 11.47 7.07 -45.74
CA GLY C 395 12.63 6.76 -46.56
C GLY C 395 12.30 5.81 -47.69
N ASP C 396 13.31 5.60 -48.54
CA ASP C 396 13.16 4.67 -49.65
C ASP C 396 13.01 3.24 -49.13
N SER C 397 12.12 2.49 -49.77
CA SER C 397 11.95 1.06 -49.57
C SER C 397 11.35 0.68 -48.22
N THR C 398 10.87 1.65 -47.44
CA THR C 398 10.24 1.32 -46.19
C THR C 398 8.83 0.81 -46.43
N LEU C 399 8.29 0.10 -45.43
CA LEU C 399 6.98 -0.52 -45.55
C LEU C 399 5.92 0.40 -44.98
N LEU C 400 4.83 0.57 -45.72
CA LEU C 400 3.68 1.36 -45.30
C LEU C 400 2.47 0.45 -45.26
N TYR C 401 1.61 0.66 -44.26
CA TYR C 401 0.45 -0.20 -44.04
C TYR C 401 -0.72 0.64 -43.55
N ASP C 402 -1.87 0.46 -44.19
CA ASP C 402 -3.08 1.21 -43.86
C ASP C 402 -4.08 0.28 -43.20
N ASP C 403 -4.66 0.71 -42.09
CA ASP C 403 -5.59 -0.09 -41.31
C ASP C 403 -5.04 -1.51 -41.16
N VAL C 404 -3.86 -1.60 -40.55
CA VAL C 404 -3.17 -2.88 -40.45
C VAL C 404 -3.93 -3.77 -39.47
N THR C 405 -3.92 -5.07 -39.75
CA THR C 405 -4.52 -6.06 -38.87
C THR C 405 -3.51 -6.50 -37.82
N GLY C 406 -4.05 -6.95 -36.67
CA GLY C 406 -3.16 -7.43 -35.62
C GLY C 406 -2.26 -8.56 -36.09
N TYR C 407 -2.79 -9.47 -36.91
CA TYR C 407 -1.96 -10.52 -37.49
C TYR C 407 -0.91 -9.93 -38.41
N GLU C 408 -1.30 -9.01 -39.29
CA GLU C 408 -0.34 -8.37 -40.18
C GLU C 408 0.75 -7.67 -39.38
N PHE C 409 0.37 -6.90 -38.36
CA PHE C 409 1.35 -6.12 -37.62
C PHE C 409 2.33 -7.03 -36.88
N GLU C 410 1.82 -8.11 -36.28
CA GLU C 410 2.70 -9.08 -35.63
C GLU C 410 3.68 -9.66 -36.65
N GLU C 411 3.17 -10.24 -37.73
CA GLU C 411 4.03 -10.87 -38.73
C GLU C 411 5.08 -9.90 -39.25
N PHE C 412 4.68 -8.66 -39.56
CA PHE C 412 5.64 -7.69 -40.07
C PHE C 412 6.79 -7.47 -39.08
N VAL C 413 6.46 -7.36 -37.79
CA VAL C 413 7.49 -7.15 -36.78
C VAL C 413 8.46 -8.32 -36.74
N LYS C 414 7.93 -9.54 -36.84
CA LYS C 414 8.76 -10.73 -36.73
C LYS C 414 9.88 -10.73 -37.76
N ARG C 415 9.58 -10.28 -38.98
CA ARG C 415 10.57 -10.32 -40.05
C ARG C 415 11.51 -9.13 -40.01
N ILE C 416 10.98 -7.94 -39.69
CA ILE C 416 11.77 -6.72 -39.76
C ILE C 416 12.56 -6.52 -38.48
N LYS C 417 12.05 -7.00 -37.36
CA LYS C 417 12.75 -6.98 -36.09
C LYS C 417 13.25 -5.59 -35.74
N PRO C 418 12.34 -4.63 -35.55
CA PRO C 418 12.76 -3.28 -35.14
C PRO C 418 13.22 -3.27 -33.69
N ASP C 419 14.05 -2.27 -33.37
CA ASP C 419 14.51 -2.09 -32.00
C ASP C 419 13.48 -1.40 -31.11
N LEU C 420 12.47 -0.76 -31.72
CA LEU C 420 11.45 -0.06 -30.96
C LEU C 420 10.18 -0.02 -31.80
N ILE C 421 9.03 -0.12 -31.14
CA ILE C 421 7.72 -0.01 -31.78
C ILE C 421 6.96 1.10 -31.08
N GLY C 422 6.39 2.00 -31.86
CA GLY C 422 5.54 3.06 -31.32
C GLY C 422 4.11 2.93 -31.82
N SER C 423 3.18 2.61 -30.92
CA SER C 423 1.79 2.39 -31.32
C SER C 423 0.86 2.62 -30.14
N GLY C 424 -0.22 1.84 -30.06
CA GLY C 424 -1.28 2.07 -29.10
C GLY C 424 -1.33 1.06 -27.97
N ILE C 425 -2.36 1.23 -27.13
CA ILE C 425 -2.46 0.45 -25.90
C ILE C 425 -2.77 -1.02 -26.20
N LYS C 426 -3.53 -1.30 -27.25
CA LYS C 426 -3.84 -2.69 -27.57
C LYS C 426 -2.66 -3.42 -28.19
N GLU C 427 -1.65 -2.70 -28.65
CA GLU C 427 -0.46 -3.31 -29.22
C GLU C 427 0.70 -3.41 -28.24
N LYS C 428 0.76 -2.54 -27.25
CA LYS C 428 1.91 -2.46 -26.32
C LYS C 428 2.32 -3.81 -25.73
N PHE C 429 1.41 -4.56 -25.14
CA PHE C 429 1.81 -5.75 -24.38
C PHE C 429 2.05 -6.95 -25.27
N ILE C 430 1.59 -6.94 -26.52
CA ILE C 430 1.96 -7.98 -27.46
C ILE C 430 3.47 -7.95 -27.70
N PHE C 431 3.99 -6.78 -28.07
CA PHE C 431 5.39 -6.70 -28.48
C PHE C 431 6.33 -6.64 -27.28
N GLN C 432 5.85 -6.14 -26.15
CA GLN C 432 6.66 -6.19 -24.90
C GLN C 432 6.91 -7.66 -24.58
N LYS C 433 5.92 -8.54 -24.76
CA LYS C 433 6.12 -9.96 -24.50
C LYS C 433 7.05 -10.59 -25.52
N MET C 434 7.13 -10.01 -26.72
CA MET C 434 8.07 -10.48 -27.73
C MET C 434 9.48 -9.95 -27.50
N GLY C 435 9.69 -9.13 -26.47
CA GLY C 435 11.01 -8.62 -26.16
C GLY C 435 11.43 -7.39 -26.93
N ILE C 436 10.51 -6.73 -27.63
CA ILE C 436 10.81 -5.53 -28.39
C ILE C 436 10.35 -4.32 -27.57
N PRO C 437 11.22 -3.35 -27.32
CA PRO C 437 10.79 -2.13 -26.60
C PRO C 437 9.61 -1.46 -27.30
N PHE C 438 8.66 -0.99 -26.49
CA PHE C 438 7.46 -0.35 -26.99
C PHE C 438 7.23 0.97 -26.26
N ARG C 439 6.88 1.99 -27.01
CA ARG C 439 6.51 3.31 -26.47
C ARG C 439 5.13 3.64 -27.05
N GLU C 440 4.18 4.06 -26.24
CA GLU C 440 2.81 4.39 -26.67
C GLU C 440 2.89 5.77 -27.30
N MET C 441 2.53 5.89 -28.55
CA MET C 441 2.56 7.17 -29.25
C MET C 441 1.18 7.82 -29.34
N HIS C 442 0.21 7.33 -28.57
CA HIS C 442 -1.05 8.03 -28.38
C HIS C 442 -1.00 8.84 -27.10
N SER C 443 -1.04 8.15 -25.96
CA SER C 443 -0.99 8.77 -24.65
C SER C 443 0.42 9.09 -24.19
N TRP C 444 1.42 8.93 -25.05
CA TRP C 444 2.82 9.14 -24.68
C TRP C 444 3.25 8.25 -23.51
N ASP C 445 2.60 7.13 -23.29
CA ASP C 445 2.91 6.22 -22.15
C ASP C 445 2.79 7.04 -20.85
N TYR C 446 1.81 7.93 -20.76
CA TYR C 446 1.56 8.72 -19.55
C TYR C 446 2.72 9.64 -19.22
N SER C 447 3.54 9.94 -20.22
CA SER C 447 4.62 10.91 -20.12
C SER C 447 4.22 12.14 -20.95
N GLY C 448 5.22 12.83 -21.52
CA GLY C 448 4.97 14.00 -22.31
C GLY C 448 5.05 15.27 -21.47
N PRO C 449 4.85 16.43 -22.10
CA PRO C 449 4.55 16.61 -23.53
C PRO C 449 5.70 16.24 -24.45
N TYR C 450 5.38 16.03 -25.74
CA TYR C 450 6.39 15.78 -26.76
C TYR C 450 6.50 16.92 -27.77
N HIS C 451 5.63 17.92 -27.70
CA HIS C 451 5.68 19.04 -28.63
C HIS C 451 6.71 20.07 -28.17
N GLY C 452 7.29 20.76 -29.15
CA GLY C 452 8.18 21.87 -28.87
C GLY C 452 9.55 21.41 -28.39
N PHE C 453 10.34 22.40 -27.95
CA PHE C 453 11.68 22.10 -27.42
C PHE C 453 11.58 21.40 -26.07
N ASP C 454 10.72 21.89 -25.18
CA ASP C 454 10.56 21.25 -23.88
C ASP C 454 10.09 19.80 -24.03
N GLY C 455 9.30 19.52 -25.07
CA GLY C 455 8.82 18.16 -25.27
C GLY C 455 9.84 17.23 -25.86
N PHE C 456 10.76 17.76 -26.66
CA PHE C 456 11.81 16.91 -27.24
C PHE C 456 12.67 16.29 -26.16
N ALA C 457 12.93 17.04 -25.08
CA ALA C 457 13.71 16.51 -23.97
C ALA C 457 13.01 15.30 -23.34
N ILE C 458 11.69 15.39 -23.17
CA ILE C 458 10.94 14.28 -22.59
C ILE C 458 10.86 13.13 -23.58
N PHE C 459 10.54 13.44 -24.85
CA PHE C 459 10.52 12.42 -25.89
C PHE C 459 11.84 11.67 -25.96
N ALA C 460 12.96 12.40 -25.99
CA ALA C 460 14.26 11.74 -26.05
C ALA C 460 14.52 10.91 -24.81
N ARG C 461 14.21 11.45 -23.63
CA ARG C 461 14.37 10.70 -22.39
C ARG C 461 13.51 9.44 -22.40
N ASP C 462 12.31 9.52 -22.94
CA ASP C 462 11.40 8.37 -22.93
C ASP C 462 11.90 7.28 -23.87
N MET C 463 12.37 7.64 -25.07
CA MET C 463 12.88 6.63 -25.99
C MET C 463 14.09 5.93 -25.40
N ASP C 464 14.98 6.68 -24.73
CA ASP C 464 16.17 6.07 -24.14
C ASP C 464 15.80 5.10 -23.04
N MET C 465 14.98 5.53 -22.08
CA MET C 465 14.74 4.71 -20.90
C MET C 465 14.15 3.35 -21.27
N THR C 466 13.40 3.27 -22.37
CA THR C 466 12.70 2.04 -22.72
C THR C 466 13.52 1.15 -23.63
N LEU C 467 14.12 1.72 -24.68
CA LEU C 467 14.91 0.91 -25.61
C LEU C 467 16.13 0.32 -24.92
N ASN C 468 16.77 1.08 -24.04
CA ASN C 468 17.98 0.65 -23.37
C ASN C 468 17.71 0.12 -21.96
N ASN C 469 16.47 -0.25 -21.67
CA ASN C 469 16.14 -0.69 -20.31
C ASN C 469 16.73 -2.07 -20.05
N PRO C 470 17.25 -2.31 -18.85
CA PRO C 470 17.83 -3.64 -18.56
C PRO C 470 16.83 -4.79 -18.67
N CYS C 471 15.53 -4.53 -18.56
CA CYS C 471 14.57 -5.64 -18.55
C CYS C 471 14.60 -6.44 -19.83
N TRP C 472 14.98 -5.81 -20.94
CA TRP C 472 14.91 -6.47 -22.24
C TRP C 472 15.99 -7.54 -22.42
N LYS C 473 17.03 -7.52 -21.60
CA LYS C 473 18.08 -8.53 -21.66
C LYS C 473 17.67 -9.83 -21.00
N LYS C 474 16.56 -9.85 -20.27
CA LYS C 474 16.24 -10.95 -19.36
C LYS C 474 15.05 -11.79 -19.83
N LEU C 475 14.67 -11.69 -21.10
CA LEU C 475 13.49 -12.40 -21.58
C LEU C 475 13.67 -13.92 -21.66
N GLN C 476 14.91 -14.41 -21.73
CA GLN C 476 15.19 -15.82 -21.92
C GLN C 476 15.80 -16.36 -20.63
N ALA C 477 15.17 -17.38 -20.05
CA ALA C 477 15.69 -17.99 -18.84
C ALA C 477 17.08 -18.57 -19.12
N PRO C 478 18.03 -18.41 -18.20
CA PRO C 478 19.40 -18.90 -18.48
C PRO C 478 19.49 -20.39 -18.72
N TRP C 479 18.46 -21.17 -18.40
CA TRP C 479 18.51 -22.65 -18.53
C TRP C 479 17.76 -23.10 -19.78
N GLU C 480 17.13 -22.18 -20.50
CA GLU C 480 16.30 -22.52 -21.69
C GLU C 480 17.25 -22.80 -22.85
N SER D 2 11.49 25.87 -20.55
CA SER D 2 12.89 25.47 -20.55
C SER D 2 13.09 24.12 -19.88
N GLN D 3 14.21 23.47 -20.18
CA GLN D 3 14.56 22.19 -19.59
C GLN D 3 16.03 22.20 -19.21
N GLN D 4 16.34 21.59 -18.06
CA GLN D 4 17.71 21.25 -17.70
C GLN D 4 17.96 19.79 -18.06
N VAL D 5 19.00 19.54 -18.86
CA VAL D 5 19.16 18.25 -19.52
C VAL D 5 19.32 17.13 -18.50
N ASP D 6 20.09 17.37 -17.43
CA ASP D 6 20.27 16.34 -16.42
C ASP D 6 19.00 16.06 -15.64
N LYS D 7 18.06 17.02 -15.57
CA LYS D 7 16.82 16.83 -14.80
C LYS D 7 15.61 17.24 -15.63
N ILE D 8 15.20 16.36 -16.54
CA ILE D 8 14.03 16.62 -17.38
C ILE D 8 12.77 16.63 -16.53
N LYS D 9 11.90 17.62 -16.80
CA LYS D 9 10.61 17.73 -16.12
C LYS D 9 9.51 17.26 -17.08
N ALA D 10 8.71 16.29 -16.63
CA ALA D 10 7.50 15.93 -17.33
C ALA D 10 6.43 17.00 -17.10
N SER D 11 5.24 16.79 -17.68
CA SER D 11 4.17 17.79 -17.57
C SER D 11 4.02 18.26 -16.13
N TYR D 12 4.07 17.34 -15.17
CA TYR D 12 4.29 17.75 -13.79
C TYR D 12 5.74 17.47 -13.42
N PRO D 13 6.51 18.45 -12.93
CA PRO D 13 6.09 19.81 -12.59
C PRO D 13 6.47 20.88 -13.62
N LEU D 14 6.67 20.49 -14.88
CA LEU D 14 7.13 21.45 -15.88
C LEU D 14 6.23 22.68 -15.92
N PHE D 15 4.92 22.49 -15.98
CA PHE D 15 4.00 23.60 -16.17
C PHE D 15 3.80 24.44 -14.92
N LEU D 16 4.48 24.09 -13.82
CA LEU D 16 4.53 24.98 -12.65
C LEU D 16 5.64 26.01 -12.76
N ASP D 17 6.52 25.92 -13.75
CA ASP D 17 7.53 26.95 -13.98
C ASP D 17 6.85 28.30 -14.17
N GLN D 18 7.56 29.36 -13.80
CA GLN D 18 6.96 30.69 -13.80
C GLN D 18 6.46 31.08 -15.18
N ASP D 19 7.26 30.82 -16.22
CA ASP D 19 6.89 31.27 -17.56
C ASP D 19 5.64 30.55 -18.06
N TYR D 20 5.48 29.28 -17.71
CA TYR D 20 4.29 28.48 -18.09
C TYR D 20 3.10 28.97 -17.27
N LYS D 21 3.32 29.35 -16.02
CA LYS D 21 2.24 29.82 -15.14
C LYS D 21 1.70 31.16 -15.62
N ASP D 22 2.58 32.08 -16.01
CA ASP D 22 2.11 33.36 -16.52
C ASP D 22 1.38 33.20 -17.84
N MET D 23 1.88 32.35 -18.71
CA MET D 23 1.22 32.06 -20.00
C MET D 23 -0.18 31.48 -19.72
N LEU D 24 -0.31 30.50 -18.83
CA LEU D 24 -1.62 29.94 -18.53
C LEU D 24 -2.54 30.99 -17.93
N ALA D 25 -1.99 31.94 -17.17
CA ALA D 25 -2.80 33.03 -16.64
C ALA D 25 -3.28 33.96 -17.76
N LYS D 26 -2.41 34.24 -18.73
CA LYS D 26 -2.77 35.13 -19.82
C LYS D 26 -3.76 34.48 -20.77
N LYS D 27 -3.63 33.17 -21.00
CA LYS D 27 -4.61 32.46 -21.82
C LYS D 27 -6.00 32.55 -21.21
N ARG D 28 -6.10 32.39 -19.89
CA ARG D 28 -7.39 32.44 -19.22
C ARG D 28 -7.99 33.84 -19.26
N ASP D 29 -7.22 34.85 -18.85
CA ASP D 29 -7.77 36.19 -18.74
C ASP D 29 -8.06 36.79 -20.11
N GLY D 30 -7.29 36.42 -21.13
CA GLY D 30 -7.46 36.99 -22.44
C GLY D 30 -8.65 36.47 -23.22
N PHE D 31 -8.85 35.15 -23.22
CA PHE D 31 -9.78 34.55 -24.18
C PHE D 31 -10.71 33.48 -23.61
N GLU D 32 -10.66 33.15 -22.31
CA GLU D 32 -11.47 32.03 -21.74
C GLU D 32 -12.83 32.45 -21.19
N GLU D 33 -13.05 33.70 -20.77
CA GLU D 33 -14.37 34.23 -20.33
C GLU D 33 -14.86 33.36 -19.19
N LYS D 34 -13.95 32.94 -18.35
CA LYS D 34 -14.13 32.01 -17.23
C LYS D 34 -14.82 32.71 -16.09
N TYR D 35 -15.73 32.02 -15.43
CA TYR D 35 -16.41 32.57 -14.23
C TYR D 35 -15.31 33.00 -13.26
N PRO D 36 -15.47 34.14 -12.57
CA PRO D 36 -14.49 34.54 -11.55
C PRO D 36 -14.29 33.45 -10.50
N GLN D 37 -13.08 33.43 -9.93
CA GLN D 37 -12.73 32.38 -8.98
C GLN D 37 -13.70 32.33 -7.81
N ASP D 38 -14.12 33.50 -7.31
CA ASP D 38 -15.03 33.53 -6.17
C ASP D 38 -16.40 32.96 -6.54
N LYS D 39 -16.81 33.10 -7.80
CA LYS D 39 -18.03 32.44 -8.25
C LYS D 39 -17.82 30.92 -8.31
N ILE D 40 -16.63 30.49 -8.71
CA ILE D 40 -16.33 29.06 -8.73
C ILE D 40 -16.32 28.50 -7.31
N ASP D 41 -15.69 29.21 -6.37
CA ASP D 41 -15.65 28.74 -4.99
C ASP D 41 -17.04 28.64 -4.40
N GLU D 42 -17.88 29.65 -4.61
CA GLU D 42 -19.24 29.63 -4.06
C GLU D 42 -19.98 28.39 -4.54
N VAL D 43 -19.89 28.09 -5.85
CA VAL D 43 -20.63 26.97 -6.41
C VAL D 43 -20.06 25.64 -5.93
N PHE D 44 -18.73 25.54 -5.84
CA PHE D 44 -18.15 24.30 -5.32
C PHE D 44 -18.70 24.00 -3.93
N GLN D 45 -18.69 25.01 -3.05
CA GLN D 45 -19.25 24.82 -1.71
C GLN D 45 -20.72 24.43 -1.79
N TRP D 46 -21.46 25.02 -2.74
CA TRP D 46 -22.85 24.63 -2.91
C TRP D 46 -22.97 23.16 -3.28
N THR D 47 -22.06 22.66 -4.12
CA THR D 47 -22.15 21.28 -4.59
C THR D 47 -21.85 20.26 -3.50
N THR D 48 -21.37 20.69 -2.33
CA THR D 48 -21.12 19.78 -1.23
C THR D 48 -22.25 19.71 -0.20
N THR D 49 -23.34 20.45 -0.41
CA THR D 49 -24.27 20.73 0.66
C THR D 49 -25.43 19.77 0.79
N LYS D 50 -26.14 19.91 1.91
CA LYS D 50 -27.41 19.20 2.13
C LYS D 50 -28.36 19.42 0.96
N GLU D 51 -28.57 20.71 0.62
CA GLU D 51 -29.33 21.13 -0.56
C GLU D 51 -28.95 20.45 -1.86
N TYR D 52 -27.71 20.58 -2.30
CA TYR D 52 -27.32 20.04 -3.60
C TYR D 52 -27.64 18.54 -3.70
N GLN D 53 -27.37 17.79 -2.63
CA GLN D 53 -27.61 16.36 -2.66
C GLN D 53 -29.07 16.04 -2.95
N GLU D 54 -29.98 16.76 -2.28
CA GLU D 54 -31.41 16.52 -2.51
C GLU D 54 -31.78 16.71 -3.97
N LEU D 55 -31.33 17.82 -4.57
CA LEU D 55 -31.51 17.99 -6.00
C LEU D 55 -30.80 16.91 -6.79
N ASN D 56 -29.59 16.54 -6.35
CA ASN D 56 -28.83 15.50 -7.04
C ASN D 56 -29.60 14.18 -7.10
N PHE D 57 -30.29 13.84 -6.01
CA PHE D 57 -31.04 12.59 -5.97
C PHE D 57 -32.41 12.72 -6.63
N GLN D 58 -32.78 13.91 -7.10
CA GLN D 58 -33.98 14.05 -7.90
C GLN D 58 -33.75 13.69 -9.37
N ARG D 59 -32.51 13.36 -9.75
CA ARG D 59 -32.24 13.04 -11.15
C ARG D 59 -33.02 11.81 -11.59
N GLU D 60 -33.57 11.87 -12.80
CA GLU D 60 -34.30 10.75 -13.43
C GLU D 60 -33.73 10.46 -14.81
N ALA D 61 -33.34 11.47 -15.58
CA ALA D 61 -32.83 11.25 -16.93
C ALA D 61 -31.32 11.27 -17.01
N LEU D 62 -30.66 12.17 -16.28
CA LEU D 62 -29.21 12.36 -16.41
C LEU D 62 -28.47 11.39 -15.50
N THR D 63 -27.50 10.70 -16.08
CA THR D 63 -26.53 9.91 -15.33
C THR D 63 -25.17 10.57 -15.42
N VAL D 64 -24.46 10.65 -14.29
CA VAL D 64 -23.15 11.29 -14.23
C VAL D 64 -22.20 10.32 -13.56
N ASN D 65 -21.13 9.93 -14.29
CA ASN D 65 -20.10 9.07 -13.74
C ASN D 65 -20.68 7.72 -13.32
N PRO D 66 -21.08 6.89 -14.28
CA PRO D 66 -21.69 5.61 -13.93
C PRO D 66 -20.70 4.64 -13.30
N ALA D 67 -21.26 3.66 -12.58
CA ALA D 67 -20.47 2.58 -12.00
C ALA D 67 -20.86 1.25 -12.64
N LYS D 68 -20.77 1.18 -13.97
CA LYS D 68 -21.11 -0.03 -14.70
C LYS D 68 -20.68 0.15 -16.15
N ALA D 69 -20.51 -0.97 -16.84
CA ALA D 69 -20.24 -0.99 -18.27
C ALA D 69 -21.40 -1.69 -18.97
N CYS D 70 -21.22 -1.97 -20.27
CA CYS D 70 -22.28 -2.56 -21.06
C CYS D 70 -22.05 -4.05 -21.29
N GLN D 71 -23.13 -4.75 -21.63
CA GLN D 71 -23.18 -6.20 -21.67
C GLN D 71 -22.00 -6.83 -22.41
N PRO D 72 -21.77 -6.48 -23.68
CA PRO D 72 -20.76 -7.23 -24.45
C PRO D 72 -19.38 -7.22 -23.83
N LEU D 73 -19.07 -6.25 -22.95
CA LEU D 73 -17.80 -6.30 -22.24
C LEU D 73 -17.67 -7.59 -21.45
N GLY D 74 -18.72 -7.95 -20.71
CA GLY D 74 -18.70 -9.18 -19.94
C GLY D 74 -18.72 -10.41 -20.81
N ALA D 75 -19.41 -10.37 -21.95
CA ALA D 75 -19.39 -11.49 -22.88
C ALA D 75 -17.97 -11.75 -23.38
N VAL D 76 -17.19 -10.70 -23.59
CA VAL D 76 -15.81 -10.87 -24.02
C VAL D 76 -14.99 -11.56 -22.94
N LEU D 77 -15.05 -11.05 -21.72
CA LEU D 77 -14.30 -11.66 -20.63
C LEU D 77 -14.70 -13.11 -20.43
N CYS D 78 -16.00 -13.41 -20.54
CA CYS D 78 -16.46 -14.78 -20.40
C CYS D 78 -15.87 -15.67 -21.49
N ALA D 79 -15.80 -15.17 -22.72
CA ALA D 79 -15.30 -15.99 -23.83
C ALA D 79 -13.80 -16.23 -23.71
N LEU D 80 -13.06 -15.28 -23.14
CA LEU D 80 -11.62 -15.46 -22.99
C LEU D 80 -11.25 -16.58 -22.04
N GLY D 81 -12.21 -17.15 -21.31
CA GLY D 81 -11.94 -18.22 -20.39
C GLY D 81 -12.05 -19.61 -20.96
N PHE D 82 -12.15 -19.75 -22.28
CA PHE D 82 -12.23 -21.05 -22.93
C PHE D 82 -11.03 -21.25 -23.84
N GLU D 83 -10.66 -22.51 -24.03
CA GLU D 83 -9.41 -22.86 -24.69
C GLU D 83 -9.43 -22.42 -26.15
N LYS D 84 -8.38 -21.70 -26.56
CA LYS D 84 -8.21 -21.27 -27.94
C LYS D 84 -9.51 -20.71 -28.50
N THR D 85 -10.19 -19.91 -27.69
CA THR D 85 -11.46 -19.30 -28.08
C THR D 85 -11.23 -17.84 -28.44
N MET D 86 -11.78 -17.41 -29.57
CA MET D 86 -11.71 -16.02 -29.97
C MET D 86 -13.03 -15.34 -29.68
N PRO D 87 -13.10 -14.39 -28.75
CA PRO D 87 -14.33 -13.61 -28.59
C PRO D 87 -14.60 -12.79 -29.85
N TYR D 88 -15.88 -12.75 -30.25
CA TYR D 88 -16.32 -12.20 -31.54
C TYR D 88 -17.60 -11.43 -31.28
N VAL D 89 -17.58 -10.12 -31.48
CA VAL D 89 -18.74 -9.28 -31.19
C VAL D 89 -19.33 -8.85 -32.52
N HIS D 90 -20.50 -9.38 -32.84
CA HIS D 90 -21.19 -9.05 -34.09
C HIS D 90 -21.79 -7.66 -33.98
N GLY D 91 -21.28 -6.75 -34.80
CA GLY D 91 -21.72 -5.37 -34.77
C GLY D 91 -20.64 -4.43 -35.28
N SER D 92 -20.52 -3.28 -34.62
CA SER D 92 -19.56 -2.22 -35.01
C SER D 92 -18.20 -2.37 -34.34
N GLN D 93 -17.14 -2.05 -35.06
CA GLN D 93 -15.75 -2.20 -34.61
C GLN D 93 -15.40 -1.32 -33.41
N GLY D 94 -15.94 -0.11 -33.32
CA GLY D 94 -15.53 0.77 -32.25
C GLY D 94 -15.73 0.17 -30.86
N CYS D 95 -16.80 -0.63 -30.69
CA CYS D 95 -17.02 -1.29 -29.42
C CYS D 95 -15.83 -2.17 -29.05
N VAL D 96 -15.33 -2.95 -30.01
CA VAL D 96 -14.28 -3.93 -29.71
C VAL D 96 -12.99 -3.22 -29.30
N ALA D 97 -12.63 -2.15 -30.02
CA ALA D 97 -11.46 -1.38 -29.62
C ALA D 97 -11.61 -0.87 -28.18
N TYR D 98 -12.83 -0.51 -27.80
CA TYR D 98 -13.07 -0.03 -26.43
C TYR D 98 -12.99 -1.18 -25.43
N PHE D 99 -13.66 -2.31 -25.73
CA PHE D 99 -13.58 -3.46 -24.84
C PHE D 99 -12.12 -3.87 -24.61
N ARG D 100 -11.35 -3.98 -25.70
CA ARG D 100 -9.95 -4.39 -25.60
C ARG D 100 -9.15 -3.39 -24.77
N SER D 101 -9.32 -2.10 -25.05
CA SER D 101 -8.56 -1.09 -24.32
C SER D 101 -8.94 -1.08 -22.84
N TYR D 102 -10.22 -1.26 -22.54
CA TYR D 102 -10.68 -1.28 -21.16
C TYR D 102 -9.97 -2.38 -20.37
N PHE D 103 -9.89 -3.58 -20.95
CA PHE D 103 -9.22 -4.68 -20.27
C PHE D 103 -7.71 -4.61 -20.39
N ASN D 104 -7.19 -4.04 -21.48
CA ASN D 104 -5.73 -3.85 -21.61
C ASN D 104 -5.18 -3.09 -20.41
N ARG D 105 -5.82 -1.96 -20.09
CA ARG D 105 -5.34 -1.05 -19.04
C ARG D 105 -5.49 -1.68 -17.64
N HIS D 106 -6.50 -2.51 -17.41
CA HIS D 106 -6.68 -3.10 -16.08
C HIS D 106 -5.75 -4.29 -15.87
N PHE D 107 -5.58 -5.13 -16.89
CA PHE D 107 -4.75 -6.32 -16.75
C PHE D 107 -3.31 -6.09 -17.19
N ARG D 108 -3.04 -4.98 -17.85
CA ARG D 108 -1.69 -4.70 -18.45
C ARG D 108 -1.32 -5.93 -19.28
N GLU D 109 -2.18 -6.41 -20.13
CA GLU D 109 -1.93 -7.63 -20.92
C GLU D 109 -2.63 -7.51 -22.26
N PRO D 110 -2.23 -8.23 -23.31
CA PRO D 110 -3.01 -8.22 -24.56
C PRO D 110 -4.39 -8.80 -24.30
N VAL D 111 -5.36 -8.28 -25.04
CA VAL D 111 -6.73 -8.79 -25.01
C VAL D 111 -7.16 -8.94 -26.47
N SER D 112 -7.36 -10.18 -26.89
CA SER D 112 -7.70 -10.49 -28.28
C SER D 112 -9.22 -10.55 -28.43
N CYS D 113 -9.73 -9.80 -29.39
CA CYS D 113 -11.17 -9.76 -29.66
C CYS D 113 -11.38 -9.18 -31.04
N VAL D 114 -12.38 -9.65 -31.79
CA VAL D 114 -12.66 -9.18 -33.18
C VAL D 114 -14.07 -8.63 -33.33
N SER D 115 -14.32 -7.83 -34.35
CA SER D 115 -15.65 -7.34 -34.73
C SER D 115 -15.87 -7.86 -36.14
N ASP D 116 -17.03 -7.63 -36.72
CA ASP D 116 -17.29 -7.96 -38.14
C ASP D 116 -17.56 -6.66 -38.86
N SER D 117 -17.30 -5.52 -38.24
CA SER D 117 -17.32 -4.22 -38.91
C SER D 117 -18.60 -4.00 -39.70
N MET D 118 -19.71 -4.05 -38.98
CA MET D 118 -21.01 -3.74 -39.59
C MET D 118 -21.07 -2.22 -39.75
N THR D 119 -21.42 -1.73 -40.93
CA THR D 119 -21.39 -0.29 -41.24
C THR D 119 -22.78 0.28 -41.48
N GLU D 120 -22.84 1.52 -41.97
CA GLU D 120 -24.11 2.20 -42.25
C GLU D 120 -24.93 1.30 -43.16
N ASP D 121 -24.32 0.67 -44.16
CA ASP D 121 -25.15 -0.11 -45.08
C ASP D 121 -25.76 -1.31 -44.39
N ALA D 122 -25.04 -1.94 -43.47
CA ALA D 122 -25.57 -3.11 -42.76
C ALA D 122 -26.78 -2.76 -41.92
N ALA D 123 -26.93 -1.50 -41.52
CA ALA D 123 -28.11 -1.09 -40.78
C ALA D 123 -29.38 -1.23 -41.60
N VAL D 124 -29.27 -1.13 -42.93
CA VAL D 124 -30.45 -1.09 -43.78
C VAL D 124 -30.87 -2.49 -44.26
N PHE D 125 -29.91 -3.42 -44.39
CA PHE D 125 -30.18 -4.76 -44.89
C PHE D 125 -29.61 -5.85 -44.01
N GLY D 126 -29.24 -5.54 -42.77
CA GLY D 126 -28.74 -6.55 -41.86
C GLY D 126 -27.28 -6.88 -42.11
N GLY D 127 -26.69 -7.54 -41.12
CA GLY D 127 -25.28 -7.85 -41.16
C GLY D 127 -24.91 -9.30 -41.42
N GLN D 128 -25.70 -10.01 -42.25
CA GLN D 128 -25.42 -11.42 -42.46
C GLN D 128 -24.14 -11.62 -43.25
N GLN D 129 -23.86 -10.74 -44.21
CA GLN D 129 -22.63 -10.88 -44.99
C GLN D 129 -21.41 -10.61 -44.10
N ASN D 130 -21.54 -9.70 -43.14
CA ASN D 130 -20.47 -9.51 -42.16
C ASN D 130 -20.20 -10.81 -41.41
N MET D 131 -21.25 -11.52 -41.03
CA MET D 131 -21.09 -12.75 -40.26
C MET D 131 -20.35 -13.81 -41.06
N LYS D 132 -20.77 -14.04 -42.30
CA LYS D 132 -20.15 -15.08 -43.12
C LYS D 132 -18.68 -14.78 -43.35
N ASP D 133 -18.36 -13.58 -43.83
CA ASP D 133 -16.97 -13.22 -44.06
C ASP D 133 -16.21 -13.08 -42.74
N GLY D 134 -16.87 -12.55 -41.72
CA GLY D 134 -16.21 -12.39 -40.43
C GLY D 134 -15.72 -13.71 -39.86
N LEU D 135 -16.62 -14.68 -39.76
CA LEU D 135 -16.25 -16.00 -39.26
C LEU D 135 -15.11 -16.60 -40.08
N GLN D 136 -15.25 -16.57 -41.41
CA GLN D 136 -14.27 -17.20 -42.27
C GLN D 136 -12.90 -16.56 -42.10
N ASN D 137 -12.84 -15.22 -42.12
CA ASN D 137 -11.57 -14.53 -41.93
C ASN D 137 -10.97 -14.85 -40.57
N CYS D 138 -11.75 -14.68 -39.51
CA CYS D 138 -11.25 -14.91 -38.16
C CYS D 138 -10.71 -16.32 -38.00
N LYS D 139 -11.47 -17.32 -38.46
CA LYS D 139 -11.02 -18.70 -38.35
C LYS D 139 -9.71 -18.93 -39.10
N ALA D 140 -9.59 -18.34 -40.30
CA ALA D 140 -8.41 -18.57 -41.12
C ALA D 140 -7.20 -17.80 -40.63
N THR D 141 -7.42 -16.59 -40.12
CA THR D 141 -6.29 -15.72 -39.76
C THR D 141 -5.74 -16.07 -38.39
N TYR D 142 -6.59 -16.10 -37.36
CA TYR D 142 -6.15 -16.24 -35.98
C TYR D 142 -6.28 -17.67 -35.46
N LYS D 143 -6.79 -18.58 -36.28
CA LYS D 143 -6.81 -20.01 -35.98
C LYS D 143 -7.29 -20.33 -34.56
N PRO D 144 -8.52 -19.95 -34.21
CA PRO D 144 -9.09 -20.41 -32.95
C PRO D 144 -9.83 -21.74 -33.10
N ASP D 145 -9.90 -22.47 -31.99
CA ASP D 145 -10.69 -23.69 -31.95
C ASP D 145 -12.17 -23.41 -31.75
N MET D 146 -12.53 -22.20 -31.34
CA MET D 146 -13.91 -21.83 -31.07
C MET D 146 -14.03 -20.33 -31.20
N ILE D 147 -15.19 -19.88 -31.68
CA ILE D 147 -15.51 -18.47 -31.83
C ILE D 147 -16.80 -18.22 -31.06
N ALA D 148 -16.74 -17.39 -30.04
CA ALA D 148 -17.87 -17.11 -29.16
C ALA D 148 -18.43 -15.74 -29.51
N VAL D 149 -19.67 -15.71 -30.00
CA VAL D 149 -20.23 -14.54 -30.66
C VAL D 149 -21.19 -13.82 -29.72
N SER D 150 -21.03 -12.51 -29.61
CA SER D 150 -21.97 -11.65 -28.91
C SER D 150 -22.35 -10.51 -29.84
N THR D 151 -23.00 -9.47 -29.33
CA THR D 151 -23.49 -8.39 -30.17
C THR D 151 -23.22 -7.03 -29.55
N THR D 152 -22.98 -6.06 -30.42
CA THR D 152 -23.03 -4.65 -30.06
C THR D 152 -24.46 -4.16 -30.14
N CYS D 153 -24.71 -2.95 -29.63
CA CYS D 153 -26.08 -2.46 -29.61
C CYS D 153 -26.60 -2.15 -31.00
N MET D 154 -25.71 -1.90 -31.97
CA MET D 154 -26.14 -1.70 -33.35
C MET D 154 -26.82 -2.95 -33.89
N ALA D 155 -26.21 -4.13 -33.70
CA ALA D 155 -26.79 -5.36 -34.19
C ALA D 155 -28.14 -5.65 -33.52
N GLU D 156 -28.26 -5.31 -32.23
CA GLU D 156 -29.48 -5.65 -31.51
C GLU D 156 -30.69 -4.86 -32.01
N VAL D 157 -30.52 -3.56 -32.20
CA VAL D 157 -31.66 -2.72 -32.52
C VAL D 157 -32.20 -3.04 -33.91
N ILE D 158 -31.32 -3.36 -34.86
CA ILE D 158 -31.79 -3.66 -36.22
C ILE D 158 -32.30 -5.09 -36.35
N GLY D 159 -32.06 -5.92 -35.35
CA GLY D 159 -32.71 -7.22 -35.28
C GLY D 159 -32.00 -8.37 -35.96
N ASP D 160 -30.68 -8.29 -36.11
CA ASP D 160 -29.94 -9.40 -36.70
C ASP D 160 -30.15 -10.67 -35.89
N ASP D 161 -30.59 -11.73 -36.56
CA ASP D 161 -30.80 -13.03 -35.92
C ASP D 161 -29.48 -13.79 -35.91
N LEU D 162 -28.79 -13.77 -34.77
CA LEU D 162 -27.50 -14.44 -34.66
C LEU D 162 -27.61 -15.92 -35.02
N ASN D 163 -28.68 -16.57 -34.56
CA ASN D 163 -28.86 -18.00 -34.79
C ASN D 163 -28.90 -18.30 -36.28
N ALA D 164 -29.76 -17.58 -37.01
CA ALA D 164 -29.87 -17.80 -38.44
C ALA D 164 -28.57 -17.41 -39.15
N PHE D 165 -27.93 -16.33 -38.71
CA PHE D 165 -26.74 -15.85 -39.42
C PHE D 165 -25.60 -16.85 -39.31
N ILE D 166 -25.38 -17.42 -38.13
CA ILE D 166 -24.33 -18.43 -37.98
C ILE D 166 -24.69 -19.69 -38.76
N ASN D 167 -25.97 -20.08 -38.74
CA ASN D 167 -26.40 -21.28 -39.45
C ASN D 167 -26.18 -21.12 -40.95
N ASN D 168 -26.48 -19.94 -41.49
CA ASN D 168 -26.27 -19.70 -42.92
C ASN D 168 -24.79 -19.64 -43.26
N SER D 169 -23.95 -19.17 -42.33
CA SER D 169 -22.50 -19.19 -42.56
C SER D 169 -21.98 -20.61 -42.66
N LYS D 170 -22.58 -21.55 -41.92
CA LYS D 170 -22.23 -22.96 -42.05
C LYS D 170 -22.85 -23.55 -43.30
N LYS D 171 -24.08 -23.14 -43.62
CA LYS D 171 -24.77 -23.65 -44.80
C LYS D 171 -23.97 -23.41 -46.07
N GLU D 172 -23.52 -22.18 -46.28
CA GLU D 172 -22.80 -21.80 -47.48
C GLU D 172 -21.30 -22.01 -47.39
N GLY D 173 -20.83 -22.71 -46.35
CA GLY D 173 -19.45 -23.18 -46.33
C GLY D 173 -18.41 -22.15 -45.98
N PHE D 174 -18.77 -21.09 -45.28
CA PHE D 174 -17.77 -20.12 -44.83
C PHE D 174 -16.96 -20.68 -43.68
N ILE D 175 -17.60 -21.46 -42.80
CA ILE D 175 -16.90 -22.18 -41.73
C ILE D 175 -17.39 -23.62 -41.74
N PRO D 176 -16.60 -24.58 -41.27
CA PRO D 176 -17.08 -25.96 -41.20
C PRO D 176 -18.30 -26.10 -40.30
N ASP D 177 -19.14 -27.08 -40.62
CA ASP D 177 -20.39 -27.26 -39.90
C ASP D 177 -20.13 -27.68 -38.46
N GLU D 178 -19.07 -28.45 -38.22
CA GLU D 178 -18.75 -28.94 -36.89
C GLU D 178 -17.94 -27.95 -36.06
N PHE D 179 -17.54 -26.82 -36.64
CA PHE D 179 -16.76 -25.83 -35.90
C PHE D 179 -17.65 -25.17 -34.85
N PRO D 180 -17.21 -25.09 -33.59
CA PRO D 180 -18.09 -24.57 -32.53
C PRO D 180 -18.21 -23.05 -32.60
N VAL D 181 -19.44 -22.57 -32.78
CA VAL D 181 -19.72 -21.14 -32.79
C VAL D 181 -20.87 -20.85 -31.83
N PRO D 182 -20.62 -20.85 -30.52
CA PRO D 182 -21.67 -20.44 -29.59
C PRO D 182 -21.94 -18.95 -29.70
N PHE D 183 -23.16 -18.55 -29.37
CA PHE D 183 -23.59 -17.17 -29.52
C PHE D 183 -24.48 -16.77 -28.37
N ALA D 184 -24.66 -15.46 -28.22
CA ALA D 184 -25.55 -14.91 -27.21
C ALA D 184 -25.85 -13.46 -27.55
N HIS D 185 -27.13 -13.09 -27.54
CA HIS D 185 -27.50 -11.70 -27.71
C HIS D 185 -27.20 -10.93 -26.44
N THR D 186 -26.51 -9.79 -26.58
CA THR D 186 -26.05 -9.00 -25.43
C THR D 186 -26.35 -7.52 -25.66
N PRO D 187 -27.63 -7.13 -25.56
CA PRO D 187 -27.99 -5.73 -25.79
C PRO D 187 -27.41 -4.83 -24.71
N ALA D 188 -26.69 -3.80 -25.13
CA ALA D 188 -26.05 -2.88 -24.19
C ALA D 188 -27.06 -2.06 -23.40
N PHE D 189 -28.30 -1.95 -23.88
CA PHE D 189 -29.34 -1.20 -23.20
C PHE D 189 -30.16 -2.08 -22.24
N VAL D 190 -29.62 -3.23 -21.85
CA VAL D 190 -30.26 -4.11 -20.89
C VAL D 190 -29.21 -4.51 -19.86
N GLY D 191 -29.55 -4.37 -18.58
CA GLY D 191 -28.64 -4.78 -17.53
C GLY D 191 -27.32 -4.04 -17.61
N SER D 192 -26.23 -4.78 -17.51
CA SER D 192 -24.90 -4.20 -17.53
C SER D 192 -23.89 -5.25 -17.99
N HIS D 193 -22.61 -4.96 -17.79
CA HIS D 193 -21.56 -5.87 -18.23
C HIS D 193 -21.69 -7.25 -17.62
N VAL D 194 -22.21 -7.35 -16.40
CA VAL D 194 -22.36 -8.66 -15.78
C VAL D 194 -23.44 -9.47 -16.48
N THR D 195 -24.48 -8.80 -17.01
CA THR D 195 -25.51 -9.52 -17.74
C THR D 195 -24.96 -10.13 -19.01
N GLY D 196 -24.04 -9.43 -19.68
CA GLY D 196 -23.40 -10.00 -20.86
C GLY D 196 -22.59 -11.22 -20.55
N TRP D 197 -21.95 -11.26 -19.39
CA TRP D 197 -21.25 -12.46 -18.95
C TRP D 197 -22.22 -13.63 -18.80
N ASP D 198 -23.35 -13.39 -18.13
CA ASP D 198 -24.34 -14.43 -17.92
C ASP D 198 -24.90 -14.93 -19.24
N ASN D 199 -25.32 -14.01 -20.12
CA ASN D 199 -25.88 -14.41 -21.41
C ASN D 199 -24.87 -15.23 -22.22
N MET D 200 -23.60 -14.82 -22.23
CA MET D 200 -22.60 -15.52 -23.02
C MET D 200 -22.35 -16.92 -22.48
N PHE D 201 -22.16 -17.05 -21.17
CA PHE D 201 -21.87 -18.37 -20.59
C PHE D 201 -23.03 -19.33 -20.85
N GLU D 202 -24.27 -18.86 -20.70
CA GLU D 202 -25.41 -19.73 -20.94
C GLU D 202 -25.46 -20.16 -22.41
N GLY D 203 -25.20 -19.23 -23.33
CA GLY D 203 -25.12 -19.60 -24.73
C GLY D 203 -24.08 -20.66 -25.00
N ILE D 204 -22.91 -20.55 -24.36
CA ILE D 204 -21.85 -21.54 -24.55
C ILE D 204 -22.24 -22.86 -23.89
N ALA D 205 -22.83 -22.80 -22.69
CA ALA D 205 -23.32 -24.02 -22.07
C ALA D 205 -24.41 -24.64 -22.91
N ARG D 206 -25.33 -23.81 -23.41
CA ARG D 206 -26.32 -24.25 -24.38
C ARG D 206 -25.69 -25.08 -25.49
N TYR D 207 -24.66 -24.52 -26.13
CA TYR D 207 -24.12 -25.10 -27.36
C TYR D 207 -23.66 -26.53 -27.16
N PHE D 208 -22.88 -26.79 -26.12
CA PHE D 208 -22.21 -28.07 -25.95
C PHE D 208 -23.05 -29.08 -25.19
N THR D 209 -24.24 -28.71 -24.75
CA THR D 209 -24.98 -29.60 -23.86
C THR D 209 -26.39 -29.94 -24.33
N LEU D 210 -27.13 -28.93 -24.78
CA LEU D 210 -28.59 -29.02 -24.80
C LEU D 210 -29.06 -30.25 -25.56
N LYS D 211 -28.44 -30.54 -26.70
CA LYS D 211 -28.87 -31.66 -27.55
C LYS D 211 -28.24 -32.99 -27.18
N SER D 212 -27.50 -33.08 -26.07
CA SER D 212 -26.77 -34.29 -25.74
C SER D 212 -27.10 -34.81 -24.35
N MET D 213 -28.26 -34.45 -23.81
CA MET D 213 -28.59 -34.79 -22.44
C MET D 213 -28.95 -36.27 -22.25
N ASP D 214 -29.34 -37.00 -23.28
CA ASP D 214 -29.86 -38.39 -23.11
C ASP D 214 -28.82 -39.30 -22.46
N ASP D 215 -27.53 -39.05 -22.65
CA ASP D 215 -26.43 -39.90 -22.13
C ASP D 215 -25.96 -39.39 -20.76
N LYS D 216 -26.48 -38.28 -20.28
CA LYS D 216 -25.98 -37.64 -19.04
C LYS D 216 -26.54 -38.26 -17.75
N VAL D 217 -25.67 -38.58 -16.78
CA VAL D 217 -26.06 -39.03 -15.45
C VAL D 217 -25.46 -38.04 -14.46
N VAL D 218 -26.31 -37.46 -13.61
CA VAL D 218 -25.84 -36.46 -12.65
C VAL D 218 -24.91 -37.12 -11.64
N GLY D 219 -23.69 -36.59 -11.53
CA GLY D 219 -22.73 -37.06 -10.56
C GLY D 219 -21.83 -38.18 -11.03
N SER D 220 -21.93 -38.60 -12.29
CA SER D 220 -21.16 -39.74 -12.75
C SER D 220 -19.66 -39.43 -12.82
N ASN D 221 -19.30 -38.17 -13.08
CA ASN D 221 -17.88 -37.72 -13.18
C ASN D 221 -17.39 -37.34 -11.79
N LYS D 222 -18.24 -37.43 -10.78
CA LYS D 222 -17.89 -37.18 -9.35
C LYS D 222 -17.19 -35.81 -9.20
N LYS D 223 -17.53 -34.84 -10.02
CA LYS D 223 -16.91 -33.49 -9.96
C LYS D 223 -17.96 -32.43 -9.59
N ILE D 224 -17.55 -31.24 -9.26
CA ILE D 224 -18.39 -30.08 -9.01
C ILE D 224 -18.02 -29.01 -10.03
N ASN D 225 -19.03 -28.46 -10.70
CA ASN D 225 -18.79 -27.38 -11.64
C ASN D 225 -18.73 -26.05 -10.91
N ILE D 226 -17.80 -25.20 -11.32
CA ILE D 226 -17.58 -23.90 -10.68
C ILE D 226 -17.72 -22.83 -11.75
N VAL D 227 -18.68 -21.93 -11.57
CA VAL D 227 -18.95 -20.84 -12.48
C VAL D 227 -18.56 -19.54 -11.76
N PRO D 228 -17.47 -18.88 -12.15
CA PRO D 228 -16.99 -17.74 -11.36
C PRO D 228 -17.71 -16.42 -11.63
N GLY D 229 -18.30 -16.26 -12.80
CA GLY D 229 -18.90 -15.00 -13.17
C GLY D 229 -17.86 -13.96 -13.57
N PHE D 230 -18.35 -12.73 -13.75
CA PHE D 230 -17.47 -11.62 -14.11
C PHE D 230 -16.43 -11.43 -13.02
N GLU D 231 -15.17 -11.71 -13.35
CA GLU D 231 -14.10 -11.75 -12.35
C GLU D 231 -12.83 -11.18 -12.96
N THR D 232 -12.25 -10.20 -12.28
CA THR D 232 -11.09 -9.47 -12.80
C THR D 232 -9.89 -9.49 -11.85
N TYR D 233 -9.89 -10.37 -10.85
CA TYR D 233 -8.73 -10.61 -10.01
C TYR D 233 -8.18 -12.00 -10.32
N LEU D 234 -6.95 -12.06 -10.81
CA LEU D 234 -6.33 -13.35 -11.10
C LEU D 234 -6.32 -14.23 -9.85
N GLY D 235 -6.05 -13.65 -8.69
CA GLY D 235 -5.98 -14.43 -7.46
C GLY D 235 -7.29 -15.08 -7.09
N ASN D 236 -8.41 -14.57 -7.61
CA ASN D 236 -9.70 -15.15 -7.28
C ASN D 236 -9.92 -16.46 -8.04
N PHE D 237 -9.53 -16.52 -9.31
CA PHE D 237 -9.52 -17.80 -10.00
C PHE D 237 -8.57 -18.79 -9.33
N ARG D 238 -7.39 -18.31 -8.93
CA ARG D 238 -6.35 -19.20 -8.42
C ARG D 238 -6.66 -19.66 -7.00
N VAL D 239 -7.30 -18.84 -6.19
CA VAL D 239 -7.59 -19.24 -4.82
C VAL D 239 -8.69 -20.28 -4.79
N ILE D 240 -9.65 -20.20 -5.73
CA ILE D 240 -10.73 -21.18 -5.77
C ILE D 240 -10.19 -22.53 -6.18
N LYS D 241 -9.36 -22.57 -7.22
CA LYS D 241 -8.75 -23.84 -7.61
C LYS D 241 -7.80 -24.35 -6.54
N ARG D 242 -7.13 -23.43 -5.81
CA ARG D 242 -6.21 -23.85 -4.77
C ARG D 242 -6.95 -24.54 -3.61
N MET D 243 -8.07 -23.98 -3.19
CA MET D 243 -8.82 -24.55 -2.08
C MET D 243 -9.45 -25.88 -2.46
N LEU D 244 -9.96 -26.00 -3.70
CA LEU D 244 -10.55 -27.26 -4.13
C LEU D 244 -9.50 -28.36 -4.23
N SER D 245 -8.32 -28.04 -4.77
CA SER D 245 -7.26 -29.03 -4.82
C SER D 245 -6.82 -29.45 -3.42
N GLU D 246 -6.72 -28.48 -2.51
CA GLU D 246 -6.36 -28.81 -1.13
C GLU D 246 -7.34 -29.79 -0.52
N MET D 247 -8.63 -29.63 -0.82
CA MET D 247 -9.66 -30.54 -0.31
C MET D 247 -9.69 -31.87 -1.06
N GLY D 248 -8.95 -32.01 -2.15
CA GLY D 248 -9.07 -33.19 -2.97
C GLY D 248 -10.42 -33.33 -3.64
N VAL D 249 -11.00 -32.20 -4.06
CA VAL D 249 -12.30 -32.19 -4.71
C VAL D 249 -12.10 -32.08 -6.21
N GLY D 250 -12.56 -33.09 -6.94
CA GLY D 250 -12.60 -32.99 -8.39
C GLY D 250 -13.53 -31.89 -8.81
N TYR D 251 -13.06 -30.98 -9.66
CA TYR D 251 -13.84 -29.82 -10.05
C TYR D 251 -13.59 -29.49 -11.50
N SER D 252 -14.47 -28.68 -12.07
CA SER D 252 -14.30 -28.14 -13.42
C SER D 252 -14.63 -26.65 -13.36
N LEU D 253 -13.61 -25.81 -13.53
CA LEU D 253 -13.82 -24.37 -13.59
C LEU D 253 -14.31 -24.01 -14.99
N LEU D 254 -15.55 -23.55 -15.08
CA LEU D 254 -16.19 -23.27 -16.37
C LEU D 254 -16.01 -21.79 -16.68
N SER D 255 -15.21 -21.49 -17.71
CA SER D 255 -14.68 -20.16 -17.98
C SER D 255 -13.54 -19.86 -17.00
N ASP D 256 -12.29 -20.00 -17.47
CA ASP D 256 -11.11 -19.81 -16.62
C ASP D 256 -10.07 -19.07 -17.45
N PRO D 257 -10.06 -17.75 -17.41
CA PRO D 257 -9.12 -16.97 -18.21
C PRO D 257 -7.79 -16.65 -17.55
N GLU D 258 -7.45 -17.27 -16.41
CA GLU D 258 -6.26 -16.87 -15.68
C GLU D 258 -4.99 -17.05 -16.50
N GLU D 259 -4.96 -18.01 -17.41
CA GLU D 259 -3.75 -18.23 -18.20
C GLU D 259 -3.58 -17.15 -19.27
N VAL D 260 -4.65 -16.86 -20.01
CA VAL D 260 -4.53 -15.91 -21.11
C VAL D 260 -4.29 -14.50 -20.57
N LEU D 261 -4.76 -14.22 -19.35
CA LEU D 261 -4.60 -12.90 -18.75
C LEU D 261 -3.31 -12.77 -17.95
N ASP D 262 -2.35 -13.67 -18.14
CA ASP D 262 -1.11 -13.62 -17.38
C ASP D 262 -0.03 -14.47 -18.05
N THR D 263 0.17 -14.27 -19.35
CA THR D 263 1.18 -15.06 -20.04
C THR D 263 2.57 -14.50 -19.76
N PRO D 264 3.60 -15.34 -19.76
CA PRO D 264 4.95 -14.87 -19.48
C PRO D 264 5.55 -14.10 -20.64
N ALA D 265 6.37 -13.11 -20.31
CA ALA D 265 7.16 -12.37 -21.31
C ALA D 265 8.46 -13.13 -21.49
N ASP D 266 8.48 -14.07 -22.44
CA ASP D 266 9.67 -14.88 -22.69
C ASP D 266 10.07 -14.82 -24.17
N GLY D 267 9.75 -13.73 -24.85
CA GLY D 267 10.18 -13.51 -26.21
C GLY D 267 9.15 -13.80 -27.28
N GLN D 268 8.00 -14.36 -26.92
CA GLN D 268 6.96 -14.66 -27.90
C GLN D 268 5.60 -14.27 -27.34
N PHE D 269 4.70 -13.90 -28.24
CA PHE D 269 3.33 -13.53 -27.90
C PHE D 269 2.43 -14.74 -28.06
N ARG D 270 1.71 -15.08 -27.00
CA ARG D 270 0.76 -16.17 -27.01
C ARG D 270 -0.65 -15.58 -27.06
N MET D 271 -1.34 -15.79 -28.18
CA MET D 271 -2.70 -15.26 -28.29
C MET D 271 -3.66 -16.04 -27.40
N TYR D 272 -3.49 -17.35 -27.31
CA TYR D 272 -4.34 -18.20 -26.48
C TYR D 272 -3.49 -18.92 -25.44
N ALA D 273 -4.10 -19.22 -24.30
CA ALA D 273 -3.42 -19.95 -23.24
C ALA D 273 -4.45 -20.49 -22.26
N GLY D 274 -4.34 -21.78 -21.93
CA GLY D 274 -5.20 -22.40 -20.95
C GLY D 274 -6.67 -22.26 -21.29
N GLY D 275 -7.48 -22.14 -20.24
CA GLY D 275 -8.91 -21.98 -20.38
C GLY D 275 -9.66 -23.31 -20.29
N THR D 276 -10.97 -23.18 -20.16
CA THR D 276 -11.82 -24.37 -20.06
C THR D 276 -11.90 -25.07 -21.41
N THR D 277 -11.68 -26.38 -21.41
CA THR D 277 -11.71 -27.14 -22.66
C THR D 277 -13.15 -27.39 -23.09
N GLN D 278 -13.34 -27.55 -24.41
CA GLN D 278 -14.66 -27.89 -24.91
C GLN D 278 -15.18 -29.18 -24.30
N GLU D 279 -14.29 -30.13 -24.02
CA GLU D 279 -14.73 -31.38 -23.41
C GLU D 279 -15.28 -31.13 -22.01
N GLU D 280 -14.57 -30.33 -21.21
CA GLU D 280 -15.08 -29.98 -19.89
C GLU D 280 -16.49 -29.39 -19.96
N MET D 281 -16.80 -28.67 -21.05
CA MET D 281 -18.16 -28.17 -21.22
C MET D 281 -19.13 -29.29 -21.59
N LYS D 282 -18.73 -30.18 -22.47
CA LYS D 282 -19.57 -31.30 -22.89
C LYS D 282 -19.82 -32.26 -21.70
N ASP D 283 -18.87 -32.40 -20.78
CA ASP D 283 -18.99 -33.33 -19.66
C ASP D 283 -19.59 -32.68 -18.41
N ALA D 284 -19.84 -31.38 -18.43
CA ALA D 284 -20.33 -30.71 -17.23
C ALA D 284 -21.63 -31.30 -16.69
N PRO D 285 -22.58 -31.73 -17.51
CA PRO D 285 -23.81 -32.33 -16.94
C PRO D 285 -23.56 -33.54 -16.06
N ASN D 286 -22.42 -34.20 -16.21
CA ASN D 286 -22.10 -35.37 -15.39
C ASN D 286 -21.55 -34.99 -14.02
N ALA D 287 -21.54 -33.71 -13.67
CA ALA D 287 -21.02 -33.29 -12.38
C ALA D 287 -22.05 -33.53 -11.29
N LEU D 288 -21.56 -33.66 -10.04
CA LEU D 288 -22.45 -33.82 -8.91
C LEU D 288 -23.39 -32.63 -8.79
N ASN D 289 -22.86 -31.42 -8.99
CA ASN D 289 -23.64 -30.19 -8.85
C ASN D 289 -22.84 -29.08 -9.52
N THR D 290 -23.43 -27.88 -9.53
CA THR D 290 -22.79 -26.70 -10.09
C THR D 290 -22.91 -25.56 -9.08
N VAL D 291 -21.77 -24.98 -8.71
CA VAL D 291 -21.72 -23.88 -7.75
C VAL D 291 -21.50 -22.58 -8.51
N LEU D 292 -22.39 -21.61 -8.30
CA LEU D 292 -22.24 -20.28 -8.85
C LEU D 292 -21.52 -19.41 -7.82
N LEU D 293 -20.34 -18.90 -8.20
CA LEU D 293 -19.56 -18.11 -7.24
C LEU D 293 -20.17 -16.73 -7.02
N GLN D 294 -20.82 -16.17 -8.03
CA GLN D 294 -21.47 -14.86 -7.95
C GLN D 294 -22.89 -15.01 -8.50
N PRO D 295 -23.81 -15.54 -7.70
CA PRO D 295 -25.14 -15.90 -8.22
C PRO D 295 -26.00 -14.70 -8.60
N TRP D 296 -25.75 -13.51 -8.05
CA TRP D 296 -26.63 -12.38 -8.32
C TRP D 296 -26.47 -11.80 -9.71
N HIS D 297 -25.52 -12.28 -10.53
CA HIS D 297 -25.51 -11.95 -11.95
C HIS D 297 -25.36 -13.20 -12.82
N LEU D 298 -25.74 -14.37 -12.30
CA LEU D 298 -25.73 -15.62 -13.04
C LEU D 298 -27.11 -16.27 -12.98
N GLU D 299 -28.15 -15.45 -13.06
CA GLU D 299 -29.52 -15.93 -12.93
C GLU D 299 -29.90 -16.82 -14.11
N LYS D 300 -29.63 -16.40 -15.34
CA LYS D 300 -29.99 -17.18 -16.53
C LYS D 300 -29.18 -18.49 -16.53
N THR D 301 -27.88 -18.43 -16.28
CA THR D 301 -27.10 -19.67 -16.19
C THR D 301 -27.74 -20.62 -15.20
N LYS D 302 -28.14 -20.11 -14.04
CA LYS D 302 -28.76 -20.96 -13.01
C LYS D 302 -29.97 -21.70 -13.57
N LYS D 303 -30.87 -20.98 -14.24
CA LYS D 303 -32.06 -21.63 -14.78
C LYS D 303 -31.70 -22.74 -15.76
N PHE D 304 -30.64 -22.55 -16.54
CA PHE D 304 -30.25 -23.57 -17.49
C PHE D 304 -29.58 -24.76 -16.80
N VAL D 305 -28.77 -24.49 -15.78
CA VAL D 305 -28.12 -25.56 -15.05
C VAL D 305 -29.15 -26.39 -14.30
N GLU D 306 -30.21 -25.74 -13.79
CA GLU D 306 -31.26 -26.49 -13.12
C GLU D 306 -32.27 -27.07 -14.10
N GLY D 307 -32.62 -26.31 -15.14
CA GLY D 307 -33.63 -26.78 -16.08
C GLY D 307 -33.15 -27.92 -16.95
N THR D 308 -31.91 -27.84 -17.43
CA THR D 308 -31.38 -28.82 -18.38
C THR D 308 -30.43 -29.82 -17.72
N TRP D 309 -29.42 -29.35 -16.98
CA TRP D 309 -28.47 -30.27 -16.36
C TRP D 309 -29.10 -31.00 -15.18
N LYS D 310 -30.23 -30.52 -14.66
CA LYS D 310 -30.95 -31.11 -13.54
C LYS D 310 -30.18 -30.99 -12.22
N HIS D 311 -29.17 -30.13 -12.16
CA HIS D 311 -28.45 -29.92 -10.92
C HIS D 311 -29.27 -29.04 -9.99
N GLU D 312 -29.14 -29.31 -8.69
CA GLU D 312 -29.81 -28.51 -7.66
C GLU D 312 -28.76 -27.54 -7.11
N VAL D 313 -28.69 -26.36 -7.72
CA VAL D 313 -27.64 -25.38 -7.42
C VAL D 313 -27.78 -24.92 -5.97
N PRO D 314 -26.73 -25.04 -5.15
CA PRO D 314 -26.87 -24.66 -3.75
C PRO D 314 -27.05 -23.16 -3.60
N LYS D 315 -27.76 -22.76 -2.55
CA LYS D 315 -27.95 -21.34 -2.25
C LYS D 315 -26.74 -20.88 -1.46
N LEU D 316 -25.74 -20.36 -2.16
CA LEU D 316 -24.49 -19.92 -1.54
C LEU D 316 -24.22 -18.47 -1.92
N ASN D 317 -23.80 -17.69 -0.92
CA ASN D 317 -23.28 -16.35 -1.18
C ASN D 317 -21.88 -16.44 -1.78
N ILE D 318 -21.45 -15.33 -2.37
CA ILE D 318 -20.08 -15.21 -2.88
C ILE D 318 -19.13 -15.58 -1.75
N PRO D 319 -18.10 -16.39 -2.00
CA PRO D 319 -17.17 -16.75 -0.90
C PRO D 319 -16.24 -15.61 -0.54
N MET D 320 -16.80 -14.60 0.12
CA MET D 320 -16.04 -13.46 0.63
C MET D 320 -16.24 -13.38 2.14
N GLY D 321 -15.16 -13.07 2.85
CA GLY D 321 -15.22 -12.96 4.28
C GLY D 321 -15.19 -14.32 4.97
N LEU D 322 -15.45 -14.29 6.27
CA LEU D 322 -15.26 -15.47 7.09
C LEU D 322 -16.45 -16.43 6.99
N ASP D 323 -17.64 -15.95 7.33
CA ASP D 323 -18.80 -16.83 7.37
C ASP D 323 -19.10 -17.43 6.00
N TRP D 324 -19.02 -16.61 4.94
CA TRP D 324 -19.43 -17.09 3.63
C TRP D 324 -18.40 -18.01 3.00
N THR D 325 -17.12 -17.84 3.33
CA THR D 325 -16.13 -18.84 2.94
C THR D 325 -16.34 -20.14 3.72
N ASP D 326 -16.63 -20.03 5.01
CA ASP D 326 -17.03 -21.19 5.80
C ASP D 326 -18.17 -21.94 5.12
N GLU D 327 -19.23 -21.22 4.77
CA GLU D 327 -20.40 -21.85 4.16
C GLU D 327 -20.05 -22.47 2.81
N PHE D 328 -19.24 -21.78 2.02
CA PHE D 328 -18.81 -22.35 0.74
C PHE D 328 -18.07 -23.68 0.95
N LEU D 329 -17.13 -23.70 1.90
CA LEU D 329 -16.36 -24.93 2.12
C LEU D 329 -17.21 -26.03 2.70
N MET D 330 -18.15 -25.69 3.61
CA MET D 330 -19.00 -26.73 4.18
C MET D 330 -19.94 -27.32 3.12
N LYS D 331 -20.45 -26.49 2.20
CA LYS D 331 -21.33 -27.01 1.18
C LYS D 331 -20.58 -27.87 0.17
N VAL D 332 -19.35 -27.47 -0.19
CA VAL D 332 -18.53 -28.31 -1.06
C VAL D 332 -18.25 -29.64 -0.38
N SER D 333 -17.96 -29.61 0.91
CA SER D 333 -17.73 -30.85 1.65
C SER D 333 -18.93 -31.77 1.59
N GLU D 334 -20.14 -31.22 1.74
CA GLU D 334 -21.34 -32.04 1.68
C GLU D 334 -21.54 -32.65 0.31
N ILE D 335 -21.34 -31.86 -0.75
CA ILE D 335 -21.57 -32.37 -2.10
C ILE D 335 -20.51 -33.38 -2.49
N SER D 336 -19.25 -33.11 -2.16
CA SER D 336 -18.15 -33.94 -2.62
C SER D 336 -17.84 -35.09 -1.68
N GLY D 337 -18.28 -35.03 -0.42
CA GLY D 337 -17.91 -36.01 0.56
C GLY D 337 -16.50 -35.85 1.11
N GLN D 338 -15.76 -34.86 0.62
CA GLN D 338 -14.41 -34.60 1.14
C GLN D 338 -14.50 -33.81 2.44
N PRO D 339 -13.71 -34.16 3.45
CA PRO D 339 -13.64 -33.33 4.65
C PRO D 339 -12.76 -32.10 4.41
N ILE D 340 -13.06 -31.04 5.16
CA ILE D 340 -12.25 -29.83 5.11
C ILE D 340 -10.92 -30.17 5.77
N PRO D 341 -9.80 -30.04 5.07
CA PRO D 341 -8.53 -30.54 5.61
C PRO D 341 -7.95 -29.60 6.66
N ALA D 342 -6.97 -30.14 7.40
CA ALA D 342 -6.27 -29.35 8.40
C ALA D 342 -5.68 -28.08 7.80
N SER D 343 -5.27 -28.14 6.52
CA SER D 343 -4.66 -26.97 5.90
C SER D 343 -5.63 -25.81 5.80
N LEU D 344 -6.88 -26.06 5.42
CA LEU D 344 -7.84 -24.97 5.32
C LEU D 344 -8.37 -24.53 6.68
N THR D 345 -8.47 -25.44 7.64
CA THR D 345 -8.89 -25.03 8.98
C THR D 345 -7.85 -24.13 9.63
N LYS D 346 -6.57 -24.39 9.37
CA LYS D 346 -5.52 -23.53 9.92
C LYS D 346 -5.53 -22.17 9.25
N GLU D 347 -5.64 -22.13 7.92
CA GLU D 347 -5.70 -20.85 7.22
C GLU D 347 -6.84 -20.00 7.77
N ARG D 348 -7.95 -20.62 8.15
CA ARG D 348 -9.10 -19.89 8.73
C ARG D 348 -8.67 -19.28 10.06
N GLY D 349 -8.05 -20.07 10.91
CA GLY D 349 -7.63 -19.56 12.21
C GLY D 349 -6.62 -18.44 12.09
N ARG D 350 -5.80 -18.45 11.04
CA ARG D 350 -4.84 -17.36 10.85
C ARG D 350 -5.56 -16.09 10.44
N LEU D 351 -6.63 -16.20 9.65
CA LEU D 351 -7.44 -15.03 9.32
C LEU D 351 -8.10 -14.46 10.57
N VAL D 352 -8.66 -15.34 11.42
CA VAL D 352 -9.26 -14.88 12.68
C VAL D 352 -8.19 -14.24 13.56
N ASP D 353 -6.98 -14.79 13.54
CA ASP D 353 -5.89 -14.19 14.32
C ASP D 353 -5.62 -12.77 13.86
N MET D 354 -5.58 -12.54 12.56
CA MET D 354 -5.37 -11.19 12.04
C MET D 354 -6.50 -10.27 12.43
N MET D 355 -7.73 -10.78 12.53
CA MET D 355 -8.85 -9.97 12.98
C MET D 355 -8.68 -9.55 14.43
N THR D 356 -8.17 -10.46 15.28
CA THR D 356 -7.99 -10.13 16.69
C THR D 356 -6.89 -9.10 16.89
N ASP D 357 -5.83 -9.17 16.11
CA ASP D 357 -4.67 -8.24 16.22
C ASP D 357 -4.96 -6.87 15.63
N SER D 358 -5.93 -6.77 14.74
CA SER D 358 -6.18 -5.53 14.01
C SER D 358 -7.53 -4.90 14.33
N HIS D 359 -8.28 -5.46 15.28
CA HIS D 359 -9.64 -4.99 15.50
C HIS D 359 -9.70 -3.63 16.18
N THR D 360 -8.65 -3.24 16.92
CA THR D 360 -8.71 -1.97 17.64
C THR D 360 -8.61 -0.78 16.69
N TRP D 361 -7.97 -0.95 15.53
CA TRP D 361 -7.91 0.11 14.54
C TRP D 361 -9.03 0.04 13.52
N LEU D 362 -9.64 -1.12 13.34
CA LEU D 362 -10.73 -1.25 12.38
C LEU D 362 -12.09 -0.91 12.99
N HIS D 363 -12.25 -1.07 14.31
CA HIS D 363 -13.57 -0.96 14.91
C HIS D 363 -14.17 0.43 14.69
N GLY D 364 -15.42 0.43 14.23
CA GLY D 364 -16.16 1.66 14.05
C GLY D 364 -15.82 2.46 12.81
N LYS D 365 -14.81 2.05 12.05
CA LYS D 365 -14.43 2.81 10.86
C LYS D 365 -15.53 2.76 9.82
N ARG D 366 -15.81 3.92 9.23
CA ARG D 366 -16.92 4.11 8.32
C ARG D 366 -16.43 4.11 6.88
N PHE D 367 -17.17 3.43 6.00
CA PHE D 367 -16.75 3.24 4.63
C PHE D 367 -17.88 3.53 3.65
N ALA D 368 -17.52 4.14 2.53
CA ALA D 368 -18.35 4.20 1.34
C ALA D 368 -17.76 3.26 0.31
N LEU D 369 -18.60 2.48 -0.35
CA LEU D 369 -18.11 1.46 -1.27
C LEU D 369 -19.05 1.31 -2.45
N TRP D 370 -18.52 0.77 -3.54
CA TRP D 370 -19.33 0.50 -4.72
C TRP D 370 -18.67 -0.61 -5.53
N GLY D 371 -19.43 -1.15 -6.47
CA GLY D 371 -18.96 -2.24 -7.32
C GLY D 371 -20.15 -3.05 -7.82
N ASP D 372 -19.84 -4.23 -8.33
CA ASP D 372 -20.87 -5.14 -8.82
C ASP D 372 -21.63 -5.76 -7.64
N PRO D 373 -22.83 -6.29 -7.89
CA PRO D 373 -23.68 -6.72 -6.76
C PRO D 373 -23.03 -7.74 -5.85
N ASP D 374 -22.44 -8.80 -6.40
CA ASP D 374 -21.88 -9.85 -5.55
C ASP D 374 -20.64 -9.37 -4.82
N PHE D 375 -19.74 -8.68 -5.52
CA PHE D 375 -18.56 -8.10 -4.88
C PHE D 375 -18.94 -7.18 -3.74
N VAL D 376 -20.01 -6.39 -3.92
CA VAL D 376 -20.38 -5.40 -2.92
C VAL D 376 -20.88 -6.06 -1.65
N MET D 377 -21.83 -6.99 -1.77
CA MET D 377 -22.42 -7.61 -0.59
C MET D 377 -21.40 -8.45 0.16
N GLY D 378 -20.43 -9.04 -0.54
CA GLY D 378 -19.36 -9.74 0.16
C GLY D 378 -18.46 -8.78 0.91
N LEU D 379 -18.21 -7.60 0.34
CA LEU D 379 -17.47 -6.58 1.05
C LEU D 379 -18.28 -6.05 2.23
N VAL D 380 -19.59 -5.90 2.05
CA VAL D 380 -20.45 -5.49 3.16
C VAL D 380 -20.33 -6.49 4.30
N LYS D 381 -20.49 -7.78 4.01
CA LYS D 381 -20.46 -8.78 5.06
C LYS D 381 -19.12 -8.80 5.79
N PHE D 382 -18.01 -8.73 5.03
CA PHE D 382 -16.70 -8.79 5.68
C PHE D 382 -16.46 -7.56 6.57
N LEU D 383 -16.88 -6.38 6.10
CA LEU D 383 -16.71 -5.18 6.92
C LEU D 383 -17.47 -5.31 8.23
N LEU D 384 -18.66 -5.92 8.20
CA LEU D 384 -19.40 -6.16 9.44
C LEU D 384 -18.64 -7.14 10.33
N GLU D 385 -18.12 -8.23 9.76
CA GLU D 385 -17.33 -9.17 10.54
C GLU D 385 -16.11 -8.51 11.17
N LEU D 386 -15.61 -7.43 10.57
CA LEU D 386 -14.45 -6.72 11.06
C LEU D 386 -14.80 -5.63 12.06
N GLY D 387 -16.09 -5.40 12.32
CA GLY D 387 -16.49 -4.32 13.19
C GLY D 387 -16.54 -2.96 12.54
N CYS D 388 -16.55 -2.90 11.22
CA CYS D 388 -16.62 -1.64 10.48
C CYS D 388 -18.07 -1.35 10.09
N GLU D 389 -18.31 -0.10 9.70
CA GLU D 389 -19.65 0.34 9.32
C GLU D 389 -19.70 0.66 7.84
N PRO D 390 -20.37 -0.15 7.02
CA PRO D 390 -20.53 0.19 5.58
C PRO D 390 -21.63 1.24 5.40
N VAL D 391 -21.26 2.50 5.64
CA VAL D 391 -22.26 3.56 5.71
C VAL D 391 -22.92 3.78 4.36
N HIS D 392 -22.14 4.01 3.31
CA HIS D 392 -22.64 4.21 1.93
C HIS D 392 -22.34 2.95 1.12
N ILE D 393 -23.35 2.20 0.74
CA ILE D 393 -23.21 1.02 -0.11
C ILE D 393 -23.96 1.31 -1.42
N LEU D 394 -23.21 1.52 -2.49
CA LEU D 394 -23.77 1.91 -3.78
C LEU D 394 -23.52 0.82 -4.79
N CYS D 395 -24.58 0.41 -5.50
CA CYS D 395 -24.46 -0.59 -6.56
C CYS D 395 -25.29 -0.11 -7.74
N HIS D 396 -24.63 0.46 -8.75
CA HIS D 396 -25.34 1.10 -9.86
C HIS D 396 -26.16 0.09 -10.66
N ASN D 397 -25.67 -1.15 -10.78
CA ASN D 397 -26.34 -2.17 -11.58
C ASN D 397 -27.07 -3.19 -10.70
N GLY D 398 -27.38 -2.85 -9.47
CA GLY D 398 -28.15 -3.73 -8.62
C GLY D 398 -29.64 -3.57 -8.83
N ASN D 399 -30.39 -4.49 -8.25
CA ASN D 399 -31.84 -4.49 -8.33
C ASN D 399 -32.42 -4.51 -6.92
N LYS D 400 -33.75 -4.62 -6.85
CA LYS D 400 -34.45 -4.51 -5.57
C LYS D 400 -34.26 -5.76 -4.74
N ARG D 401 -34.42 -6.93 -5.35
CA ARG D 401 -34.24 -8.18 -4.62
C ARG D 401 -32.87 -8.21 -3.97
N TRP D 402 -31.83 -7.83 -4.73
CA TRP D 402 -30.49 -7.77 -4.17
C TRP D 402 -30.42 -6.80 -3.00
N LYS D 403 -30.94 -5.58 -3.19
CA LYS D 403 -30.90 -4.59 -2.13
C LYS D 403 -31.57 -5.11 -0.86
N LYS D 404 -32.63 -5.90 -1.00
CA LYS D 404 -33.30 -6.45 0.18
C LYS D 404 -32.43 -7.47 0.89
N ALA D 405 -31.75 -8.33 0.12
CA ALA D 405 -30.84 -9.29 0.74
C ALA D 405 -29.72 -8.58 1.49
N VAL D 406 -29.20 -7.48 0.92
CA VAL D 406 -28.15 -6.73 1.59
C VAL D 406 -28.70 -6.00 2.81
N ASP D 407 -29.91 -5.45 2.70
CA ASP D 407 -30.53 -4.81 3.85
C ASP D 407 -30.74 -5.80 4.99
N ALA D 408 -31.14 -7.03 4.67
CA ALA D 408 -31.29 -8.05 5.70
C ALA D 408 -29.96 -8.33 6.40
N ILE D 409 -28.86 -8.32 5.64
CA ILE D 409 -27.54 -8.54 6.23
C ILE D 409 -27.20 -7.41 7.21
N LEU D 410 -27.43 -6.16 6.79
CA LEU D 410 -27.15 -5.03 7.66
C LEU D 410 -27.98 -5.10 8.93
N ALA D 411 -29.18 -5.66 8.86
CA ALA D 411 -30.07 -5.71 10.01
C ALA D 411 -29.60 -6.71 11.06
N ALA D 412 -28.82 -7.72 10.66
CA ALA D 412 -28.38 -8.76 11.57
C ALA D 412 -27.09 -8.41 12.30
N SER D 413 -26.63 -7.17 12.22
CA SER D 413 -25.39 -6.74 12.86
C SER D 413 -25.52 -5.31 13.35
N PRO D 414 -25.02 -5.00 14.55
CA PRO D 414 -25.11 -3.62 15.04
C PRO D 414 -24.29 -2.64 14.21
N TYR D 415 -23.40 -3.12 13.35
CA TYR D 415 -22.57 -2.26 12.52
C TYR D 415 -23.24 -1.88 11.22
N GLY D 416 -24.43 -2.42 10.95
CA GLY D 416 -25.27 -1.97 9.87
C GLY D 416 -26.28 -0.92 10.28
N LYS D 417 -26.13 -0.33 11.47
CA LYS D 417 -27.15 0.58 11.97
C LYS D 417 -27.21 1.86 11.16
N ASN D 418 -26.06 2.40 10.75
CA ASN D 418 -26.00 3.66 10.03
C ASN D 418 -25.76 3.48 8.53
N ALA D 419 -26.15 2.33 7.99
CA ALA D 419 -25.87 1.97 6.60
C ALA D 419 -27.11 2.11 5.73
N THR D 420 -26.88 2.52 4.48
CA THR D 420 -27.95 2.62 3.48
C THR D 420 -27.50 2.01 2.17
N VAL D 421 -28.37 1.23 1.54
CA VAL D 421 -28.06 0.59 0.26
C VAL D 421 -28.74 1.33 -0.88
N TYR D 422 -27.95 1.70 -1.88
CA TYR D 422 -28.41 2.46 -3.02
C TYR D 422 -28.21 1.65 -4.29
N ILE D 423 -29.26 1.53 -5.10
CA ILE D 423 -29.18 0.89 -6.41
C ILE D 423 -29.53 1.94 -7.45
N GLY D 424 -29.03 1.73 -8.66
CA GLY D 424 -29.28 2.65 -9.75
C GLY D 424 -28.65 4.02 -9.62
N LYS D 425 -27.91 4.27 -8.55
CA LYS D 425 -27.23 5.54 -8.35
C LYS D 425 -25.78 5.43 -8.82
N ASP D 426 -25.20 6.58 -9.15
CA ASP D 426 -23.87 6.64 -9.74
C ASP D 426 -22.91 7.35 -8.80
N LEU D 427 -21.71 7.61 -9.29
CA LEU D 427 -20.61 8.16 -8.46
C LEU D 427 -20.81 9.65 -8.20
N TRP D 428 -21.66 10.33 -8.98
CA TRP D 428 -21.99 11.70 -8.64
C TRP D 428 -22.94 11.73 -7.44
N HIS D 429 -23.88 10.78 -7.39
CA HIS D 429 -24.67 10.59 -6.17
C HIS D 429 -23.75 10.33 -4.97
N LEU D 430 -22.78 9.44 -5.15
CA LEU D 430 -21.88 9.08 -4.05
C LEU D 430 -21.04 10.26 -3.60
N ARG D 431 -20.61 11.09 -4.54
CA ARG D 431 -19.88 12.31 -4.18
C ARG D 431 -20.65 13.10 -3.13
N SER D 432 -21.95 13.29 -3.33
CA SER D 432 -22.75 14.02 -2.35
C SER D 432 -22.72 13.33 -0.99
N LEU D 433 -22.80 12.00 -0.97
CA LEU D 433 -22.90 11.29 0.30
C LEU D 433 -21.64 11.45 1.13
N VAL D 434 -20.46 11.34 0.52
CA VAL D 434 -19.22 11.47 1.27
C VAL D 434 -18.96 12.90 1.73
N PHE D 435 -19.72 13.88 1.25
CA PHE D 435 -19.62 15.28 1.75
C PHE D 435 -20.62 15.46 2.90
N THR D 436 -21.87 15.09 2.71
CA THR D 436 -22.99 15.24 3.68
C THR D 436 -22.86 14.33 4.90
N ASP D 437 -22.54 13.06 4.72
CA ASP D 437 -22.39 12.04 5.79
C ASP D 437 -21.00 11.46 5.60
N LYS D 438 -19.95 12.22 5.86
CA LYS D 438 -18.58 11.88 5.52
C LYS D 438 -18.15 10.56 6.16
N PRO D 439 -17.64 9.60 5.38
CA PRO D 439 -17.04 8.41 5.99
C PRO D 439 -15.54 8.61 6.20
N ASP D 440 -14.83 7.56 6.60
CA ASP D 440 -13.39 7.65 6.76
C ASP D 440 -12.62 7.26 5.51
N PHE D 441 -13.16 6.34 4.72
CA PHE D 441 -12.49 5.88 3.51
C PHE D 441 -13.53 5.47 2.47
N MET D 442 -13.08 5.42 1.23
CA MET D 442 -13.83 4.81 0.14
C MET D 442 -13.15 3.52 -0.29
N ILE D 443 -13.95 2.49 -0.57
CA ILE D 443 -13.46 1.27 -1.21
C ILE D 443 -14.11 1.21 -2.57
N GLY D 444 -13.32 1.41 -3.62
CA GLY D 444 -13.88 1.45 -4.96
C GLY D 444 -12.79 1.40 -6.01
N ASN D 445 -13.21 1.57 -7.26
CA ASN D 445 -12.31 1.48 -8.40
C ASN D 445 -11.63 2.83 -8.65
N SER D 446 -10.92 2.93 -9.77
CA SER D 446 -10.08 4.11 -10.03
C SER D 446 -10.90 5.37 -10.26
N TYR D 447 -12.17 5.25 -10.64
CA TYR D 447 -13.01 6.44 -10.80
C TYR D 447 -13.16 7.19 -9.49
N GLY D 448 -13.08 6.48 -8.36
CA GLY D 448 -13.19 7.11 -7.06
C GLY D 448 -12.10 8.10 -6.75
N LYS D 449 -11.01 8.12 -7.53
CA LYS D 449 -9.93 9.06 -7.24
C LYS D 449 -10.38 10.51 -7.43
N PHE D 450 -11.34 10.74 -8.32
CA PHE D 450 -11.84 12.09 -8.53
C PHE D 450 -12.78 12.54 -7.42
N ILE D 451 -13.33 11.60 -6.65
CA ILE D 451 -14.12 11.97 -5.48
C ILE D 451 -13.21 12.40 -4.33
N GLN D 452 -12.14 11.65 -4.07
CA GLN D 452 -11.16 12.11 -3.09
C GLN D 452 -10.60 13.46 -3.52
N ARG D 453 -10.34 13.62 -4.82
CA ARG D 453 -9.93 14.91 -5.38
C ARG D 453 -10.85 16.01 -4.87
N ASP D 454 -12.16 15.83 -5.06
CA ASP D 454 -13.13 16.86 -4.67
C ASP D 454 -13.12 17.10 -3.17
N THR D 455 -13.06 16.03 -2.37
CA THR D 455 -13.12 16.19 -0.92
C THR D 455 -11.93 16.98 -0.40
N LEU D 456 -10.74 16.72 -0.94
CA LEU D 456 -9.56 17.47 -0.50
C LEU D 456 -9.71 18.96 -0.80
N HIS D 457 -10.39 19.30 -1.89
CA HIS D 457 -10.52 20.71 -2.26
C HIS D 457 -11.32 21.49 -1.22
N LYS D 458 -12.32 20.85 -0.61
CA LYS D 458 -13.05 21.50 0.48
C LYS D 458 -12.16 21.67 1.71
N GLY D 459 -11.29 20.70 1.97
CA GLY D 459 -10.35 20.79 3.07
C GLY D 459 -9.68 19.48 3.38
N LYS D 460 -8.44 19.52 3.87
CA LYS D 460 -7.76 18.30 4.28
C LYS D 460 -8.57 17.57 5.34
N GLU D 461 -9.18 18.31 6.26
CA GLU D 461 -10.07 17.72 7.27
C GLU D 461 -11.17 16.89 6.63
N PHE D 462 -11.60 17.25 5.43
CA PHE D 462 -12.76 16.62 4.79
C PHE D 462 -12.36 15.56 3.76
N GLU D 463 -11.06 15.36 3.53
CA GLU D 463 -10.63 14.43 2.50
C GLU D 463 -10.99 12.99 2.86
N VAL D 464 -11.51 12.26 1.87
CA VAL D 464 -11.86 10.86 2.04
C VAL D 464 -10.95 10.02 1.14
N PRO D 465 -9.92 9.36 1.69
CA PRO D 465 -8.98 8.64 0.84
C PRO D 465 -9.61 7.41 0.19
N LEU D 466 -9.18 7.13 -1.03
CA LEU D 466 -9.71 5.99 -1.78
C LEU D 466 -8.86 4.75 -1.50
N ILE D 467 -9.52 3.63 -1.23
CA ILE D 467 -8.90 2.33 -1.14
C ILE D 467 -9.32 1.55 -2.37
N ARG D 468 -8.36 1.21 -3.22
CA ARG D 468 -8.65 0.67 -4.55
C ARG D 468 -8.89 -0.83 -4.45
N ILE D 469 -10.17 -1.21 -4.45
CA ILE D 469 -10.59 -2.60 -4.62
C ILE D 469 -11.79 -2.60 -5.55
N GLY D 470 -11.72 -3.40 -6.61
CA GLY D 470 -12.79 -3.46 -7.58
C GLY D 470 -12.32 -3.44 -9.03
N PHE D 471 -13.17 -2.93 -9.93
CA PHE D 471 -12.84 -2.89 -11.34
C PHE D 471 -13.50 -1.65 -11.95
N PRO D 472 -12.78 -0.86 -12.76
CA PRO D 472 -11.37 -1.06 -13.13
C PRO D 472 -10.40 -0.26 -12.28
N ILE D 473 -9.19 -0.79 -12.11
CA ILE D 473 -8.10 -0.09 -11.41
C ILE D 473 -7.04 0.23 -12.45
N PHE D 474 -7.00 1.50 -12.88
CA PHE D 474 -6.13 1.91 -13.97
C PHE D 474 -4.88 2.67 -13.50
N ASP D 475 -4.91 3.27 -12.31
CA ASP D 475 -3.84 4.16 -11.88
C ASP D 475 -2.87 3.50 -10.90
N ARG D 476 -2.94 2.20 -10.73
CA ARG D 476 -1.94 1.44 -10.00
C ARG D 476 -1.58 0.20 -10.83
N HIS D 477 -0.38 -0.33 -10.58
CA HIS D 477 0.14 -1.44 -11.36
C HIS D 477 -0.03 -2.75 -10.60
N HIS D 478 -0.59 -3.75 -11.29
CA HIS D 478 -0.56 -5.14 -10.88
C HIS D 478 -1.44 -5.46 -9.68
N LEU D 479 -2.37 -4.57 -9.34
CA LEU D 479 -3.36 -4.92 -8.32
C LEU D 479 -4.34 -5.97 -8.84
N HIS D 480 -4.45 -6.14 -10.16
CA HIS D 480 -5.27 -7.20 -10.72
C HIS D 480 -4.79 -8.60 -10.32
N ARG D 481 -3.57 -8.71 -9.80
CA ARG D 481 -3.05 -9.98 -9.31
C ARG D 481 -3.58 -10.34 -7.93
N SER D 482 -4.32 -9.44 -7.28
CA SER D 482 -4.70 -9.64 -5.88
C SER D 482 -5.81 -10.67 -5.78
N THR D 483 -6.20 -10.97 -4.53
CA THR D 483 -7.26 -11.92 -4.22
C THR D 483 -8.25 -11.25 -3.27
N THR D 484 -9.54 -11.44 -3.51
CA THR D 484 -10.60 -10.93 -2.61
C THR D 484 -11.50 -12.06 -2.09
N LEU D 485 -11.42 -13.28 -2.64
CA LEU D 485 -12.27 -14.37 -2.18
C LEU D 485 -11.54 -15.24 -1.16
N GLY D 486 -12.33 -16.05 -0.44
CA GLY D 486 -11.78 -16.98 0.50
C GLY D 486 -11.10 -16.30 1.68
N TYR D 487 -10.43 -17.13 2.49
CA TYR D 487 -9.65 -16.60 3.60
C TYR D 487 -8.48 -15.78 3.10
N GLU D 488 -7.82 -16.25 2.05
CA GLU D 488 -6.67 -15.52 1.52
C GLU D 488 -7.08 -14.12 1.09
N GLY D 489 -8.20 -13.99 0.38
CA GLY D 489 -8.67 -12.68 -0.03
C GLY D 489 -9.13 -11.83 1.14
N ALA D 490 -9.73 -12.47 2.16
CA ALA D 490 -10.10 -11.73 3.36
C ALA D 490 -8.85 -11.23 4.09
N MET D 491 -7.77 -11.97 4.04
CA MET D 491 -6.49 -11.58 4.67
C MET D 491 -5.92 -10.38 3.91
N GLN D 492 -5.97 -10.35 2.59
CA GLN D 492 -5.46 -9.22 1.82
C GLN D 492 -6.29 -7.97 2.06
N ILE D 493 -7.63 -8.13 2.08
CA ILE D 493 -8.51 -6.99 2.31
C ILE D 493 -8.28 -6.43 3.70
N LEU D 494 -8.21 -7.30 4.71
CA LEU D 494 -7.95 -6.85 6.07
C LEU D 494 -6.68 -6.01 6.15
N THR D 495 -5.57 -6.54 5.62
CA THR D 495 -4.30 -5.83 5.69
C THR D 495 -4.36 -4.49 4.98
N THR D 496 -4.93 -4.47 3.77
CA THR D 496 -5.06 -3.20 3.04
C THR D 496 -5.85 -2.19 3.87
N LEU D 497 -6.97 -2.62 4.45
CA LEU D 497 -7.81 -1.69 5.20
C LEU D 497 -7.08 -1.13 6.42
N VAL D 498 -6.54 -2.02 7.26
CA VAL D 498 -5.92 -1.56 8.50
C VAL D 498 -4.71 -0.68 8.21
N ASN D 499 -3.98 -0.97 7.13
CA ASN D 499 -2.79 -0.19 6.81
C ASN D 499 -3.14 1.13 6.12
N SER D 500 -4.26 1.18 5.39
CA SER D 500 -4.73 2.48 4.90
C SER D 500 -5.08 3.38 6.07
N ILE D 501 -5.72 2.83 7.09
CA ILE D 501 -6.03 3.60 8.30
C ILE D 501 -4.76 4.11 8.95
N LEU D 502 -3.74 3.25 9.04
CA LEU D 502 -2.53 3.64 9.74
C LEU D 502 -1.68 4.60 8.92
N GLU D 503 -1.69 4.47 7.59
CA GLU D 503 -0.99 5.44 6.76
C GLU D 503 -1.64 6.81 6.87
N ARG D 504 -2.97 6.85 6.95
CA ARG D 504 -3.65 8.12 7.10
C ARG D 504 -3.40 8.73 8.47
N LEU D 505 -3.37 7.90 9.52
CA LEU D 505 -3.03 8.39 10.84
C LEU D 505 -1.61 8.94 10.85
N ASP D 506 -0.68 8.23 10.23
CA ASP D 506 0.70 8.72 10.16
C ASP D 506 0.77 10.06 9.46
N GLU D 507 0.01 10.23 8.37
CA GLU D 507 -0.03 11.51 7.68
C GLU D 507 -0.52 12.63 8.58
N GLU D 508 -1.60 12.37 9.33
CA GLU D 508 -2.18 13.42 10.16
C GLU D 508 -1.36 13.71 11.41
N THR D 509 -0.39 12.87 11.76
CA THR D 509 0.45 13.07 12.92
C THR D 509 1.92 13.25 12.53
N ARG D 510 2.16 13.71 11.30
CA ARG D 510 3.51 13.93 10.83
C ARG D 510 4.04 15.32 11.14
N GLY D 511 3.16 16.26 11.48
CA GLY D 511 3.56 17.64 11.69
C GLY D 511 4.39 17.79 12.95
N MET D 512 5.65 18.21 12.79
CA MET D 512 6.57 18.27 13.91
C MET D 512 6.14 19.31 14.93
N GLN D 513 6.15 18.90 16.20
CA GLN D 513 5.78 19.73 17.34
C GLN D 513 4.31 20.12 17.35
N ALA D 514 3.60 19.87 16.25
CA ALA D 514 2.18 20.17 16.16
C ALA D 514 1.31 18.96 16.50
N THR D 515 1.54 17.83 15.82
CA THR D 515 0.75 16.63 16.02
C THR D 515 1.57 15.37 16.19
N ASP D 516 2.90 15.45 16.11
CA ASP D 516 3.72 14.24 16.12
C ASP D 516 3.90 13.65 17.52
N TYR D 517 3.20 14.17 18.53
CA TYR D 517 3.14 13.48 19.81
C TYR D 517 2.47 12.12 19.65
N ASN D 518 1.61 11.97 18.65
CA ASN D 518 0.93 10.72 18.36
C ASN D 518 1.56 9.98 17.18
N HIS D 519 2.80 10.32 16.82
CA HIS D 519 3.49 9.68 15.70
C HIS D 519 4.27 8.46 16.20
N ASP D 520 3.51 7.48 16.68
CA ASP D 520 4.10 6.36 17.41
C ASP D 520 4.87 5.44 16.48
N LEU D 521 6.02 4.96 16.97
CA LEU D 521 6.74 3.92 16.24
C LEU D 521 5.93 2.63 16.19
N VAL D 522 5.19 2.34 17.26
CA VAL D 522 4.48 1.07 17.41
C VAL D 522 2.99 1.33 17.37
N ARG D 523 2.29 0.67 16.45
CA ARG D 523 0.84 0.77 16.36
C ARG D 523 0.22 -0.61 16.16
C1 HCA E . 9.27 -1.84 30.32
C2 HCA E . 8.35 -0.80 29.71
C3 HCA E . 6.91 -1.28 29.63
C4 HCA E . 6.75 -2.53 28.77
C5 HCA E . 5.32 -2.61 28.24
C6 HCA E . 4.79 -4.00 28.04
C7 HCA E . 6.08 -0.13 29.08
O1 HCA E . 10.46 -1.74 30.06
O2 HCA E . 8.85 -2.74 31.07
O3 HCA E . 3.74 -4.05 27.41
O4 HCA E . 5.34 -5.00 28.51
O5 HCA E . 6.54 0.58 28.18
O6 HCA E . 4.94 0.09 29.49
O7 HCA E . 6.55 -1.67 30.93
H21 HCA E . 8.72 -0.56 28.72
H22 HCA E . 8.39 0.11 30.32
H41 HCA E . 6.97 -3.40 29.38
H42 HCA E . 7.45 -2.50 27.94
H51 HCA E . 5.25 -2.06 27.30
H52 HCA E . 4.64 -2.16 28.94
FE1 ICS F . 4.31 3.60 37.74
MO1 ICS F . 4.79 -0.41 32.03
FE2 ICS F . 5.87 1.94 36.35
FE3 ICS F . 4.15 3.55 35.08
FE4 ICS F . 3.26 1.50 36.49
FE5 ICS F . 3.46 -0.02 34.38
FE6 ICS F . 6.03 0.50 34.21
FE7 ICS F . 4.33 2.04 33.00
CX ICS F . 4.47 1.61 34.93
S1A ICS F . 4.75 1.40 38.22
S1B ICS F . 5.12 -1.52 34.06
S2A ICS F . 5.96 4.19 36.31
S2B ICS F . 7.63 0.82 35.65
S3A ICS F . 1.99 -0.30 36.08
S3B ICS F . 6.31 1.38 32.20
S4A ICS F . 2.39 3.61 36.50
S4B ICS F . 2.71 0.65 32.37
S5A ICS F . 3.88 4.21 32.98
FE2 UFF G . 21.43 -5.63 31.03
FE3 UFF G . 18.85 -4.62 31.17
FE4 UFF G . 20.49 -4.29 29.01
S1 UFF G . 21.93 -6.06 28.73
S2A UFF G . 19.56 -6.63 31.77
S4A UFF G . 20.84 -3.49 31.08
S3A UFF G . 18.36 -4.96 29.03
FE5 UFF G . 21.33 -5.09 26.53
FE6 UFF G . 23.81 -6.79 26.71
FE7 UFF G . 21.77 -7.09 24.22
FE8 UFF G . 21.22 -7.60 27.24
S2B UFF G . 22.99 -5.17 25.40
S3B UFF G . 22.63 -8.64 26.02
S4B UFF G . 19.84 -6.54 25.70
FE FE H . 1.68 -7.43 -18.48
NA NA I . 19.54 -6.73 29.39
C1 HCA J . -9.32 6.68 -29.64
C2 HCA J . -8.53 7.21 -28.46
C3 HCA J . -7.05 6.82 -28.60
C4 HCA J . -6.79 5.36 -28.20
C5 HCA J . -5.34 5.18 -27.74
C6 HCA J . -4.82 3.79 -28.04
C7 HCA J . -6.25 7.78 -27.73
O1 HCA J . -8.72 6.47 -30.73
O2 HCA J . -10.54 6.46 -29.46
O3 HCA J . -5.43 3.05 -28.85
O4 HCA J . -3.79 3.42 -27.43
O5 HCA J . -5.22 8.30 -28.21
O6 HCA J . -6.67 7.99 -26.57
O7 HCA J . -6.68 6.99 -29.98
H21 HCA J . -8.92 6.79 -27.53
H22 HCA J . -8.62 8.29 -28.41
H41 HCA J . -6.99 4.71 -29.05
H42 HCA J . -7.46 5.08 -27.39
H51 HCA J . -5.28 5.38 -26.67
H52 HCA J . -4.71 5.92 -28.26
FE1 ICS K . -4.84 14.07 -34.99
MO1 ICS K . -4.97 8.59 -30.64
FE2 ICS K . -6.27 11.98 -34.14
FE3 ICS K . -4.65 13.28 -32.45
FE4 ICS K . -3.63 11.78 -34.38
FE5 ICS K . -3.71 9.71 -32.77
FE6 ICS K . -6.31 9.99 -32.50
FE7 ICS K . -4.70 11.24 -30.89
CX ICS K . -4.84 11.36 -32.85
S1A ICS K . -5.12 12.08 -36.08
S1B ICS K . -5.26 8.07 -32.91
S2A ICS K . -6.50 14.12 -33.48
S2B ICS K . -7.94 10.58 -33.80
S3A ICS K . -2.24 10.03 -34.49
S3B ICS K . -6.62 10.24 -30.32
S4A ICS K . -2.92 13.86 -33.77
S4B ICS K . -2.99 9.84 -30.66
S5A ICS K . -4.42 13.32 -30.24
FE2 UFF L . -21.34 2.53 -31.42
FE3 UFF L . -18.84 3.73 -31.22
FE4 UFF L . -20.46 3.33 -29.09
S1 UFF L . -21.83 1.44 -29.34
S2A UFF L . -19.40 1.89 -32.43
S4A UFF L . -20.88 4.71 -30.86
S3A UFF L . -18.25 2.84 -29.24
FE5 UFF L . -21.22 1.70 -26.80
FE6 UFF L . -23.11 0.08 -27.65
FE7 UFF L . -21.55 -0.83 -25.42
FE8 UFF L . -20.90 -0.55 -28.25
S2B UFF L . -22.92 1.21 -25.62
S3B UFF L . -22.43 -1.96 -27.43
S4B UFF L . -19.65 0.01 -26.40
FE FE M . -1.21 -12.54 15.62
NA NA N . -19.45 0.99 -30.11
#